data_1UKY
# 
_entry.id   1UKY 
# 
_audit_conform.dict_name       mmcif_pdbx.dic 
_audit_conform.dict_version    5.397 
_audit_conform.dict_location   http://mmcif.pdb.org/dictionaries/ascii/mmcif_pdbx.dic 
# 
loop_
_database_2.database_id 
_database_2.database_code 
_database_2.pdbx_database_accession 
_database_2.pdbx_DOI 
PDB   1UKY         pdb_00001uky 10.2210/pdb1uky/pdb 
WWPDB D_1000176946 ?            ?                   
# 
loop_
_pdbx_audit_revision_history.ordinal 
_pdbx_audit_revision_history.data_content_type 
_pdbx_audit_revision_history.major_revision 
_pdbx_audit_revision_history.minor_revision 
_pdbx_audit_revision_history.revision_date 
1 'Structure model' 1 0 1995-01-26 
2 'Structure model' 1 1 2008-03-24 
3 'Structure model' 1 2 2011-07-13 
4 'Structure model' 1 3 2024-06-05 
5 'Structure model' 1 4 2024-10-30 
# 
_pdbx_audit_revision_details.ordinal             1 
_pdbx_audit_revision_details.revision_ordinal    1 
_pdbx_audit_revision_details.data_content_type   'Structure model' 
_pdbx_audit_revision_details.provider            repository 
_pdbx_audit_revision_details.type                'Initial release' 
_pdbx_audit_revision_details.description         ? 
_pdbx_audit_revision_details.details             ? 
# 
loop_
_pdbx_audit_revision_group.ordinal 
_pdbx_audit_revision_group.revision_ordinal 
_pdbx_audit_revision_group.data_content_type 
_pdbx_audit_revision_group.group 
1 2 'Structure model' 'Version format compliance' 
2 3 'Structure model' 'Version format compliance' 
3 4 'Structure model' 'Data collection'           
4 4 'Structure model' 'Database references'       
5 4 'Structure model' 'Derived calculations'      
6 4 'Structure model' Other                       
7 5 'Structure model' 'Structure summary'         
# 
loop_
_pdbx_audit_revision_category.ordinal 
_pdbx_audit_revision_category.revision_ordinal 
_pdbx_audit_revision_category.data_content_type 
_pdbx_audit_revision_category.category 
1 4 'Structure model' chem_comp_atom            
2 4 'Structure model' chem_comp_bond            
3 4 'Structure model' database_2                
4 4 'Structure model' pdbx_database_status      
5 4 'Structure model' struct_site               
6 5 'Structure model' pdbx_entry_details        
7 5 'Structure model' pdbx_modification_feature 
# 
loop_
_pdbx_audit_revision_item.ordinal 
_pdbx_audit_revision_item.revision_ordinal 
_pdbx_audit_revision_item.data_content_type 
_pdbx_audit_revision_item.item 
1 4 'Structure model' '_database_2.pdbx_DOI'                         
2 4 'Structure model' '_database_2.pdbx_database_accession'          
3 4 'Structure model' '_pdbx_database_status.process_site'           
4 4 'Structure model' '_struct_site.pdbx_auth_asym_id'               
5 4 'Structure model' '_struct_site.pdbx_auth_comp_id'               
6 4 'Structure model' '_struct_site.pdbx_auth_seq_id'                
7 5 'Structure model' '_pdbx_entry_details.has_protein_modification' 
# 
_pdbx_database_status.status_code                     REL 
_pdbx_database_status.entry_id                        1UKY 
_pdbx_database_status.recvd_initial_deposition_date   1994-07-13 
_pdbx_database_status.deposit_site                    ? 
_pdbx_database_status.process_site                    BNL 
_pdbx_database_status.status_code_sf                  REL 
_pdbx_database_status.status_code_mr                  ? 
_pdbx_database_status.SG_entry                        ? 
_pdbx_database_status.pdb_format_compatible           Y 
_pdbx_database_status.status_code_cs                  ? 
_pdbx_database_status.status_code_nmr_data            ? 
_pdbx_database_status.methods_development_category    ? 
# 
loop_
_audit_author.name 
_audit_author.pdbx_ordinal 
'Mueller-Dieckmann, H.-J.' 1 
'Schulz, G.E.'             2 
# 
loop_
_citation.id 
_citation.title 
_citation.journal_abbrev 
_citation.journal_volume 
_citation.page_first 
_citation.page_last 
_citation.year 
_citation.journal_id_ASTM 
_citation.country 
_citation.journal_id_ISSN 
_citation.journal_id_CSD 
_citation.book_publisher 
_citation.pdbx_database_id_PubMed 
_citation.pdbx_database_id_DOI 
primary 'Substrate specificity and assembly of the catalytic center derived from two structures of ligated uridylate kinase.' 
J.Mol.Biol. 246 522 530 1995 JMOBAK UK 0022-2836 0070 ? 7877173 10.1006/jmbi.1994.0104 
1       'The Structure of Uridylate Kinase with its Substrates, Showing the Transition State Geometry'                        
J.Mol.Biol. 236 361 ?   1994 JMOBAK UK 0022-2836 0070 ? ?       ?                      
# 
loop_
_citation_author.citation_id 
_citation_author.name 
_citation_author.ordinal 
_citation_author.identifier_ORCID 
primary 'Muller-Dieckmann, H.J.'   1 ? 
primary 'Schulz, G.E.'             2 ? 
1       'Mueller-Dieckmann, H.-J.' 3 ? 
1       'Schulz, G.E.'             4 ? 
# 
loop_
_entity.id 
_entity.type 
_entity.src_method 
_entity.pdbx_description 
_entity.formula_weight 
_entity.pdbx_number_of_molecules 
_entity.pdbx_ec 
_entity.pdbx_mutation 
_entity.pdbx_fragment 
_entity.details 
1 polymer     man 'URIDYLATE KINASE'         22834.020 1   2.7.4.- ? ? ? 
2 non-polymer syn "ADENOSINE-5'-DIPHOSPHATE" 427.201   2   ?       ? ? ? 
3 water       nat water                      18.015    101 ?       ? ? ? 
# 
_entity_poly.entity_id                      1 
_entity_poly.type                           'polypeptide(L)' 
_entity_poly.nstd_linkage                   no 
_entity_poly.nstd_monomer                   no 
_entity_poly.pdbx_seq_one_letter_code       
;TAATTSQPAFSPDQVSVIFVLGGPGAGKGTQCEKLVKDYSFVHLSAGDLLRAEQGRAGSQYGELIKNCIKEGQIVPQEIT
LALLRNAISDNVKANKHKFLIDGFPRKMDQAISFERDIVESKFILFFDCPEDIMLERLLERGKTSGRSDDNIESIKKRFN
TFKETSMPVIEYFETKSKVVRVRCDRSVEDVYKDVQDAIRDSL
;
_entity_poly.pdbx_seq_one_letter_code_can   
;TAATTSQPAFSPDQVSVIFVLGGPGAGKGTQCEKLVKDYSFVHLSAGDLLRAEQGRAGSQYGELIKNCIKEGQIVPQEIT
LALLRNAISDNVKANKHKFLIDGFPRKMDQAISFERDIVESKFILFFDCPEDIMLERLLERGKTSGRSDDNIESIKKRFN
TFKETSMPVIEYFETKSKVVRVRCDRSVEDVYKDVQDAIRDSL
;
_entity_poly.pdbx_strand_id                 A 
_entity_poly.pdbx_target_identifier         ? 
# 
loop_
_pdbx_entity_nonpoly.entity_id 
_pdbx_entity_nonpoly.name 
_pdbx_entity_nonpoly.comp_id 
2 "ADENOSINE-5'-DIPHOSPHATE" ADP 
3 water                      HOH 
# 
loop_
_entity_poly_seq.entity_id 
_entity_poly_seq.num 
_entity_poly_seq.mon_id 
_entity_poly_seq.hetero 
1 1   THR n 
1 2   ALA n 
1 3   ALA n 
1 4   THR n 
1 5   THR n 
1 6   SER n 
1 7   GLN n 
1 8   PRO n 
1 9   ALA n 
1 10  PHE n 
1 11  SER n 
1 12  PRO n 
1 13  ASP n 
1 14  GLN n 
1 15  VAL n 
1 16  SER n 
1 17  VAL n 
1 18  ILE n 
1 19  PHE n 
1 20  VAL n 
1 21  LEU n 
1 22  GLY n 
1 23  GLY n 
1 24  PRO n 
1 25  GLY n 
1 26  ALA n 
1 27  GLY n 
1 28  LYS n 
1 29  GLY n 
1 30  THR n 
1 31  GLN n 
1 32  CYS n 
1 33  GLU n 
1 34  LYS n 
1 35  LEU n 
1 36  VAL n 
1 37  LYS n 
1 38  ASP n 
1 39  TYR n 
1 40  SER n 
1 41  PHE n 
1 42  VAL n 
1 43  HIS n 
1 44  LEU n 
1 45  SER n 
1 46  ALA n 
1 47  GLY n 
1 48  ASP n 
1 49  LEU n 
1 50  LEU n 
1 51  ARG n 
1 52  ALA n 
1 53  GLU n 
1 54  GLN n 
1 55  GLY n 
1 56  ARG n 
1 57  ALA n 
1 58  GLY n 
1 59  SER n 
1 60  GLN n 
1 61  TYR n 
1 62  GLY n 
1 63  GLU n 
1 64  LEU n 
1 65  ILE n 
1 66  LYS n 
1 67  ASN n 
1 68  CYS n 
1 69  ILE n 
1 70  LYS n 
1 71  GLU n 
1 72  GLY n 
1 73  GLN n 
1 74  ILE n 
1 75  VAL n 
1 76  PRO n 
1 77  GLN n 
1 78  GLU n 
1 79  ILE n 
1 80  THR n 
1 81  LEU n 
1 82  ALA n 
1 83  LEU n 
1 84  LEU n 
1 85  ARG n 
1 86  ASN n 
1 87  ALA n 
1 88  ILE n 
1 89  SER n 
1 90  ASP n 
1 91  ASN n 
1 92  VAL n 
1 93  LYS n 
1 94  ALA n 
1 95  ASN n 
1 96  LYS n 
1 97  HIS n 
1 98  LYS n 
1 99  PHE n 
1 100 LEU n 
1 101 ILE n 
1 102 ASP n 
1 103 GLY n 
1 104 PHE n 
1 105 PRO n 
1 106 ARG n 
1 107 LYS n 
1 108 MET n 
1 109 ASP n 
1 110 GLN n 
1 111 ALA n 
1 112 ILE n 
1 113 SER n 
1 114 PHE n 
1 115 GLU n 
1 116 ARG n 
1 117 ASP n 
1 118 ILE n 
1 119 VAL n 
1 120 GLU n 
1 121 SER n 
1 122 LYS n 
1 123 PHE n 
1 124 ILE n 
1 125 LEU n 
1 126 PHE n 
1 127 PHE n 
1 128 ASP n 
1 129 CYS n 
1 130 PRO n 
1 131 GLU n 
1 132 ASP n 
1 133 ILE n 
1 134 MET n 
1 135 LEU n 
1 136 GLU n 
1 137 ARG n 
1 138 LEU n 
1 139 LEU n 
1 140 GLU n 
1 141 ARG n 
1 142 GLY n 
1 143 LYS n 
1 144 THR n 
1 145 SER n 
1 146 GLY n 
1 147 ARG n 
1 148 SER n 
1 149 ASP n 
1 150 ASP n 
1 151 ASN n 
1 152 ILE n 
1 153 GLU n 
1 154 SER n 
1 155 ILE n 
1 156 LYS n 
1 157 LYS n 
1 158 ARG n 
1 159 PHE n 
1 160 ASN n 
1 161 THR n 
1 162 PHE n 
1 163 LYS n 
1 164 GLU n 
1 165 THR n 
1 166 SER n 
1 167 MET n 
1 168 PRO n 
1 169 VAL n 
1 170 ILE n 
1 171 GLU n 
1 172 TYR n 
1 173 PHE n 
1 174 GLU n 
1 175 THR n 
1 176 LYS n 
1 177 SER n 
1 178 LYS n 
1 179 VAL n 
1 180 VAL n 
1 181 ARG n 
1 182 VAL n 
1 183 ARG n 
1 184 CYS n 
1 185 ASP n 
1 186 ARG n 
1 187 SER n 
1 188 VAL n 
1 189 GLU n 
1 190 ASP n 
1 191 VAL n 
1 192 TYR n 
1 193 LYS n 
1 194 ASP n 
1 195 VAL n 
1 196 GLN n 
1 197 ASP n 
1 198 ALA n 
1 199 ILE n 
1 200 ARG n 
1 201 ASP n 
1 202 SER n 
1 203 LEU n 
# 
_entity_src_gen.entity_id                          1 
_entity_src_gen.pdbx_src_id                        1 
_entity_src_gen.pdbx_alt_source_flag               sample 
_entity_src_gen.pdbx_seq_type                      ? 
_entity_src_gen.pdbx_beg_seq_num                   ? 
_entity_src_gen.pdbx_end_seq_num                   ? 
_entity_src_gen.gene_src_common_name               
;baker's yeast
;
_entity_src_gen.gene_src_genus                     Saccharomyces 
_entity_src_gen.pdbx_gene_src_gene                 ? 
_entity_src_gen.gene_src_species                   ? 
_entity_src_gen.gene_src_strain                    ? 
_entity_src_gen.gene_src_tissue                    ? 
_entity_src_gen.gene_src_tissue_fraction           ? 
_entity_src_gen.gene_src_details                   ? 
_entity_src_gen.pdbx_gene_src_fragment             ? 
_entity_src_gen.pdbx_gene_src_scientific_name      'Saccharomyces cerevisiae' 
_entity_src_gen.pdbx_gene_src_ncbi_taxonomy_id     4932 
_entity_src_gen.pdbx_gene_src_variant              ? 
_entity_src_gen.pdbx_gene_src_cell_line            ? 
_entity_src_gen.pdbx_gene_src_atcc                 ? 
_entity_src_gen.pdbx_gene_src_organ                ? 
_entity_src_gen.pdbx_gene_src_organelle            ? 
_entity_src_gen.pdbx_gene_src_cell                 ? 
_entity_src_gen.pdbx_gene_src_cellular_location    ? 
_entity_src_gen.host_org_common_name               ? 
_entity_src_gen.pdbx_host_org_scientific_name      ? 
_entity_src_gen.pdbx_host_org_ncbi_taxonomy_id     ? 
_entity_src_gen.host_org_genus                     ? 
_entity_src_gen.pdbx_host_org_gene                 ? 
_entity_src_gen.pdbx_host_org_organ                ? 
_entity_src_gen.host_org_species                   ? 
_entity_src_gen.pdbx_host_org_tissue               ? 
_entity_src_gen.pdbx_host_org_tissue_fraction      ? 
_entity_src_gen.pdbx_host_org_strain               ? 
_entity_src_gen.pdbx_host_org_variant              ? 
_entity_src_gen.pdbx_host_org_cell_line            ? 
_entity_src_gen.pdbx_host_org_atcc                 ? 
_entity_src_gen.pdbx_host_org_culture_collection   ? 
_entity_src_gen.pdbx_host_org_cell                 ? 
_entity_src_gen.pdbx_host_org_organelle            ? 
_entity_src_gen.pdbx_host_org_cellular_location    ? 
_entity_src_gen.pdbx_host_org_vector_type          ? 
_entity_src_gen.pdbx_host_org_vector               ? 
_entity_src_gen.host_org_details                   ? 
_entity_src_gen.expression_system_id               ? 
_entity_src_gen.plasmid_name                       ? 
_entity_src_gen.plasmid_details                    ? 
_entity_src_gen.pdbx_description                   ? 
# 
loop_
_chem_comp.id 
_chem_comp.type 
_chem_comp.mon_nstd_flag 
_chem_comp.name 
_chem_comp.pdbx_synonyms 
_chem_comp.formula 
_chem_comp.formula_weight 
ADP non-polymer         n "ADENOSINE-5'-DIPHOSPHATE" ? 'C10 H15 N5 O10 P2' 427.201 
ALA 'L-peptide linking' y ALANINE                    ? 'C3 H7 N O2'        89.093  
ARG 'L-peptide linking' y ARGININE                   ? 'C6 H15 N4 O2 1'    175.209 
ASN 'L-peptide linking' y ASPARAGINE                 ? 'C4 H8 N2 O3'       132.118 
ASP 'L-peptide linking' y 'ASPARTIC ACID'            ? 'C4 H7 N O4'        133.103 
CYS 'L-peptide linking' y CYSTEINE                   ? 'C3 H7 N O2 S'      121.158 
GLN 'L-peptide linking' y GLUTAMINE                  ? 'C5 H10 N2 O3'      146.144 
GLU 'L-peptide linking' y 'GLUTAMIC ACID'            ? 'C5 H9 N O4'        147.129 
GLY 'peptide linking'   y GLYCINE                    ? 'C2 H5 N O2'        75.067  
HIS 'L-peptide linking' y HISTIDINE                  ? 'C6 H10 N3 O2 1'    156.162 
HOH non-polymer         . WATER                      ? 'H2 O'              18.015  
ILE 'L-peptide linking' y ISOLEUCINE                 ? 'C6 H13 N O2'       131.173 
LEU 'L-peptide linking' y LEUCINE                    ? 'C6 H13 N O2'       131.173 
LYS 'L-peptide linking' y LYSINE                     ? 'C6 H15 N2 O2 1'    147.195 
MET 'L-peptide linking' y METHIONINE                 ? 'C5 H11 N O2 S'     149.211 
PHE 'L-peptide linking' y PHENYLALANINE              ? 'C9 H11 N O2'       165.189 
PRO 'L-peptide linking' y PROLINE                    ? 'C5 H9 N O2'        115.130 
SER 'L-peptide linking' y SERINE                     ? 'C3 H7 N O3'        105.093 
THR 'L-peptide linking' y THREONINE                  ? 'C4 H9 N O3'        119.119 
TYR 'L-peptide linking' y TYROSINE                   ? 'C9 H11 N O3'       181.189 
VAL 'L-peptide linking' y VALINE                     ? 'C5 H11 N O2'       117.146 
# 
loop_
_pdbx_poly_seq_scheme.asym_id 
_pdbx_poly_seq_scheme.entity_id 
_pdbx_poly_seq_scheme.seq_id 
_pdbx_poly_seq_scheme.mon_id 
_pdbx_poly_seq_scheme.ndb_seq_num 
_pdbx_poly_seq_scheme.pdb_seq_num 
_pdbx_poly_seq_scheme.auth_seq_num 
_pdbx_poly_seq_scheme.pdb_mon_id 
_pdbx_poly_seq_scheme.auth_mon_id 
_pdbx_poly_seq_scheme.pdb_strand_id 
_pdbx_poly_seq_scheme.pdb_ins_code 
_pdbx_poly_seq_scheme.hetero 
A 1 1   THR 1   2   ?   ?   ?   A . n 
A 1 2   ALA 2   3   ?   ?   ?   A . n 
A 1 3   ALA 3   4   ?   ?   ?   A . n 
A 1 4   THR 4   5   ?   ?   ?   A . n 
A 1 5   THR 5   6   ?   ?   ?   A . n 
A 1 6   SER 6   7   ?   ?   ?   A . n 
A 1 7   GLN 7   8   ?   ?   ?   A . n 
A 1 8   PRO 8   9   9   PRO PRO A . n 
A 1 9   ALA 9   10  10  ALA ALA A . n 
A 1 10  PHE 10  11  11  PHE PHE A . n 
A 1 11  SER 11  12  12  SER SER A . n 
A 1 12  PRO 12  13  13  PRO PRO A . n 
A 1 13  ASP 13  14  14  ASP ASP A . n 
A 1 14  GLN 14  15  15  GLN GLN A . n 
A 1 15  VAL 15  16  16  VAL VAL A . n 
A 1 16  SER 16  17  17  SER SER A . n 
A 1 17  VAL 17  18  18  VAL VAL A . n 
A 1 18  ILE 18  19  19  ILE ILE A . n 
A 1 19  PHE 19  20  20  PHE PHE A . n 
A 1 20  VAL 20  21  21  VAL VAL A . n 
A 1 21  LEU 21  22  22  LEU LEU A . n 
A 1 22  GLY 22  23  23  GLY GLY A . n 
A 1 23  GLY 23  24  24  GLY GLY A . n 
A 1 24  PRO 24  25  25  PRO PRO A . n 
A 1 25  GLY 25  26  26  GLY GLY A . n 
A 1 26  ALA 26  27  27  ALA ALA A . n 
A 1 27  GLY 27  28  28  GLY GLY A . n 
A 1 28  LYS 28  29  29  LYS LYS A . n 
A 1 29  GLY 29  30  30  GLY GLY A . n 
A 1 30  THR 30  31  31  THR THR A . n 
A 1 31  GLN 31  32  32  GLN GLN A . n 
A 1 32  CYS 32  33  33  CYS CYS A . n 
A 1 33  GLU 33  34  34  GLU GLU A . n 
A 1 34  LYS 34  35  35  LYS LYS A . n 
A 1 35  LEU 35  36  36  LEU LEU A . n 
A 1 36  VAL 36  37  37  VAL VAL A . n 
A 1 37  LYS 37  38  38  LYS LYS A . n 
A 1 38  ASP 38  39  39  ASP ASP A . n 
A 1 39  TYR 39  40  40  TYR TYR A . n 
A 1 40  SER 40  41  41  SER SER A . n 
A 1 41  PHE 41  42  42  PHE PHE A . n 
A 1 42  VAL 42  43  43  VAL VAL A . n 
A 1 43  HIS 43  44  44  HIS HIS A . n 
A 1 44  LEU 44  45  45  LEU LEU A . n 
A 1 45  SER 45  46  46  SER SER A . n 
A 1 46  ALA 46  47  47  ALA ALA A . n 
A 1 47  GLY 47  48  48  GLY GLY A . n 
A 1 48  ASP 48  49  49  ASP ASP A . n 
A 1 49  LEU 49  50  50  LEU LEU A . n 
A 1 50  LEU 50  51  51  LEU LEU A . n 
A 1 51  ARG 51  52  52  ARG ARG A . n 
A 1 52  ALA 52  53  53  ALA ALA A . n 
A 1 53  GLU 53  54  54  GLU GLU A . n 
A 1 54  GLN 54  55  55  GLN GLN A . n 
A 1 55  GLY 55  56  56  GLY GLY A . n 
A 1 56  ARG 56  57  57  ARG ARG A . n 
A 1 57  ALA 57  58  58  ALA ALA A . n 
A 1 58  GLY 58  59  59  GLY GLY A . n 
A 1 59  SER 59  60  60  SER SER A . n 
A 1 60  GLN 60  61  61  GLN GLN A . n 
A 1 61  TYR 61  62  62  TYR TYR A . n 
A 1 62  GLY 62  63  63  GLY GLY A . n 
A 1 63  GLU 63  64  64  GLU GLU A . n 
A 1 64  LEU 64  65  65  LEU LEU A . n 
A 1 65  ILE 65  66  66  ILE ILE A . n 
A 1 66  LYS 66  67  67  LYS LYS A . n 
A 1 67  ASN 67  68  68  ASN ASN A . n 
A 1 68  CYS 68  69  69  CYS CYS A . n 
A 1 69  ILE 69  70  70  ILE ILE A . n 
A 1 70  LYS 70  71  71  LYS LYS A . n 
A 1 71  GLU 71  72  72  GLU GLU A . n 
A 1 72  GLY 72  73  73  GLY GLY A . n 
A 1 73  GLN 73  74  74  GLN GLN A . n 
A 1 74  ILE 74  75  75  ILE ILE A . n 
A 1 75  VAL 75  76  76  VAL VAL A . n 
A 1 76  PRO 76  77  77  PRO PRO A . n 
A 1 77  GLN 77  78  78  GLN GLN A . n 
A 1 78  GLU 78  79  79  GLU GLU A . n 
A 1 79  ILE 79  80  80  ILE ILE A . n 
A 1 80  THR 80  81  81  THR THR A . n 
A 1 81  LEU 81  82  82  LEU LEU A . n 
A 1 82  ALA 82  83  83  ALA ALA A . n 
A 1 83  LEU 83  84  84  LEU LEU A . n 
A 1 84  LEU 84  85  85  LEU LEU A . n 
A 1 85  ARG 85  86  86  ARG ARG A . n 
A 1 86  ASN 86  87  87  ASN ASN A . n 
A 1 87  ALA 87  88  88  ALA ALA A . n 
A 1 88  ILE 88  89  89  ILE ILE A . n 
A 1 89  SER 89  90  90  SER SER A . n 
A 1 90  ASP 90  91  91  ASP ASP A . n 
A 1 91  ASN 91  92  92  ASN ASN A . n 
A 1 92  VAL 92  93  93  VAL VAL A . n 
A 1 93  LYS 93  94  94  LYS LYS A . n 
A 1 94  ALA 94  95  95  ALA ALA A . n 
A 1 95  ASN 95  96  96  ASN ASN A . n 
A 1 96  LYS 96  97  97  LYS LYS A . n 
A 1 97  HIS 97  98  98  HIS HIS A . n 
A 1 98  LYS 98  99  99  LYS LYS A . n 
A 1 99  PHE 99  100 100 PHE PHE A . n 
A 1 100 LEU 100 101 101 LEU LEU A . n 
A 1 101 ILE 101 102 102 ILE ILE A . n 
A 1 102 ASP 102 103 103 ASP ASP A . n 
A 1 103 GLY 103 104 104 GLY GLY A . n 
A 1 104 PHE 104 105 105 PHE PHE A . n 
A 1 105 PRO 105 106 106 PRO PRO A . n 
A 1 106 ARG 106 107 107 ARG ARG A . n 
A 1 107 LYS 107 108 108 LYS LYS A . n 
A 1 108 MET 108 109 109 MET MET A . n 
A 1 109 ASP 109 110 110 ASP ASP A . n 
A 1 110 GLN 110 111 111 GLN GLN A . n 
A 1 111 ALA 111 112 112 ALA ALA A . n 
A 1 112 ILE 112 113 113 ILE ILE A . n 
A 1 113 SER 113 114 114 SER SER A . n 
A 1 114 PHE 114 115 115 PHE PHE A . n 
A 1 115 GLU 115 116 116 GLU GLU A . n 
A 1 116 ARG 116 117 117 ARG ARG A . n 
A 1 117 ASP 117 118 118 ASP ASP A . n 
A 1 118 ILE 118 119 119 ILE ILE A . n 
A 1 119 VAL 119 120 120 VAL VAL A . n 
A 1 120 GLU 120 121 121 GLU GLU A . n 
A 1 121 SER 121 122 122 SER SER A . n 
A 1 122 LYS 122 123 123 LYS LYS A . n 
A 1 123 PHE 123 124 124 PHE PHE A . n 
A 1 124 ILE 124 125 125 ILE ILE A . n 
A 1 125 LEU 125 126 126 LEU LEU A . n 
A 1 126 PHE 126 127 127 PHE PHE A . n 
A 1 127 PHE 127 128 128 PHE PHE A . n 
A 1 128 ASP 128 129 129 ASP ASP A . n 
A 1 129 CYS 129 130 130 CYS CYS A . n 
A 1 130 PRO 130 131 131 PRO PRO A . n 
A 1 131 GLU 131 132 132 GLU GLU A . n 
A 1 132 ASP 132 133 133 ASP ASP A . n 
A 1 133 ILE 133 134 134 ILE ILE A . n 
A 1 134 MET 134 135 135 MET MET A . n 
A 1 135 LEU 135 136 136 LEU LEU A . n 
A 1 136 GLU 136 137 137 GLU GLU A . n 
A 1 137 ARG 137 138 138 ARG ARG A . n 
A 1 138 LEU 138 139 139 LEU LEU A . n 
A 1 139 LEU 139 140 140 LEU LEU A . n 
A 1 140 GLU 140 141 141 GLU GLU A . n 
A 1 141 ARG 141 142 142 ARG ARG A . n 
A 1 142 GLY 142 143 143 GLY GLY A . n 
A 1 143 LYS 143 144 144 LYS LYS A . n 
A 1 144 THR 144 145 145 THR THR A . n 
A 1 145 SER 145 146 146 SER SER A . n 
A 1 146 GLY 146 147 147 GLY GLY A . n 
A 1 147 ARG 147 148 148 ARG ARG A . n 
A 1 148 SER 148 149 149 SER SER A . n 
A 1 149 ASP 149 150 150 ASP ASP A . n 
A 1 150 ASP 150 151 151 ASP ASP A . n 
A 1 151 ASN 151 152 152 ASN ASN A . n 
A 1 152 ILE 152 153 153 ILE ILE A . n 
A 1 153 GLU 153 154 154 GLU GLU A . n 
A 1 154 SER 154 155 155 SER SER A . n 
A 1 155 ILE 155 156 156 ILE ILE A . n 
A 1 156 LYS 156 157 157 LYS LYS A . n 
A 1 157 LYS 157 158 158 LYS LYS A . n 
A 1 158 ARG 158 159 159 ARG ARG A . n 
A 1 159 PHE 159 160 160 PHE PHE A . n 
A 1 160 ASN 160 161 161 ASN ASN A . n 
A 1 161 THR 161 162 162 THR THR A . n 
A 1 162 PHE 162 163 163 PHE PHE A . n 
A 1 163 LYS 163 164 164 LYS LYS A . n 
A 1 164 GLU 164 165 165 GLU GLU A . n 
A 1 165 THR 165 166 166 THR THR A . n 
A 1 166 SER 166 167 167 SER SER A . n 
A 1 167 MET 167 168 168 MET MET A . n 
A 1 168 PRO 168 169 169 PRO PRO A . n 
A 1 169 VAL 169 170 170 VAL VAL A . n 
A 1 170 ILE 170 171 171 ILE ILE A . n 
A 1 171 GLU 171 172 172 GLU GLU A . n 
A 1 172 TYR 172 173 173 TYR TYR A . n 
A 1 173 PHE 173 174 174 PHE PHE A . n 
A 1 174 GLU 174 175 175 GLU GLU A . n 
A 1 175 THR 175 176 176 THR THR A . n 
A 1 176 LYS 176 177 177 LYS LYS A . n 
A 1 177 SER 177 178 178 SER SER A . n 
A 1 178 LYS 178 179 179 LYS LYS A . n 
A 1 179 VAL 179 180 180 VAL VAL A . n 
A 1 180 VAL 180 181 181 VAL VAL A . n 
A 1 181 ARG 181 182 182 ARG ARG A . n 
A 1 182 VAL 182 183 183 VAL VAL A . n 
A 1 183 ARG 183 184 184 ARG ARG A . n 
A 1 184 CYS 184 185 185 CYS CYS A . n 
A 1 185 ASP 185 186 186 ASP ASP A . n 
A 1 186 ARG 186 187 187 ARG ARG A . n 
A 1 187 SER 187 188 188 SER SER A . n 
A 1 188 VAL 188 189 189 VAL VAL A . n 
A 1 189 GLU 189 190 190 GLU GLU A . n 
A 1 190 ASP 190 191 191 ASP ASP A . n 
A 1 191 VAL 191 192 192 VAL VAL A . n 
A 1 192 TYR 192 193 193 TYR TYR A . n 
A 1 193 LYS 193 194 194 LYS LYS A . n 
A 1 194 ASP 194 195 195 ASP ASP A . n 
A 1 195 VAL 195 196 196 VAL VAL A . n 
A 1 196 GLN 196 197 197 GLN GLN A . n 
A 1 197 ASP 197 198 198 ASP ASP A . n 
A 1 198 ALA 198 199 199 ALA ALA A . n 
A 1 199 ILE 199 200 200 ILE ILE A . n 
A 1 200 ARG 200 201 201 ARG ARG A . n 
A 1 201 ASP 201 202 202 ASP ASP A . n 
A 1 202 SER 202 203 203 SER SER A . n 
A 1 203 LEU 203 204 204 LEU LEU A . n 
# 
loop_
_pdbx_nonpoly_scheme.asym_id 
_pdbx_nonpoly_scheme.entity_id 
_pdbx_nonpoly_scheme.mon_id 
_pdbx_nonpoly_scheme.ndb_seq_num 
_pdbx_nonpoly_scheme.pdb_seq_num 
_pdbx_nonpoly_scheme.auth_seq_num 
_pdbx_nonpoly_scheme.pdb_mon_id 
_pdbx_nonpoly_scheme.auth_mon_id 
_pdbx_nonpoly_scheme.pdb_strand_id 
_pdbx_nonpoly_scheme.pdb_ins_code 
B 2 ADP 1   205 205 ADP ADP A . 
C 2 ADP 1   206 206 ADP ADP A . 
D 3 HOH 1   301 301 HOH HOH A . 
D 3 HOH 2   302 302 HOH HOH A . 
D 3 HOH 3   303 303 HOH HOH A . 
D 3 HOH 4   304 304 HOH HOH A . 
D 3 HOH 5   305 305 HOH HOH A . 
D 3 HOH 6   306 306 HOH HOH A . 
D 3 HOH 7   307 307 HOH HOH A . 
D 3 HOH 8   308 308 HOH HOH A . 
D 3 HOH 9   309 309 HOH HOH A . 
D 3 HOH 10  310 310 HOH HOH A . 
D 3 HOH 11  311 311 HOH HOH A . 
D 3 HOH 12  312 312 HOH HOH A . 
D 3 HOH 13  313 313 HOH HOH A . 
D 3 HOH 14  314 314 HOH HOH A . 
D 3 HOH 15  315 315 HOH HOH A . 
D 3 HOH 16  316 316 HOH HOH A . 
D 3 HOH 17  317 317 HOH HOH A . 
D 3 HOH 18  318 318 HOH HOH A . 
D 3 HOH 19  319 319 HOH HOH A . 
D 3 HOH 20  320 320 HOH HOH A . 
D 3 HOH 21  321 321 HOH HOH A . 
D 3 HOH 22  322 322 HOH HOH A . 
D 3 HOH 23  323 323 HOH HOH A . 
D 3 HOH 24  324 324 HOH HOH A . 
D 3 HOH 25  325 325 HOH HOH A . 
D 3 HOH 26  326 326 HOH HOH A . 
D 3 HOH 27  327 327 HOH HOH A . 
D 3 HOH 28  328 328 HOH HOH A . 
D 3 HOH 29  329 329 HOH HOH A . 
D 3 HOH 30  330 330 HOH HOH A . 
D 3 HOH 31  331 331 HOH HOH A . 
D 3 HOH 32  332 332 HOH HOH A . 
D 3 HOH 33  333 333 HOH HOH A . 
D 3 HOH 34  334 334 HOH HOH A . 
D 3 HOH 35  335 335 HOH HOH A . 
D 3 HOH 36  336 336 HOH HOH A . 
D 3 HOH 37  337 337 HOH HOH A . 
D 3 HOH 38  338 338 HOH HOH A . 
D 3 HOH 39  339 339 HOH HOH A . 
D 3 HOH 40  340 340 HOH HOH A . 
D 3 HOH 41  341 341 HOH HOH A . 
D 3 HOH 42  342 342 HOH HOH A . 
D 3 HOH 43  343 343 HOH HOH A . 
D 3 HOH 44  344 344 HOH HOH A . 
D 3 HOH 45  345 345 HOH HOH A . 
D 3 HOH 46  346 346 HOH HOH A . 
D 3 HOH 47  347 347 HOH HOH A . 
D 3 HOH 48  348 348 HOH HOH A . 
D 3 HOH 49  349 349 HOH HOH A . 
D 3 HOH 50  350 350 HOH HOH A . 
D 3 HOH 51  351 351 HOH HOH A . 
D 3 HOH 52  352 352 HOH HOH A . 
D 3 HOH 53  353 353 HOH HOH A . 
D 3 HOH 54  354 354 HOH HOH A . 
D 3 HOH 55  355 355 HOH HOH A . 
D 3 HOH 56  356 356 HOH HOH A . 
D 3 HOH 57  357 357 HOH HOH A . 
D 3 HOH 58  358 358 HOH HOH A . 
D 3 HOH 59  359 359 HOH HOH A . 
D 3 HOH 60  360 360 HOH HOH A . 
D 3 HOH 61  361 361 HOH HOH A . 
D 3 HOH 62  362 362 HOH HOH A . 
D 3 HOH 63  363 363 HOH HOH A . 
D 3 HOH 64  364 364 HOH HOH A . 
D 3 HOH 65  365 365 HOH HOH A . 
D 3 HOH 66  366 366 HOH HOH A . 
D 3 HOH 67  367 367 HOH HOH A . 
D 3 HOH 68  368 368 HOH HOH A . 
D 3 HOH 69  369 369 HOH HOH A . 
D 3 HOH 70  370 370 HOH HOH A . 
D 3 HOH 71  371 371 HOH HOH A . 
D 3 HOH 72  372 372 HOH HOH A . 
D 3 HOH 73  373 373 HOH HOH A . 
D 3 HOH 74  374 374 HOH HOH A . 
D 3 HOH 75  375 375 HOH HOH A . 
D 3 HOH 76  376 376 HOH HOH A . 
D 3 HOH 77  377 377 HOH HOH A . 
D 3 HOH 78  378 378 HOH HOH A . 
D 3 HOH 79  379 379 HOH HOH A . 
D 3 HOH 80  380 380 HOH HOH A . 
D 3 HOH 81  381 381 HOH HOH A . 
D 3 HOH 82  382 382 HOH HOH A . 
D 3 HOH 83  383 383 HOH HOH A . 
D 3 HOH 84  384 384 HOH HOH A . 
D 3 HOH 85  385 385 HOH HOH A . 
D 3 HOH 86  386 386 HOH HOH A . 
D 3 HOH 87  387 387 HOH HOH A . 
D 3 HOH 88  388 388 HOH HOH A . 
D 3 HOH 89  389 389 HOH HOH A . 
D 3 HOH 90  390 390 HOH HOH A . 
D 3 HOH 91  391 391 HOH HOH A . 
D 3 HOH 92  392 392 HOH HOH A . 
D 3 HOH 93  393 393 HOH HOH A . 
D 3 HOH 94  394 394 HOH HOH A . 
D 3 HOH 95  395 395 HOH HOH A . 
D 3 HOH 96  396 396 HOH HOH A . 
D 3 HOH 97  397 397 HOH HOH A . 
D 3 HOH 98  398 398 HOH HOH A . 
D 3 HOH 99  399 399 HOH HOH A . 
D 3 HOH 100 400 400 HOH HOH A . 
D 3 HOH 101 401 401 HOH HOH A . 
# 
loop_
_software.name 
_software.classification 
_software.version 
_software.citation_id 
_software.pdbx_ordinal 
X-PLOR 'model building' . ? 1 
X-PLOR refinement       . ? 2 
X-PLOR phasing          . ? 3 
# 
_cell.entry_id           1UKY 
_cell.length_a           64.200 
_cell.length_b           64.200 
_cell.length_c           185.000 
_cell.angle_alpha        90.00 
_cell.angle_beta         90.00 
_cell.angle_gamma        120.00 
_cell.Z_PDB              12 
_cell.pdbx_unique_axis   ? 
# 
_symmetry.entry_id                         1UKY 
_symmetry.space_group_name_H-M             'P 61 2 2' 
_symmetry.pdbx_full_space_group_name_H-M   ? 
_symmetry.cell_setting                     ? 
_symmetry.Int_Tables_number                178 
# 
_exptl.entry_id          1UKY 
_exptl.method            'X-RAY DIFFRACTION' 
_exptl.crystals_number   ? 
# 
_exptl_crystal.id                    1 
_exptl_crystal.density_meas          ? 
_exptl_crystal.density_Matthews      2.41 
_exptl_crystal.density_percent_sol   48.95 
_exptl_crystal.description           ? 
# 
_refine.entry_id                                 1UKY 
_refine.ls_number_reflns_obs                     12091 
_refine.ls_number_reflns_all                     ? 
_refine.pdbx_ls_sigma_I                          ? 
_refine.pdbx_ls_sigma_F                          0.0 
_refine.pdbx_data_cutoff_high_absF               ? 
_refine.pdbx_data_cutoff_low_absF                ? 
_refine.pdbx_data_cutoff_high_rms_absF           ? 
_refine.ls_d_res_low                             10. 
_refine.ls_d_res_high                            2.13 
_refine.ls_percent_reflns_obs                    ? 
_refine.ls_R_factor_obs                          0.178 
_refine.ls_R_factor_all                          ? 
_refine.ls_R_factor_R_work                       0.178 
_refine.ls_R_factor_R_free                       ? 
_refine.ls_R_factor_R_free_error                 ? 
_refine.ls_R_factor_R_free_error_details         ? 
_refine.ls_percent_reflns_R_free                 ? 
_refine.ls_number_reflns_R_free                  ? 
_refine.ls_number_parameters                     ? 
_refine.ls_number_restraints                     ? 
_refine.occupancy_min                            ? 
_refine.occupancy_max                            ? 
_refine.B_iso_mean                               ? 
_refine.aniso_B[1][1]                            ? 
_refine.aniso_B[2][2]                            ? 
_refine.aniso_B[3][3]                            ? 
_refine.aniso_B[1][2]                            ? 
_refine.aniso_B[1][3]                            ? 
_refine.aniso_B[2][3]                            ? 
_refine.solvent_model_details                    ? 
_refine.solvent_model_param_ksol                 ? 
_refine.solvent_model_param_bsol                 ? 
_refine.pdbx_ls_cross_valid_method               ? 
_refine.details                                  ? 
_refine.pdbx_starting_model                      ? 
_refine.pdbx_method_to_determine_struct          ? 
_refine.pdbx_isotropic_thermal_model             ? 
_refine.pdbx_stereochemistry_target_values       ? 
_refine.pdbx_stereochem_target_val_spec_case     ? 
_refine.pdbx_R_Free_selection_details            ? 
_refine.pdbx_overall_ESU_R                       ? 
_refine.pdbx_overall_ESU_R_Free                  ? 
_refine.overall_SU_ML                            ? 
_refine.overall_SU_B                             ? 
_refine.pdbx_refine_id                           'X-RAY DIFFRACTION' 
_refine.pdbx_diffrn_id                           1 
_refine.pdbx_TLS_residual_ADP_flag               ? 
_refine.correlation_coeff_Fo_to_Fc               ? 
_refine.correlation_coeff_Fo_to_Fc_free          ? 
_refine.pdbx_solvent_vdw_probe_radii             ? 
_refine.pdbx_solvent_ion_probe_radii             ? 
_refine.pdbx_solvent_shrinkage_radii             ? 
_refine.pdbx_overall_phase_error                 ? 
_refine.overall_SU_R_Cruickshank_DPI             ? 
_refine.pdbx_overall_SU_R_free_Cruickshank_DPI   ? 
_refine.pdbx_overall_SU_R_Blow_DPI               ? 
_refine.pdbx_overall_SU_R_free_Blow_DPI          ? 
# 
_refine_hist.pdbx_refine_id                   'X-RAY DIFFRACTION' 
_refine_hist.cycle_id                         LAST 
_refine_hist.pdbx_number_atoms_protein        1556 
_refine_hist.pdbx_number_atoms_nucleic_acid   0 
_refine_hist.pdbx_number_atoms_ligand         54 
_refine_hist.number_atoms_solvent             101 
_refine_hist.number_atoms_total               1711 
_refine_hist.d_res_high                       2.13 
_refine_hist.d_res_low                        10. 
# 
loop_
_refine_ls_restr.type 
_refine_ls_restr.dev_ideal 
_refine_ls_restr.dev_ideal_target 
_refine_ls_restr.weight 
_refine_ls_restr.number 
_refine_ls_restr.pdbx_refine_id 
_refine_ls_restr.pdbx_restraint_function 
x_bond_d                0.018 ? ? ? 'X-RAY DIFFRACTION' ? 
x_bond_d_na             ?     ? ? ? 'X-RAY DIFFRACTION' ? 
x_bond_d_prot           ?     ? ? ? 'X-RAY DIFFRACTION' ? 
x_angle_d               ?     ? ? ? 'X-RAY DIFFRACTION' ? 
x_angle_d_na            ?     ? ? ? 'X-RAY DIFFRACTION' ? 
x_angle_d_prot          ?     ? ? ? 'X-RAY DIFFRACTION' ? 
x_angle_deg             3.10  ? ? ? 'X-RAY DIFFRACTION' ? 
x_angle_deg_na          ?     ? ? ? 'X-RAY DIFFRACTION' ? 
x_angle_deg_prot        ?     ? ? ? 'X-RAY DIFFRACTION' ? 
x_dihedral_angle_d      ?     ? ? ? 'X-RAY DIFFRACTION' ? 
x_dihedral_angle_d_na   ?     ? ? ? 'X-RAY DIFFRACTION' ? 
x_dihedral_angle_d_prot ?     ? ? ? 'X-RAY DIFFRACTION' ? 
x_improper_angle_d      ?     ? ? ? 'X-RAY DIFFRACTION' ? 
x_improper_angle_d_na   ?     ? ? ? 'X-RAY DIFFRACTION' ? 
x_improper_angle_d_prot ?     ? ? ? 'X-RAY DIFFRACTION' ? 
x_mcbond_it             ?     ? ? ? 'X-RAY DIFFRACTION' ? 
x_mcangle_it            ?     ? ? ? 'X-RAY DIFFRACTION' ? 
x_scbond_it             ?     ? ? ? 'X-RAY DIFFRACTION' ? 
x_scangle_it            ?     ? ? ? 'X-RAY DIFFRACTION' ? 
# 
_struct.entry_id                  1UKY 
_struct.title                     
'SUBSTRATE SPECIFICITY AND ASSEMBLY OF CATALYTIC CENTER DERIVED FROM TWO STRUCTURES OF LIGATED URIDYLATE KINASE' 
_struct.pdbx_model_details        ? 
_struct.pdbx_CASP_flag            ? 
_struct.pdbx_model_type_details   ? 
# 
_struct_keywords.entry_id        1UKY 
_struct_keywords.pdbx_keywords   TRANSFERASE 
_struct_keywords.text            TRANSFERASE 
# 
loop_
_struct_asym.id 
_struct_asym.pdbx_blank_PDB_chainid_flag 
_struct_asym.pdbx_modified 
_struct_asym.entity_id 
_struct_asym.details 
A N N 1 ? 
B N N 2 ? 
C N N 2 ? 
D N N 3 ? 
# 
_struct_ref.id                         1 
_struct_ref.db_name                    UNP 
_struct_ref.db_code                    UMPK_YEAST 
_struct_ref.entity_id                  1 
_struct_ref.pdbx_db_accession          P15700 
_struct_ref.pdbx_align_begin           1 
_struct_ref.pdbx_seq_one_letter_code   
;MTAATTSQPAFSPDQVSVIFVLGGPGAGKGTQCEKLVKDYSFVHLSAGDLLRAEQGRAGSQYGELIKNCIKEGQIVPQEI
TLALLRNAISDNVKANKHKFLIDGFPRKMDQAISFERDIVESKFILFFDCPEDIMLERLLERGKTSGRSDDNIESIKKRF
NTFKETSMPVIEYFETKSKVVRVRCDRSVEDVYKDVQDAIRDSL
;
_struct_ref.pdbx_db_isoform            ? 
# 
_struct_ref_seq.align_id                      1 
_struct_ref_seq.ref_id                        1 
_struct_ref_seq.pdbx_PDB_id_code              1UKY 
_struct_ref_seq.pdbx_strand_id                A 
_struct_ref_seq.seq_align_beg                 1 
_struct_ref_seq.pdbx_seq_align_beg_ins_code   ? 
_struct_ref_seq.seq_align_end                 203 
_struct_ref_seq.pdbx_seq_align_end_ins_code   ? 
_struct_ref_seq.pdbx_db_accession             P15700 
_struct_ref_seq.db_align_beg                  2 
_struct_ref_seq.pdbx_db_align_beg_ins_code    ? 
_struct_ref_seq.db_align_end                  204 
_struct_ref_seq.pdbx_db_align_end_ins_code    ? 
_struct_ref_seq.pdbx_auth_seq_align_beg       2 
_struct_ref_seq.pdbx_auth_seq_align_end       204 
# 
_pdbx_struct_assembly.id                   1 
_pdbx_struct_assembly.details              author_defined_assembly 
_pdbx_struct_assembly.method_details       ? 
_pdbx_struct_assembly.oligomeric_details   monomeric 
_pdbx_struct_assembly.oligomeric_count     1 
# 
_pdbx_struct_assembly_gen.assembly_id       1 
_pdbx_struct_assembly_gen.oper_expression   1 
_pdbx_struct_assembly_gen.asym_id_list      A,B,C,D 
# 
_pdbx_struct_oper_list.id                   1 
_pdbx_struct_oper_list.type                 'identity operation' 
_pdbx_struct_oper_list.name                 1_555 
_pdbx_struct_oper_list.symmetry_operation   x,y,z 
_pdbx_struct_oper_list.matrix[1][1]         1.0000000000 
_pdbx_struct_oper_list.matrix[1][2]         0.0000000000 
_pdbx_struct_oper_list.matrix[1][3]         0.0000000000 
_pdbx_struct_oper_list.vector[1]            0.0000000000 
_pdbx_struct_oper_list.matrix[2][1]         0.0000000000 
_pdbx_struct_oper_list.matrix[2][2]         1.0000000000 
_pdbx_struct_oper_list.matrix[2][3]         0.0000000000 
_pdbx_struct_oper_list.vector[2]            0.0000000000 
_pdbx_struct_oper_list.matrix[3][1]         0.0000000000 
_pdbx_struct_oper_list.matrix[3][2]         0.0000000000 
_pdbx_struct_oper_list.matrix[3][3]         1.0000000000 
_pdbx_struct_oper_list.vector[3]            0.0000000000 
# 
_struct_biol.id   1 
# 
loop_
_struct_conf.conf_type_id 
_struct_conf.id 
_struct_conf.pdbx_PDB_helix_id 
_struct_conf.beg_label_comp_id 
_struct_conf.beg_label_asym_id 
_struct_conf.beg_label_seq_id 
_struct_conf.pdbx_beg_PDB_ins_code 
_struct_conf.end_label_comp_id 
_struct_conf.end_label_asym_id 
_struct_conf.end_label_seq_id 
_struct_conf.pdbx_end_PDB_ins_code 
_struct_conf.beg_auth_comp_id 
_struct_conf.beg_auth_asym_id 
_struct_conf.beg_auth_seq_id 
_struct_conf.end_auth_comp_id 
_struct_conf.end_auth_asym_id 
_struct_conf.end_auth_seq_id 
_struct_conf.pdbx_PDB_helix_class 
_struct_conf.details 
_struct_conf.pdbx_PDB_helix_length 
HELX_P HELX_P1 H1 LYS A 28  ? ASP A 38  ? LYS A 29  ASP A 39  1 ? 11 
HELX_P HELX_P2 H2 ALA A 46  ? GLY A 55  ? ALA A 47  GLY A 56  1 ? 10 
HELX_P HELX_P3 H3 TYR A 61  ? ILE A 69  ? TYR A 62  ILE A 70  1 ? 9  
HELX_P HELX_P4 H4 GLN A 77  ? VAL A 92  ? GLN A 78  VAL A 93  1 ? 16 
HELX_P HELX_P5 H5 MET A 108 ? ILE A 118 ? MET A 109 ILE A 119 1 ? 11 
HELX_P HELX_P6 H6 GLU A 131 ? SER A 145 ? GLU A 132 SER A 146 1 ? 15 
HELX_P HELX_P7 H7 ILE A 152 ? SER A 166 ? ILE A 153 SER A 167 1 ? 15 
HELX_P HELX_P8 H8 VAL A 169 ? GLU A 174 ? VAL A 170 GLU A 175 1 ? 6  
HELX_P HELX_P9 H9 VAL A 188 ? ASP A 201 ? VAL A 189 ASP A 202 1 ? 14 
# 
_struct_conf_type.id          HELX_P 
_struct_conf_type.criteria    ? 
_struct_conf_type.reference   ? 
# 
_struct_conn.id                            disulf1 
_struct_conn.conn_type_id                  disulf 
_struct_conn.pdbx_leaving_atom_flag        ? 
_struct_conn.pdbx_PDB_id                   ? 
_struct_conn.ptnr1_label_asym_id           A 
_struct_conn.ptnr1_label_comp_id           CYS 
_struct_conn.ptnr1_label_seq_id            129 
_struct_conn.ptnr1_label_atom_id           SG 
_struct_conn.pdbx_ptnr1_label_alt_id       ? 
_struct_conn.pdbx_ptnr1_PDB_ins_code       ? 
_struct_conn.pdbx_ptnr1_standard_comp_id   ? 
_struct_conn.ptnr1_symmetry                1_555 
_struct_conn.ptnr2_label_asym_id           A 
_struct_conn.ptnr2_label_comp_id           CYS 
_struct_conn.ptnr2_label_seq_id            184 
_struct_conn.ptnr2_label_atom_id           SG 
_struct_conn.pdbx_ptnr2_label_alt_id       ? 
_struct_conn.pdbx_ptnr2_PDB_ins_code       ? 
_struct_conn.ptnr1_auth_asym_id            A 
_struct_conn.ptnr1_auth_comp_id            CYS 
_struct_conn.ptnr1_auth_seq_id             130 
_struct_conn.ptnr2_auth_asym_id            A 
_struct_conn.ptnr2_auth_comp_id            CYS 
_struct_conn.ptnr2_auth_seq_id             185 
_struct_conn.ptnr2_symmetry                1_555 
_struct_conn.pdbx_ptnr3_label_atom_id      ? 
_struct_conn.pdbx_ptnr3_label_seq_id       ? 
_struct_conn.pdbx_ptnr3_label_comp_id      ? 
_struct_conn.pdbx_ptnr3_label_asym_id      ? 
_struct_conn.pdbx_ptnr3_label_alt_id       ? 
_struct_conn.pdbx_ptnr3_PDB_ins_code       ? 
_struct_conn.details                       ? 
_struct_conn.pdbx_dist_value               1.999 
_struct_conn.pdbx_value_order              ? 
_struct_conn.pdbx_role                     ? 
# 
_struct_conn_type.id          disulf 
_struct_conn_type.criteria    ? 
_struct_conn_type.reference   ? 
# 
_pdbx_modification_feature.ordinal                            1 
_pdbx_modification_feature.label_comp_id                      CYS 
_pdbx_modification_feature.label_asym_id                      A 
_pdbx_modification_feature.label_seq_id                       129 
_pdbx_modification_feature.label_alt_id                       ? 
_pdbx_modification_feature.modified_residue_label_comp_id     CYS 
_pdbx_modification_feature.modified_residue_label_asym_id     A 
_pdbx_modification_feature.modified_residue_label_seq_id      184 
_pdbx_modification_feature.modified_residue_label_alt_id      ? 
_pdbx_modification_feature.auth_comp_id                       CYS 
_pdbx_modification_feature.auth_asym_id                       A 
_pdbx_modification_feature.auth_seq_id                        130 
_pdbx_modification_feature.PDB_ins_code                       ? 
_pdbx_modification_feature.symmetry                           1_555 
_pdbx_modification_feature.modified_residue_auth_comp_id      CYS 
_pdbx_modification_feature.modified_residue_auth_asym_id      A 
_pdbx_modification_feature.modified_residue_auth_seq_id       185 
_pdbx_modification_feature.modified_residue_PDB_ins_code      ? 
_pdbx_modification_feature.modified_residue_symmetry          1_555 
_pdbx_modification_feature.comp_id_linking_atom               SG 
_pdbx_modification_feature.modified_residue_id_linking_atom   SG 
_pdbx_modification_feature.modified_residue_id                . 
_pdbx_modification_feature.ref_pcm_id                         . 
_pdbx_modification_feature.ref_comp_id                        . 
_pdbx_modification_feature.type                               None 
_pdbx_modification_feature.category                           'Disulfide bridge' 
# 
_struct_mon_prot_cis.pdbx_id                1 
_struct_mon_prot_cis.label_comp_id          PHE 
_struct_mon_prot_cis.label_seq_id           104 
_struct_mon_prot_cis.label_asym_id          A 
_struct_mon_prot_cis.label_alt_id           . 
_struct_mon_prot_cis.pdbx_PDB_ins_code      ? 
_struct_mon_prot_cis.auth_comp_id           PHE 
_struct_mon_prot_cis.auth_seq_id            105 
_struct_mon_prot_cis.auth_asym_id           A 
_struct_mon_prot_cis.pdbx_label_comp_id_2   PRO 
_struct_mon_prot_cis.pdbx_label_seq_id_2    105 
_struct_mon_prot_cis.pdbx_label_asym_id_2   A 
_struct_mon_prot_cis.pdbx_PDB_ins_code_2    ? 
_struct_mon_prot_cis.pdbx_auth_comp_id_2    PRO 
_struct_mon_prot_cis.pdbx_auth_seq_id_2     106 
_struct_mon_prot_cis.pdbx_auth_asym_id_2    A 
_struct_mon_prot_cis.pdbx_PDB_model_num     1 
_struct_mon_prot_cis.pdbx_omega_angle       1.21 
# 
_struct_sheet.id               A 
_struct_sheet.type             ? 
_struct_sheet.number_strands   5 
_struct_sheet.details          ? 
# 
loop_
_struct_sheet_order.sheet_id 
_struct_sheet_order.range_id_1 
_struct_sheet_order.range_id_2 
_struct_sheet_order.offset 
_struct_sheet_order.sense 
A 1 2 ? parallel 
A 2 3 ? parallel 
A 3 4 ? parallel 
A 4 5 ? parallel 
# 
loop_
_struct_sheet_range.sheet_id 
_struct_sheet_range.id 
_struct_sheet_range.beg_label_comp_id 
_struct_sheet_range.beg_label_asym_id 
_struct_sheet_range.beg_label_seq_id 
_struct_sheet_range.pdbx_beg_PDB_ins_code 
_struct_sheet_range.end_label_comp_id 
_struct_sheet_range.end_label_asym_id 
_struct_sheet_range.end_label_seq_id 
_struct_sheet_range.pdbx_end_PDB_ins_code 
_struct_sheet_range.beg_auth_comp_id 
_struct_sheet_range.beg_auth_asym_id 
_struct_sheet_range.beg_auth_seq_id 
_struct_sheet_range.end_auth_comp_id 
_struct_sheet_range.end_auth_asym_id 
_struct_sheet_range.end_auth_seq_id 
A 1 VAL A 42  ? LEU A 44  ? VAL A 43  LEU A 45  
A 2 LYS A 98  ? GLY A 103 ? LYS A 99  GLY A 104 
A 3 SER A 16  ? LEU A 21  ? SER A 17  LEU A 22  
A 4 PHE A 123 ? ASP A 128 ? PHE A 124 ASP A 129 
A 5 LYS A 178 ? VAL A 182 ? LYS A 179 VAL A 183 
# 
loop_
_pdbx_struct_sheet_hbond.sheet_id 
_pdbx_struct_sheet_hbond.range_id_1 
_pdbx_struct_sheet_hbond.range_id_2 
_pdbx_struct_sheet_hbond.range_1_label_atom_id 
_pdbx_struct_sheet_hbond.range_1_label_comp_id 
_pdbx_struct_sheet_hbond.range_1_label_asym_id 
_pdbx_struct_sheet_hbond.range_1_label_seq_id 
_pdbx_struct_sheet_hbond.range_1_PDB_ins_code 
_pdbx_struct_sheet_hbond.range_1_auth_atom_id 
_pdbx_struct_sheet_hbond.range_1_auth_comp_id 
_pdbx_struct_sheet_hbond.range_1_auth_asym_id 
_pdbx_struct_sheet_hbond.range_1_auth_seq_id 
_pdbx_struct_sheet_hbond.range_2_label_atom_id 
_pdbx_struct_sheet_hbond.range_2_label_comp_id 
_pdbx_struct_sheet_hbond.range_2_label_asym_id 
_pdbx_struct_sheet_hbond.range_2_label_seq_id 
_pdbx_struct_sheet_hbond.range_2_PDB_ins_code 
_pdbx_struct_sheet_hbond.range_2_auth_atom_id 
_pdbx_struct_sheet_hbond.range_2_auth_comp_id 
_pdbx_struct_sheet_hbond.range_2_auth_asym_id 
_pdbx_struct_sheet_hbond.range_2_auth_seq_id 
A 1 2 N VAL A 42  ? N VAL A 43  O LYS A 98  ? O LYS A 99  
A 2 3 N PHE A 99  ? N PHE A 100 O SER A 16  ? O SER A 17  
A 3 4 N PHE A 19  ? N PHE A 20  O PHE A 123 ? O PHE A 124 
A 4 5 N ILE A 124 ? N ILE A 125 O LYS A 178 ? O LYS A 179 
# 
loop_
_struct_site.id 
_struct_site.pdbx_evidence_code 
_struct_site.pdbx_auth_asym_id 
_struct_site.pdbx_auth_comp_id 
_struct_site.pdbx_auth_seq_id 
_struct_site.pdbx_auth_ins_code 
_struct_site.pdbx_num_residues 
_struct_site.details 
AC1 Software A ADP 205 ? 19 'BINDING SITE FOR RESIDUE ADP A 205' 
AC2 Software A ADP 206 ? 21 'BINDING SITE FOR RESIDUE ADP A 206' 
# 
loop_
_struct_site_gen.id 
_struct_site_gen.site_id 
_struct_site_gen.pdbx_num_res 
_struct_site_gen.label_comp_id 
_struct_site_gen.label_asym_id 
_struct_site_gen.label_seq_id 
_struct_site_gen.pdbx_auth_ins_code 
_struct_site_gen.auth_comp_id 
_struct_site_gen.auth_asym_id 
_struct_site_gen.auth_seq_id 
_struct_site_gen.label_atom_id 
_struct_site_gen.label_alt_id 
_struct_site_gen.symmetry 
_struct_site_gen.details 
1  AC1 19 GLY A 25  ? GLY A 26  . ? 1_555 ? 
2  AC1 19 ALA A 26  ? ALA A 27  . ? 1_555 ? 
3  AC1 19 GLY A 27  ? GLY A 28  . ? 1_555 ? 
4  AC1 19 LYS A 28  ? LYS A 29  . ? 1_555 ? 
5  AC1 19 GLY A 29  ? GLY A 30  . ? 1_555 ? 
6  AC1 19 THR A 30  ? THR A 31  . ? 1_555 ? 
7  AC1 19 ARG A 137 ? ARG A 138 . ? 1_555 ? 
8  AC1 19 ARG A 141 ? ARG A 142 . ? 1_555 ? 
9  AC1 19 ARG A 186 ? ARG A 187 . ? 1_555 ? 
10 AC1 19 SER A 187 ? SER A 188 . ? 1_555 ? 
11 AC1 19 VAL A 188 ? VAL A 189 . ? 1_555 ? 
12 AC1 19 ADP C .   ? ADP A 206 . ? 1_555 ? 
13 AC1 19 HOH D .   ? HOH A 308 . ? 1_555 ? 
14 AC1 19 HOH D .   ? HOH A 309 . ? 1_555 ? 
15 AC1 19 HOH D .   ? HOH A 326 . ? 1_555 ? 
16 AC1 19 HOH D .   ? HOH A 339 . ? 1_555 ? 
17 AC1 19 HOH D .   ? HOH A 351 . ? 1_555 ? 
18 AC1 19 HOH D .   ? HOH A 361 . ? 1_555 ? 
19 AC1 19 HOH D .   ? HOH A 377 . ? 1_555 ? 
20 AC2 21 PRO A 24  ? PRO A 25  . ? 1_555 ? 
21 AC2 21 LYS A 28  ? LYS A 29  . ? 1_555 ? 
22 AC2 21 LEU A 50  ? LEU A 51  . ? 1_555 ? 
23 AC2 21 ARG A 51  ? ARG A 52  . ? 1_555 ? 
24 AC2 21 ILE A 69  ? ILE A 70  . ? 1_555 ? 
25 AC2 21 GLN A 73  ? GLN A 74  . ? 1_555 ? 
26 AC2 21 ILE A 74  ? ILE A 75  . ? 1_555 ? 
27 AC2 21 VAL A 75  ? VAL A 76  . ? 1_555 ? 
28 AC2 21 GLY A 103 ? GLY A 104 . ? 1_555 ? 
29 AC2 21 PHE A 104 ? PHE A 105 . ? 1_555 ? 
30 AC2 21 ARG A 106 ? ARG A 107 . ? 1_555 ? 
31 AC2 21 GLN A 110 ? GLN A 111 . ? 1_555 ? 
32 AC2 21 ARG A 141 ? ARG A 142 . ? 1_555 ? 
33 AC2 21 ARG A 147 ? ARG A 148 . ? 1_555 ? 
34 AC2 21 ARG A 158 ? ARG A 159 . ? 1_555 ? 
35 AC2 21 ADP B .   ? ADP A 205 . ? 1_555 ? 
36 AC2 21 HOH D .   ? HOH A 303 . ? 1_555 ? 
37 AC2 21 HOH D .   ? HOH A 313 . ? 1_555 ? 
38 AC2 21 HOH D .   ? HOH A 359 . ? 1_555 ? 
39 AC2 21 HOH D .   ? HOH A 375 . ? 1_555 ? 
40 AC2 21 HOH D .   ? HOH A 389 . ? 1_555 ? 
# 
_pdbx_entry_details.entry_id                   1UKY 
_pdbx_entry_details.compound_details           ? 
_pdbx_entry_details.source_details             ? 
_pdbx_entry_details.nonpolymer_details         
;THE COMPLEX CONTAINS AN ADP AT THE ATP-BINDING SITE AND A
MIXTURE OF ADP AND AMP AT THE NMP-BINDING SITE.
;
_pdbx_entry_details.sequence_details           ? 
_pdbx_entry_details.has_ligand_of_interest     ? 
_pdbx_entry_details.has_protein_modification   Y 
# 
loop_
_pdbx_validate_rmsd_angle.id 
_pdbx_validate_rmsd_angle.PDB_model_num 
_pdbx_validate_rmsd_angle.auth_atom_id_1 
_pdbx_validate_rmsd_angle.auth_asym_id_1 
_pdbx_validate_rmsd_angle.auth_comp_id_1 
_pdbx_validate_rmsd_angle.auth_seq_id_1 
_pdbx_validate_rmsd_angle.PDB_ins_code_1 
_pdbx_validate_rmsd_angle.label_alt_id_1 
_pdbx_validate_rmsd_angle.auth_atom_id_2 
_pdbx_validate_rmsd_angle.auth_asym_id_2 
_pdbx_validate_rmsd_angle.auth_comp_id_2 
_pdbx_validate_rmsd_angle.auth_seq_id_2 
_pdbx_validate_rmsd_angle.PDB_ins_code_2 
_pdbx_validate_rmsd_angle.label_alt_id_2 
_pdbx_validate_rmsd_angle.auth_atom_id_3 
_pdbx_validate_rmsd_angle.auth_asym_id_3 
_pdbx_validate_rmsd_angle.auth_comp_id_3 
_pdbx_validate_rmsd_angle.auth_seq_id_3 
_pdbx_validate_rmsd_angle.PDB_ins_code_3 
_pdbx_validate_rmsd_angle.label_alt_id_3 
_pdbx_validate_rmsd_angle.angle_value 
_pdbx_validate_rmsd_angle.angle_target_value 
_pdbx_validate_rmsd_angle.angle_deviation 
_pdbx_validate_rmsd_angle.angle_standard_deviation 
_pdbx_validate_rmsd_angle.linker_flag 
1 1 CB A ASP 14  ? ? CA A ASP 14  ? ? C   A ASP 14  ? ? 134.47 110.40 24.07  2.00 N 
2 1 NE A ARG 57  ? ? CZ A ARG 57  ? ? NH2 A ARG 57  ? ? 116.84 120.30 -3.46  0.50 N 
3 1 N  A ASP 103 ? ? CA A ASP 103 ? ? CB  A ASP 103 ? ? 99.28  110.60 -11.32 1.80 N 
4 1 NE A ARG 117 ? ? CZ A ARG 117 ? ? NH1 A ARG 117 ? ? 123.83 120.30 3.53   0.50 N 
5 1 NE A ARG 182 ? ? CZ A ARG 182 ? ? NH1 A ARG 182 ? ? 123.54 120.30 3.24   0.50 N 
6 1 NE A ARG 187 ? ? CZ A ARG 187 ? ? NH1 A ARG 187 ? ? 124.19 120.30 3.89   0.50 N 
7 1 NE A ARG 201 ? ? CZ A ARG 201 ? ? NH1 A ARG 201 ? ? 130.69 120.30 10.39  0.50 N 
8 1 NE A ARG 201 ? ? CZ A ARG 201 ? ? NH2 A ARG 201 ? ? 112.35 120.30 -7.95  0.50 N 
# 
loop_
_pdbx_validate_torsion.id 
_pdbx_validate_torsion.PDB_model_num 
_pdbx_validate_torsion.auth_comp_id 
_pdbx_validate_torsion.auth_asym_id 
_pdbx_validate_torsion.auth_seq_id 
_pdbx_validate_torsion.PDB_ins_code 
_pdbx_validate_torsion.label_alt_id 
_pdbx_validate_torsion.phi 
_pdbx_validate_torsion.psi 
1 1 ASP A 14  ? ? -55.87  -84.92 
2 1 ASN A 96  ? ? 74.35   42.13  
3 1 ILE A 119 ? ? -120.71 -71.78 
4 1 THR A 145 ? ? -65.51  -74.24 
5 1 ASP A 151 ? ? -91.46  57.86  
6 1 ASP A 186 ? ? -82.34  40.07  
# 
_pdbx_validate_chiral.id              1 
_pdbx_validate_chiral.PDB_model_num   1 
_pdbx_validate_chiral.auth_atom_id    "C1'" 
_pdbx_validate_chiral.label_alt_id    ? 
_pdbx_validate_chiral.auth_asym_id    A 
_pdbx_validate_chiral.auth_comp_id    ADP 
_pdbx_validate_chiral.auth_seq_id     205 
_pdbx_validate_chiral.PDB_ins_code    ? 
_pdbx_validate_chiral.details         PLANAR 
_pdbx_validate_chiral.omega           . 
# 
loop_
_pdbx_unobs_or_zero_occ_residues.id 
_pdbx_unobs_or_zero_occ_residues.PDB_model_num 
_pdbx_unobs_or_zero_occ_residues.polymer_flag 
_pdbx_unobs_or_zero_occ_residues.occupancy_flag 
_pdbx_unobs_or_zero_occ_residues.auth_asym_id 
_pdbx_unobs_or_zero_occ_residues.auth_comp_id 
_pdbx_unobs_or_zero_occ_residues.auth_seq_id 
_pdbx_unobs_or_zero_occ_residues.PDB_ins_code 
_pdbx_unobs_or_zero_occ_residues.label_asym_id 
_pdbx_unobs_or_zero_occ_residues.label_comp_id 
_pdbx_unobs_or_zero_occ_residues.label_seq_id 
1 1 Y 1 A THR 2 ? A THR 1 
2 1 Y 1 A ALA 3 ? A ALA 2 
3 1 Y 1 A ALA 4 ? A ALA 3 
4 1 Y 1 A THR 5 ? A THR 4 
5 1 Y 1 A THR 6 ? A THR 5 
6 1 Y 1 A SER 7 ? A SER 6 
7 1 Y 1 A GLN 8 ? A GLN 7 
# 
loop_
_chem_comp_atom.comp_id 
_chem_comp_atom.atom_id 
_chem_comp_atom.type_symbol 
_chem_comp_atom.pdbx_aromatic_flag 
_chem_comp_atom.pdbx_stereo_config 
_chem_comp_atom.pdbx_ordinal 
ADP PB     P N N 1   
ADP O1B    O N N 2   
ADP O2B    O N N 3   
ADP O3B    O N N 4   
ADP PA     P N S 5   
ADP O1A    O N N 6   
ADP O2A    O N N 7   
ADP O3A    O N N 8   
ADP "O5'"  O N N 9   
ADP "C5'"  C N N 10  
ADP "C4'"  C N R 11  
ADP "O4'"  O N N 12  
ADP "C3'"  C N S 13  
ADP "O3'"  O N N 14  
ADP "C2'"  C N R 15  
ADP "O2'"  O N N 16  
ADP "C1'"  C N R 17  
ADP N9     N Y N 18  
ADP C8     C Y N 19  
ADP N7     N Y N 20  
ADP C5     C Y N 21  
ADP C6     C Y N 22  
ADP N6     N N N 23  
ADP N1     N Y N 24  
ADP C2     C Y N 25  
ADP N3     N Y N 26  
ADP C4     C Y N 27  
ADP HOB2   H N N 28  
ADP HOB3   H N N 29  
ADP HOA2   H N N 30  
ADP "H5'1" H N N 31  
ADP "H5'2" H N N 32  
ADP "H4'"  H N N 33  
ADP "H3'"  H N N 34  
ADP "HO3'" H N N 35  
ADP "H2'"  H N N 36  
ADP "HO2'" H N N 37  
ADP "H1'"  H N N 38  
ADP H8     H N N 39  
ADP HN61   H N N 40  
ADP HN62   H N N 41  
ADP H2     H N N 42  
ALA N      N N N 43  
ALA CA     C N S 44  
ALA C      C N N 45  
ALA O      O N N 46  
ALA CB     C N N 47  
ALA OXT    O N N 48  
ALA H      H N N 49  
ALA H2     H N N 50  
ALA HA     H N N 51  
ALA HB1    H N N 52  
ALA HB2    H N N 53  
ALA HB3    H N N 54  
ALA HXT    H N N 55  
ARG N      N N N 56  
ARG CA     C N S 57  
ARG C      C N N 58  
ARG O      O N N 59  
ARG CB     C N N 60  
ARG CG     C N N 61  
ARG CD     C N N 62  
ARG NE     N N N 63  
ARG CZ     C N N 64  
ARG NH1    N N N 65  
ARG NH2    N N N 66  
ARG OXT    O N N 67  
ARG H      H N N 68  
ARG H2     H N N 69  
ARG HA     H N N 70  
ARG HB2    H N N 71  
ARG HB3    H N N 72  
ARG HG2    H N N 73  
ARG HG3    H N N 74  
ARG HD2    H N N 75  
ARG HD3    H N N 76  
ARG HE     H N N 77  
ARG HH11   H N N 78  
ARG HH12   H N N 79  
ARG HH21   H N N 80  
ARG HH22   H N N 81  
ARG HXT    H N N 82  
ASN N      N N N 83  
ASN CA     C N S 84  
ASN C      C N N 85  
ASN O      O N N 86  
ASN CB     C N N 87  
ASN CG     C N N 88  
ASN OD1    O N N 89  
ASN ND2    N N N 90  
ASN OXT    O N N 91  
ASN H      H N N 92  
ASN H2     H N N 93  
ASN HA     H N N 94  
ASN HB2    H N N 95  
ASN HB3    H N N 96  
ASN HD21   H N N 97  
ASN HD22   H N N 98  
ASN HXT    H N N 99  
ASP N      N N N 100 
ASP CA     C N S 101 
ASP C      C N N 102 
ASP O      O N N 103 
ASP CB     C N N 104 
ASP CG     C N N 105 
ASP OD1    O N N 106 
ASP OD2    O N N 107 
ASP OXT    O N N 108 
ASP H      H N N 109 
ASP H2     H N N 110 
ASP HA     H N N 111 
ASP HB2    H N N 112 
ASP HB3    H N N 113 
ASP HD2    H N N 114 
ASP HXT    H N N 115 
CYS N      N N N 116 
CYS CA     C N R 117 
CYS C      C N N 118 
CYS O      O N N 119 
CYS CB     C N N 120 
CYS SG     S N N 121 
CYS OXT    O N N 122 
CYS H      H N N 123 
CYS H2     H N N 124 
CYS HA     H N N 125 
CYS HB2    H N N 126 
CYS HB3    H N N 127 
CYS HG     H N N 128 
CYS HXT    H N N 129 
GLN N      N N N 130 
GLN CA     C N S 131 
GLN C      C N N 132 
GLN O      O N N 133 
GLN CB     C N N 134 
GLN CG     C N N 135 
GLN CD     C N N 136 
GLN OE1    O N N 137 
GLN NE2    N N N 138 
GLN OXT    O N N 139 
GLN H      H N N 140 
GLN H2     H N N 141 
GLN HA     H N N 142 
GLN HB2    H N N 143 
GLN HB3    H N N 144 
GLN HG2    H N N 145 
GLN HG3    H N N 146 
GLN HE21   H N N 147 
GLN HE22   H N N 148 
GLN HXT    H N N 149 
GLU N      N N N 150 
GLU CA     C N S 151 
GLU C      C N N 152 
GLU O      O N N 153 
GLU CB     C N N 154 
GLU CG     C N N 155 
GLU CD     C N N 156 
GLU OE1    O N N 157 
GLU OE2    O N N 158 
GLU OXT    O N N 159 
GLU H      H N N 160 
GLU H2     H N N 161 
GLU HA     H N N 162 
GLU HB2    H N N 163 
GLU HB3    H N N 164 
GLU HG2    H N N 165 
GLU HG3    H N N 166 
GLU HE2    H N N 167 
GLU HXT    H N N 168 
GLY N      N N N 169 
GLY CA     C N N 170 
GLY C      C N N 171 
GLY O      O N N 172 
GLY OXT    O N N 173 
GLY H      H N N 174 
GLY H2     H N N 175 
GLY HA2    H N N 176 
GLY HA3    H N N 177 
GLY HXT    H N N 178 
HIS N      N N N 179 
HIS CA     C N S 180 
HIS C      C N N 181 
HIS O      O N N 182 
HIS CB     C N N 183 
HIS CG     C Y N 184 
HIS ND1    N Y N 185 
HIS CD2    C Y N 186 
HIS CE1    C Y N 187 
HIS NE2    N Y N 188 
HIS OXT    O N N 189 
HIS H      H N N 190 
HIS H2     H N N 191 
HIS HA     H N N 192 
HIS HB2    H N N 193 
HIS HB3    H N N 194 
HIS HD1    H N N 195 
HIS HD2    H N N 196 
HIS HE1    H N N 197 
HIS HE2    H N N 198 
HIS HXT    H N N 199 
HOH O      O N N 200 
HOH H1     H N N 201 
HOH H2     H N N 202 
ILE N      N N N 203 
ILE CA     C N S 204 
ILE C      C N N 205 
ILE O      O N N 206 
ILE CB     C N S 207 
ILE CG1    C N N 208 
ILE CG2    C N N 209 
ILE CD1    C N N 210 
ILE OXT    O N N 211 
ILE H      H N N 212 
ILE H2     H N N 213 
ILE HA     H N N 214 
ILE HB     H N N 215 
ILE HG12   H N N 216 
ILE HG13   H N N 217 
ILE HG21   H N N 218 
ILE HG22   H N N 219 
ILE HG23   H N N 220 
ILE HD11   H N N 221 
ILE HD12   H N N 222 
ILE HD13   H N N 223 
ILE HXT    H N N 224 
LEU N      N N N 225 
LEU CA     C N S 226 
LEU C      C N N 227 
LEU O      O N N 228 
LEU CB     C N N 229 
LEU CG     C N N 230 
LEU CD1    C N N 231 
LEU CD2    C N N 232 
LEU OXT    O N N 233 
LEU H      H N N 234 
LEU H2     H N N 235 
LEU HA     H N N 236 
LEU HB2    H N N 237 
LEU HB3    H N N 238 
LEU HG     H N N 239 
LEU HD11   H N N 240 
LEU HD12   H N N 241 
LEU HD13   H N N 242 
LEU HD21   H N N 243 
LEU HD22   H N N 244 
LEU HD23   H N N 245 
LEU HXT    H N N 246 
LYS N      N N N 247 
LYS CA     C N S 248 
LYS C      C N N 249 
LYS O      O N N 250 
LYS CB     C N N 251 
LYS CG     C N N 252 
LYS CD     C N N 253 
LYS CE     C N N 254 
LYS NZ     N N N 255 
LYS OXT    O N N 256 
LYS H      H N N 257 
LYS H2     H N N 258 
LYS HA     H N N 259 
LYS HB2    H N N 260 
LYS HB3    H N N 261 
LYS HG2    H N N 262 
LYS HG3    H N N 263 
LYS HD2    H N N 264 
LYS HD3    H N N 265 
LYS HE2    H N N 266 
LYS HE3    H N N 267 
LYS HZ1    H N N 268 
LYS HZ2    H N N 269 
LYS HZ3    H N N 270 
LYS HXT    H N N 271 
MET N      N N N 272 
MET CA     C N S 273 
MET C      C N N 274 
MET O      O N N 275 
MET CB     C N N 276 
MET CG     C N N 277 
MET SD     S N N 278 
MET CE     C N N 279 
MET OXT    O N N 280 
MET H      H N N 281 
MET H2     H N N 282 
MET HA     H N N 283 
MET HB2    H N N 284 
MET HB3    H N N 285 
MET HG2    H N N 286 
MET HG3    H N N 287 
MET HE1    H N N 288 
MET HE2    H N N 289 
MET HE3    H N N 290 
MET HXT    H N N 291 
PHE N      N N N 292 
PHE CA     C N S 293 
PHE C      C N N 294 
PHE O      O N N 295 
PHE CB     C N N 296 
PHE CG     C Y N 297 
PHE CD1    C Y N 298 
PHE CD2    C Y N 299 
PHE CE1    C Y N 300 
PHE CE2    C Y N 301 
PHE CZ     C Y N 302 
PHE OXT    O N N 303 
PHE H      H N N 304 
PHE H2     H N N 305 
PHE HA     H N N 306 
PHE HB2    H N N 307 
PHE HB3    H N N 308 
PHE HD1    H N N 309 
PHE HD2    H N N 310 
PHE HE1    H N N 311 
PHE HE2    H N N 312 
PHE HZ     H N N 313 
PHE HXT    H N N 314 
PRO N      N N N 315 
PRO CA     C N S 316 
PRO C      C N N 317 
PRO O      O N N 318 
PRO CB     C N N 319 
PRO CG     C N N 320 
PRO CD     C N N 321 
PRO OXT    O N N 322 
PRO H      H N N 323 
PRO HA     H N N 324 
PRO HB2    H N N 325 
PRO HB3    H N N 326 
PRO HG2    H N N 327 
PRO HG3    H N N 328 
PRO HD2    H N N 329 
PRO HD3    H N N 330 
PRO HXT    H N N 331 
SER N      N N N 332 
SER CA     C N S 333 
SER C      C N N 334 
SER O      O N N 335 
SER CB     C N N 336 
SER OG     O N N 337 
SER OXT    O N N 338 
SER H      H N N 339 
SER H2     H N N 340 
SER HA     H N N 341 
SER HB2    H N N 342 
SER HB3    H N N 343 
SER HG     H N N 344 
SER HXT    H N N 345 
THR N      N N N 346 
THR CA     C N S 347 
THR C      C N N 348 
THR O      O N N 349 
THR CB     C N R 350 
THR OG1    O N N 351 
THR CG2    C N N 352 
THR OXT    O N N 353 
THR H      H N N 354 
THR H2     H N N 355 
THR HA     H N N 356 
THR HB     H N N 357 
THR HG1    H N N 358 
THR HG21   H N N 359 
THR HG22   H N N 360 
THR HG23   H N N 361 
THR HXT    H N N 362 
TYR N      N N N 363 
TYR CA     C N S 364 
TYR C      C N N 365 
TYR O      O N N 366 
TYR CB     C N N 367 
TYR CG     C Y N 368 
TYR CD1    C Y N 369 
TYR CD2    C Y N 370 
TYR CE1    C Y N 371 
TYR CE2    C Y N 372 
TYR CZ     C Y N 373 
TYR OH     O N N 374 
TYR OXT    O N N 375 
TYR H      H N N 376 
TYR H2     H N N 377 
TYR HA     H N N 378 
TYR HB2    H N N 379 
TYR HB3    H N N 380 
TYR HD1    H N N 381 
TYR HD2    H N N 382 
TYR HE1    H N N 383 
TYR HE2    H N N 384 
TYR HH     H N N 385 
TYR HXT    H N N 386 
VAL N      N N N 387 
VAL CA     C N S 388 
VAL C      C N N 389 
VAL O      O N N 390 
VAL CB     C N N 391 
VAL CG1    C N N 392 
VAL CG2    C N N 393 
VAL OXT    O N N 394 
VAL H      H N N 395 
VAL H2     H N N 396 
VAL HA     H N N 397 
VAL HB     H N N 398 
VAL HG11   H N N 399 
VAL HG12   H N N 400 
VAL HG13   H N N 401 
VAL HG21   H N N 402 
VAL HG22   H N N 403 
VAL HG23   H N N 404 
VAL HXT    H N N 405 
# 
loop_
_chem_comp_bond.comp_id 
_chem_comp_bond.atom_id_1 
_chem_comp_bond.atom_id_2 
_chem_comp_bond.value_order 
_chem_comp_bond.pdbx_aromatic_flag 
_chem_comp_bond.pdbx_stereo_config 
_chem_comp_bond.pdbx_ordinal 
ADP PB    O1B    doub N N 1   
ADP PB    O2B    sing N N 2   
ADP PB    O3B    sing N N 3   
ADP PB    O3A    sing N N 4   
ADP O2B   HOB2   sing N N 5   
ADP O3B   HOB3   sing N N 6   
ADP PA    O1A    doub N N 7   
ADP PA    O2A    sing N N 8   
ADP PA    O3A    sing N N 9   
ADP PA    "O5'"  sing N N 10  
ADP O2A   HOA2   sing N N 11  
ADP "O5'" "C5'"  sing N N 12  
ADP "C5'" "C4'"  sing N N 13  
ADP "C5'" "H5'1" sing N N 14  
ADP "C5'" "H5'2" sing N N 15  
ADP "C4'" "O4'"  sing N N 16  
ADP "C4'" "C3'"  sing N N 17  
ADP "C4'" "H4'"  sing N N 18  
ADP "O4'" "C1'"  sing N N 19  
ADP "C3'" "O3'"  sing N N 20  
ADP "C3'" "C2'"  sing N N 21  
ADP "C3'" "H3'"  sing N N 22  
ADP "O3'" "HO3'" sing N N 23  
ADP "C2'" "O2'"  sing N N 24  
ADP "C2'" "C1'"  sing N N 25  
ADP "C2'" "H2'"  sing N N 26  
ADP "O2'" "HO2'" sing N N 27  
ADP "C1'" N9     sing N N 28  
ADP "C1'" "H1'"  sing N N 29  
ADP N9    C8     sing Y N 30  
ADP N9    C4     sing Y N 31  
ADP C8    N7     doub Y N 32  
ADP C8    H8     sing N N 33  
ADP N7    C5     sing Y N 34  
ADP C5    C6     sing Y N 35  
ADP C5    C4     doub Y N 36  
ADP C6    N6     sing N N 37  
ADP C6    N1     doub Y N 38  
ADP N6    HN61   sing N N 39  
ADP N6    HN62   sing N N 40  
ADP N1    C2     sing Y N 41  
ADP C2    N3     doub Y N 42  
ADP C2    H2     sing N N 43  
ADP N3    C4     sing Y N 44  
ALA N     CA     sing N N 45  
ALA N     H      sing N N 46  
ALA N     H2     sing N N 47  
ALA CA    C      sing N N 48  
ALA CA    CB     sing N N 49  
ALA CA    HA     sing N N 50  
ALA C     O      doub N N 51  
ALA C     OXT    sing N N 52  
ALA CB    HB1    sing N N 53  
ALA CB    HB2    sing N N 54  
ALA CB    HB3    sing N N 55  
ALA OXT   HXT    sing N N 56  
ARG N     CA     sing N N 57  
ARG N     H      sing N N 58  
ARG N     H2     sing N N 59  
ARG CA    C      sing N N 60  
ARG CA    CB     sing N N 61  
ARG CA    HA     sing N N 62  
ARG C     O      doub N N 63  
ARG C     OXT    sing N N 64  
ARG CB    CG     sing N N 65  
ARG CB    HB2    sing N N 66  
ARG CB    HB3    sing N N 67  
ARG CG    CD     sing N N 68  
ARG CG    HG2    sing N N 69  
ARG CG    HG3    sing N N 70  
ARG CD    NE     sing N N 71  
ARG CD    HD2    sing N N 72  
ARG CD    HD3    sing N N 73  
ARG NE    CZ     sing N N 74  
ARG NE    HE     sing N N 75  
ARG CZ    NH1    sing N N 76  
ARG CZ    NH2    doub N N 77  
ARG NH1   HH11   sing N N 78  
ARG NH1   HH12   sing N N 79  
ARG NH2   HH21   sing N N 80  
ARG NH2   HH22   sing N N 81  
ARG OXT   HXT    sing N N 82  
ASN N     CA     sing N N 83  
ASN N     H      sing N N 84  
ASN N     H2     sing N N 85  
ASN CA    C      sing N N 86  
ASN CA    CB     sing N N 87  
ASN CA    HA     sing N N 88  
ASN C     O      doub N N 89  
ASN C     OXT    sing N N 90  
ASN CB    CG     sing N N 91  
ASN CB    HB2    sing N N 92  
ASN CB    HB3    sing N N 93  
ASN CG    OD1    doub N N 94  
ASN CG    ND2    sing N N 95  
ASN ND2   HD21   sing N N 96  
ASN ND2   HD22   sing N N 97  
ASN OXT   HXT    sing N N 98  
ASP N     CA     sing N N 99  
ASP N     H      sing N N 100 
ASP N     H2     sing N N 101 
ASP CA    C      sing N N 102 
ASP CA    CB     sing N N 103 
ASP CA    HA     sing N N 104 
ASP C     O      doub N N 105 
ASP C     OXT    sing N N 106 
ASP CB    CG     sing N N 107 
ASP CB    HB2    sing N N 108 
ASP CB    HB3    sing N N 109 
ASP CG    OD1    doub N N 110 
ASP CG    OD2    sing N N 111 
ASP OD2   HD2    sing N N 112 
ASP OXT   HXT    sing N N 113 
CYS N     CA     sing N N 114 
CYS N     H      sing N N 115 
CYS N     H2     sing N N 116 
CYS CA    C      sing N N 117 
CYS CA    CB     sing N N 118 
CYS CA    HA     sing N N 119 
CYS C     O      doub N N 120 
CYS C     OXT    sing N N 121 
CYS CB    SG     sing N N 122 
CYS CB    HB2    sing N N 123 
CYS CB    HB3    sing N N 124 
CYS SG    HG     sing N N 125 
CYS OXT   HXT    sing N N 126 
GLN N     CA     sing N N 127 
GLN N     H      sing N N 128 
GLN N     H2     sing N N 129 
GLN CA    C      sing N N 130 
GLN CA    CB     sing N N 131 
GLN CA    HA     sing N N 132 
GLN C     O      doub N N 133 
GLN C     OXT    sing N N 134 
GLN CB    CG     sing N N 135 
GLN CB    HB2    sing N N 136 
GLN CB    HB3    sing N N 137 
GLN CG    CD     sing N N 138 
GLN CG    HG2    sing N N 139 
GLN CG    HG3    sing N N 140 
GLN CD    OE1    doub N N 141 
GLN CD    NE2    sing N N 142 
GLN NE2   HE21   sing N N 143 
GLN NE2   HE22   sing N N 144 
GLN OXT   HXT    sing N N 145 
GLU N     CA     sing N N 146 
GLU N     H      sing N N 147 
GLU N     H2     sing N N 148 
GLU CA    C      sing N N 149 
GLU CA    CB     sing N N 150 
GLU CA    HA     sing N N 151 
GLU C     O      doub N N 152 
GLU C     OXT    sing N N 153 
GLU CB    CG     sing N N 154 
GLU CB    HB2    sing N N 155 
GLU CB    HB3    sing N N 156 
GLU CG    CD     sing N N 157 
GLU CG    HG2    sing N N 158 
GLU CG    HG3    sing N N 159 
GLU CD    OE1    doub N N 160 
GLU CD    OE2    sing N N 161 
GLU OE2   HE2    sing N N 162 
GLU OXT   HXT    sing N N 163 
GLY N     CA     sing N N 164 
GLY N     H      sing N N 165 
GLY N     H2     sing N N 166 
GLY CA    C      sing N N 167 
GLY CA    HA2    sing N N 168 
GLY CA    HA3    sing N N 169 
GLY C     O      doub N N 170 
GLY C     OXT    sing N N 171 
GLY OXT   HXT    sing N N 172 
HIS N     CA     sing N N 173 
HIS N     H      sing N N 174 
HIS N     H2     sing N N 175 
HIS CA    C      sing N N 176 
HIS CA    CB     sing N N 177 
HIS CA    HA     sing N N 178 
HIS C     O      doub N N 179 
HIS C     OXT    sing N N 180 
HIS CB    CG     sing N N 181 
HIS CB    HB2    sing N N 182 
HIS CB    HB3    sing N N 183 
HIS CG    ND1    sing Y N 184 
HIS CG    CD2    doub Y N 185 
HIS ND1   CE1    doub Y N 186 
HIS ND1   HD1    sing N N 187 
HIS CD2   NE2    sing Y N 188 
HIS CD2   HD2    sing N N 189 
HIS CE1   NE2    sing Y N 190 
HIS CE1   HE1    sing N N 191 
HIS NE2   HE2    sing N N 192 
HIS OXT   HXT    sing N N 193 
HOH O     H1     sing N N 194 
HOH O     H2     sing N N 195 
ILE N     CA     sing N N 196 
ILE N     H      sing N N 197 
ILE N     H2     sing N N 198 
ILE CA    C      sing N N 199 
ILE CA    CB     sing N N 200 
ILE CA    HA     sing N N 201 
ILE C     O      doub N N 202 
ILE C     OXT    sing N N 203 
ILE CB    CG1    sing N N 204 
ILE CB    CG2    sing N N 205 
ILE CB    HB     sing N N 206 
ILE CG1   CD1    sing N N 207 
ILE CG1   HG12   sing N N 208 
ILE CG1   HG13   sing N N 209 
ILE CG2   HG21   sing N N 210 
ILE CG2   HG22   sing N N 211 
ILE CG2   HG23   sing N N 212 
ILE CD1   HD11   sing N N 213 
ILE CD1   HD12   sing N N 214 
ILE CD1   HD13   sing N N 215 
ILE OXT   HXT    sing N N 216 
LEU N     CA     sing N N 217 
LEU N     H      sing N N 218 
LEU N     H2     sing N N 219 
LEU CA    C      sing N N 220 
LEU CA    CB     sing N N 221 
LEU CA    HA     sing N N 222 
LEU C     O      doub N N 223 
LEU C     OXT    sing N N 224 
LEU CB    CG     sing N N 225 
LEU CB    HB2    sing N N 226 
LEU CB    HB3    sing N N 227 
LEU CG    CD1    sing N N 228 
LEU CG    CD2    sing N N 229 
LEU CG    HG     sing N N 230 
LEU CD1   HD11   sing N N 231 
LEU CD1   HD12   sing N N 232 
LEU CD1   HD13   sing N N 233 
LEU CD2   HD21   sing N N 234 
LEU CD2   HD22   sing N N 235 
LEU CD2   HD23   sing N N 236 
LEU OXT   HXT    sing N N 237 
LYS N     CA     sing N N 238 
LYS N     H      sing N N 239 
LYS N     H2     sing N N 240 
LYS CA    C      sing N N 241 
LYS CA    CB     sing N N 242 
LYS CA    HA     sing N N 243 
LYS C     O      doub N N 244 
LYS C     OXT    sing N N 245 
LYS CB    CG     sing N N 246 
LYS CB    HB2    sing N N 247 
LYS CB    HB3    sing N N 248 
LYS CG    CD     sing N N 249 
LYS CG    HG2    sing N N 250 
LYS CG    HG3    sing N N 251 
LYS CD    CE     sing N N 252 
LYS CD    HD2    sing N N 253 
LYS CD    HD3    sing N N 254 
LYS CE    NZ     sing N N 255 
LYS CE    HE2    sing N N 256 
LYS CE    HE3    sing N N 257 
LYS NZ    HZ1    sing N N 258 
LYS NZ    HZ2    sing N N 259 
LYS NZ    HZ3    sing N N 260 
LYS OXT   HXT    sing N N 261 
MET N     CA     sing N N 262 
MET N     H      sing N N 263 
MET N     H2     sing N N 264 
MET CA    C      sing N N 265 
MET CA    CB     sing N N 266 
MET CA    HA     sing N N 267 
MET C     O      doub N N 268 
MET C     OXT    sing N N 269 
MET CB    CG     sing N N 270 
MET CB    HB2    sing N N 271 
MET CB    HB3    sing N N 272 
MET CG    SD     sing N N 273 
MET CG    HG2    sing N N 274 
MET CG    HG3    sing N N 275 
MET SD    CE     sing N N 276 
MET CE    HE1    sing N N 277 
MET CE    HE2    sing N N 278 
MET CE    HE3    sing N N 279 
MET OXT   HXT    sing N N 280 
PHE N     CA     sing N N 281 
PHE N     H      sing N N 282 
PHE N     H2     sing N N 283 
PHE CA    C      sing N N 284 
PHE CA    CB     sing N N 285 
PHE CA    HA     sing N N 286 
PHE C     O      doub N N 287 
PHE C     OXT    sing N N 288 
PHE CB    CG     sing N N 289 
PHE CB    HB2    sing N N 290 
PHE CB    HB3    sing N N 291 
PHE CG    CD1    doub Y N 292 
PHE CG    CD2    sing Y N 293 
PHE CD1   CE1    sing Y N 294 
PHE CD1   HD1    sing N N 295 
PHE CD2   CE2    doub Y N 296 
PHE CD2   HD2    sing N N 297 
PHE CE1   CZ     doub Y N 298 
PHE CE1   HE1    sing N N 299 
PHE CE2   CZ     sing Y N 300 
PHE CE2   HE2    sing N N 301 
PHE CZ    HZ     sing N N 302 
PHE OXT   HXT    sing N N 303 
PRO N     CA     sing N N 304 
PRO N     CD     sing N N 305 
PRO N     H      sing N N 306 
PRO CA    C      sing N N 307 
PRO CA    CB     sing N N 308 
PRO CA    HA     sing N N 309 
PRO C     O      doub N N 310 
PRO C     OXT    sing N N 311 
PRO CB    CG     sing N N 312 
PRO CB    HB2    sing N N 313 
PRO CB    HB3    sing N N 314 
PRO CG    CD     sing N N 315 
PRO CG    HG2    sing N N 316 
PRO CG    HG3    sing N N 317 
PRO CD    HD2    sing N N 318 
PRO CD    HD3    sing N N 319 
PRO OXT   HXT    sing N N 320 
SER N     CA     sing N N 321 
SER N     H      sing N N 322 
SER N     H2     sing N N 323 
SER CA    C      sing N N 324 
SER CA    CB     sing N N 325 
SER CA    HA     sing N N 326 
SER C     O      doub N N 327 
SER C     OXT    sing N N 328 
SER CB    OG     sing N N 329 
SER CB    HB2    sing N N 330 
SER CB    HB3    sing N N 331 
SER OG    HG     sing N N 332 
SER OXT   HXT    sing N N 333 
THR N     CA     sing N N 334 
THR N     H      sing N N 335 
THR N     H2     sing N N 336 
THR CA    C      sing N N 337 
THR CA    CB     sing N N 338 
THR CA    HA     sing N N 339 
THR C     O      doub N N 340 
THR C     OXT    sing N N 341 
THR CB    OG1    sing N N 342 
THR CB    CG2    sing N N 343 
THR CB    HB     sing N N 344 
THR OG1   HG1    sing N N 345 
THR CG2   HG21   sing N N 346 
THR CG2   HG22   sing N N 347 
THR CG2   HG23   sing N N 348 
THR OXT   HXT    sing N N 349 
TYR N     CA     sing N N 350 
TYR N     H      sing N N 351 
TYR N     H2     sing N N 352 
TYR CA    C      sing N N 353 
TYR CA    CB     sing N N 354 
TYR CA    HA     sing N N 355 
TYR C     O      doub N N 356 
TYR C     OXT    sing N N 357 
TYR CB    CG     sing N N 358 
TYR CB    HB2    sing N N 359 
TYR CB    HB3    sing N N 360 
TYR CG    CD1    doub Y N 361 
TYR CG    CD2    sing Y N 362 
TYR CD1   CE1    sing Y N 363 
TYR CD1   HD1    sing N N 364 
TYR CD2   CE2    doub Y N 365 
TYR CD2   HD2    sing N N 366 
TYR CE1   CZ     doub Y N 367 
TYR CE1   HE1    sing N N 368 
TYR CE2   CZ     sing Y N 369 
TYR CE2   HE2    sing N N 370 
TYR CZ    OH     sing N N 371 
TYR OH    HH     sing N N 372 
TYR OXT   HXT    sing N N 373 
VAL N     CA     sing N N 374 
VAL N     H      sing N N 375 
VAL N     H2     sing N N 376 
VAL CA    C      sing N N 377 
VAL CA    CB     sing N N 378 
VAL CA    HA     sing N N 379 
VAL C     O      doub N N 380 
VAL C     OXT    sing N N 381 
VAL CB    CG1    sing N N 382 
VAL CB    CG2    sing N N 383 
VAL CB    HB     sing N N 384 
VAL CG1   HG11   sing N N 385 
VAL CG1   HG12   sing N N 386 
VAL CG1   HG13   sing N N 387 
VAL CG2   HG21   sing N N 388 
VAL CG2   HG22   sing N N 389 
VAL CG2   HG23   sing N N 390 
VAL OXT   HXT    sing N N 391 
# 
_atom_sites.entry_id                    1UKY 
_atom_sites.fract_transf_matrix[1][1]   0.00894813 
_atom_sites.fract_transf_matrix[1][2]   0.00172716 
_atom_sites.fract_transf_matrix[1][3]   -0.01550592 
_atom_sites.fract_transf_matrix[2][1]   -0.00754329 
_atom_sites.fract_transf_matrix[2][2]   0.00870283 
_atom_sites.fract_transf_matrix[2][3]   -0.01381506 
_atom_sites.fract_transf_matrix[3][1]   0.00214318 
_atom_sites.fract_transf_matrix[3][2]   0.00464166 
_atom_sites.fract_transf_matrix[3][3]   0.00175380 
_atom_sites.fract_transf_vector[1]      0.422740 
_atom_sites.fract_transf_vector[2]      0.493879 
_atom_sites.fract_transf_vector[3]      0.061233 
# 
_atom_sites_footnote.id     1 
_atom_sites_footnote.text   'CIS PROLINE - PRO     106' 
# 
loop_
_atom_type.symbol 
C 
N 
O 
P 
S 
# 
loop_
_atom_site.group_PDB 
_atom_site.id 
_atom_site.type_symbol 
_atom_site.label_atom_id 
_atom_site.label_alt_id 
_atom_site.label_comp_id 
_atom_site.label_asym_id 
_atom_site.label_entity_id 
_atom_site.label_seq_id 
_atom_site.pdbx_PDB_ins_code 
_atom_site.Cartn_x 
_atom_site.Cartn_y 
_atom_site.Cartn_z 
_atom_site.occupancy 
_atom_site.B_iso_or_equiv 
_atom_site.pdbx_formal_charge 
_atom_site.auth_seq_id 
_atom_site.auth_comp_id 
_atom_site.auth_asym_id 
_atom_site.auth_atom_id 
_atom_site.pdbx_PDB_model_num 
ATOM   1    N N     . PRO A 1 8   ? 4.486   3.751   20.973  1.00 53.34 ? 9   PRO A N     1 
ATOM   2    C CA    . PRO A 1 8   ? 3.662   3.696   19.769  1.00 52.08 ? 9   PRO A CA    1 
ATOM   3    C C     . PRO A 1 8   ? 2.585   4.711   20.055  1.00 50.99 ? 9   PRO A C     1 
ATOM   4    O O     . PRO A 1 8   ? 2.242   4.837   21.236  1.00 52.37 ? 9   PRO A O     1 
ATOM   5    C CB    . PRO A 1 8   ? 3.065   2.303   19.635  1.00 52.11 ? 9   PRO A CB    1 
ATOM   6    C CG    . PRO A 1 8   ? 4.136   1.467   20.284  1.00 54.83 ? 9   PRO A CG    1 
ATOM   7    C CD    . PRO A 1 8   ? 4.592   2.378   21.443  1.00 52.95 ? 9   PRO A CD    1 
ATOM   8    N N     . ALA A 1 9   ? 2.096   5.467   19.090  1.00 48.94 ? 10  ALA A N     1 
ATOM   9    C CA    . ALA A 1 9   ? 1.009   6.355   19.394  1.00 47.48 ? 10  ALA A CA    1 
ATOM   10   C C     . ALA A 1 9   ? -0.249  5.551   19.717  1.00 47.23 ? 10  ALA A C     1 
ATOM   11   O O     . ALA A 1 9   ? -1.127  6.137   20.344  1.00 48.36 ? 10  ALA A O     1 
ATOM   12   C CB    . ALA A 1 9   ? 0.727   7.249   18.220  1.00 44.07 ? 10  ALA A CB    1 
ATOM   13   N N     . PHE A 1 10  ? -0.413  4.258   19.343  1.00 46.39 ? 11  PHE A N     1 
ATOM   14   C CA    . PHE A 1 10  ? -1.627  3.480   19.624  1.00 44.60 ? 11  PHE A CA    1 
ATOM   15   C C     . PHE A 1 10  ? -1.361  2.049   20.048  1.00 45.11 ? 11  PHE A C     1 
ATOM   16   O O     . PHE A 1 10  ? -0.312  1.460   19.731  1.00 46.86 ? 11  PHE A O     1 
ATOM   17   C CB    . PHE A 1 10  ? -2.527  3.391   18.408  1.00 41.30 ? 11  PHE A CB    1 
ATOM   18   C CG    . PHE A 1 10  ? -2.797  4.741   17.744  1.00 40.06 ? 11  PHE A CG    1 
ATOM   19   C CD1   . PHE A 1 10  ? -3.861  5.519   18.141  1.00 36.68 ? 11  PHE A CD1   1 
ATOM   20   C CD2   . PHE A 1 10  ? -1.997  5.183   16.715  1.00 37.54 ? 11  PHE A CD2   1 
ATOM   21   C CE1   . PHE A 1 10  ? -4.108  6.713   17.502  1.00 28.86 ? 11  PHE A CE1   1 
ATOM   22   C CE2   . PHE A 1 10  ? -2.262  6.381   16.087  1.00 39.19 ? 11  PHE A CE2   1 
ATOM   23   C CZ    . PHE A 1 10  ? -3.324  7.148   16.481  1.00 27.98 ? 11  PHE A CZ    1 
ATOM   24   N N     . SER A 1 11  ? -2.267  1.491   20.848  1.00 46.12 ? 12  SER A N     1 
ATOM   25   C CA    . SER A 1 11  ? -2.261  0.066   21.185  1.00 46.44 ? 12  SER A CA    1 
ATOM   26   C C     . SER A 1 11  ? -2.963  -0.541  19.991  1.00 47.39 ? 12  SER A C     1 
ATOM   27   O O     . SER A 1 11  ? -3.894  0.062   19.439  1.00 47.64 ? 12  SER A O     1 
ATOM   28   C CB    . SER A 1 11  ? -3.103  -0.335  22.419  1.00 44.89 ? 12  SER A CB    1 
ATOM   29   O OG    . SER A 1 11  ? -3.066  -1.727  22.778  1.00 37.89 ? 12  SER A OG    1 
ATOM   30   N N     . PRO A 1 12  ? -2.573  -1.731  19.548  1.00 48.13 ? 13  PRO A N     1 
ATOM   31   C CA    . PRO A 1 12  ? -3.377  -2.531  18.619  1.00 49.15 ? 13  PRO A CA    1 
ATOM   32   C C     . PRO A 1 12  ? -4.874  -2.659  18.969  1.00 50.10 ? 13  PRO A C     1 
ATOM   33   O O     . PRO A 1 12  ? -5.698  -2.926  18.081  1.00 51.27 ? 13  PRO A O     1 
ATOM   34   C CB    . PRO A 1 12  ? -2.606  -3.833  18.563  1.00 46.81 ? 13  PRO A CB    1 
ATOM   35   C CG    . PRO A 1 12  ? -1.580  -3.752  19.679  1.00 48.71 ? 13  PRO A CG    1 
ATOM   36   C CD    . PRO A 1 12  ? -1.246  -2.284  19.754  1.00 44.95 ? 13  PRO A CD    1 
ATOM   37   N N     . ASP A 1 13  ? -5.328  -2.473  20.216  1.00 50.25 ? 14  ASP A N     1 
ATOM   38   C CA    . ASP A 1 13  ? -6.768  -2.340  20.474  1.00 51.19 ? 14  ASP A CA    1 
ATOM   39   C C     . ASP A 1 13  ? -7.190  -1.185  19.578  1.00 51.05 ? 14  ASP A C     1 
ATOM   40   O O     . ASP A 1 13  ? -7.723  -1.379  18.470  1.00 52.80 ? 14  ASP A O     1 
ATOM   41   C CB    . ASP A 1 13  ? -7.269  -2.903  21.814  1.00 56.39 ? 14  ASP A CB    1 
ATOM   42   C CG    . ASP A 1 13  ? -6.363  -3.919  22.497  1.00 62.33 ? 14  ASP A CG    1 
ATOM   43   O OD1   . ASP A 1 13  ? -6.455  -5.104  22.153  1.00 66.12 ? 14  ASP A OD1   1 
ATOM   44   O OD2   . ASP A 1 13  ? -5.577  -3.512  23.368  1.00 68.10 ? 14  ASP A OD2   1 
ATOM   45   N N     . GLN A 1 14  ? -7.023  0.020   20.083  1.00 49.23 ? 15  GLN A N     1 
ATOM   46   C CA    . GLN A 1 14  ? -7.421  1.270   19.440  1.00 47.85 ? 15  GLN A CA    1 
ATOM   47   C C     . GLN A 1 14  ? -7.332  1.190   17.947  1.00 44.88 ? 15  GLN A C     1 
ATOM   48   O O     . GLN A 1 14  ? -8.380  1.300   17.339  1.00 47.18 ? 15  GLN A O     1 
ATOM   49   C CB    . GLN A 1 14  ? -6.198  2.175   19.825  1.00 54.47 ? 15  GLN A CB    1 
ATOM   50   C CG    . GLN A 1 14  ? -6.250  3.156   20.995  1.00 58.55 ? 15  GLN A CG    1 
ATOM   51   C CD    . GLN A 1 14  ? -5.131  2.870   21.999  1.00 65.48 ? 15  GLN A CD    1 
ATOM   52   O OE1   . GLN A 1 14  ? -4.048  3.448   21.964  1.00 67.34 ? 15  GLN A OE1   1 
ATOM   53   N NE2   . GLN A 1 14  ? -5.246  1.909   22.901  1.00 67.39 ? 15  GLN A NE2   1 
ATOM   54   N N     . VAL A 1 15  ? -6.167  0.886   17.351  1.00 39.99 ? 16  VAL A N     1 
ATOM   55   C CA    . VAL A 1 15  ? -6.029  0.879   15.900  1.00 35.48 ? 16  VAL A CA    1 
ATOM   56   C C     . VAL A 1 15  ? -5.557  -0.494  15.366  1.00 31.28 ? 16  VAL A C     1 
ATOM   57   O O     . VAL A 1 15  ? -4.443  -0.927  15.702  1.00 30.20 ? 16  VAL A O     1 
ATOM   58   C CB    . VAL A 1 15  ? -5.061  2.068   15.574  1.00 34.35 ? 16  VAL A CB    1 
ATOM   59   C CG1   . VAL A 1 15  ? -4.678  2.175   14.116  1.00 34.05 ? 16  VAL A CG1   1 
ATOM   60   C CG2   . VAL A 1 15  ? -5.808  3.357   15.872  1.00 33.63 ? 16  VAL A CG2   1 
ATOM   61   N N     . SER A 1 16  ? -6.411  -1.199  14.605  1.00 25.70 ? 17  SER A N     1 
ATOM   62   C CA    . SER A 1 16  ? -6.073  -2.460  13.924  1.00 24.70 ? 17  SER A CA    1 
ATOM   63   C C     . SER A 1 16  ? -5.660  -2.081  12.514  1.00 21.34 ? 17  SER A C     1 
ATOM   64   O O     . SER A 1 16  ? -6.448  -1.467  11.769  1.00 21.13 ? 17  SER A O     1 
ATOM   65   C CB    . SER A 1 16  ? -7.261  -3.431  13.757  1.00 24.29 ? 17  SER A CB    1 
ATOM   66   O OG    . SER A 1 16  ? -7.998  -3.704  14.953  1.00 41.75 ? 17  SER A OG    1 
ATOM   67   N N     . VAL A 1 17  ? -4.429  -2.415  12.139  1.00 20.33 ? 18  VAL A N     1 
ATOM   68   C CA    . VAL A 1 17  ? -3.849  -2.111  10.812  1.00 17.68 ? 18  VAL A CA    1 
ATOM   69   C C     . VAL A 1 17  ? -3.473  -3.397  10.047  1.00 16.62 ? 18  VAL A C     1 
ATOM   70   O O     . VAL A 1 17  ? -2.789  -4.300  10.570  1.00 13.73 ? 18  VAL A O     1 
ATOM   71   C CB    . VAL A 1 17  ? -2.571  -1.187  11.017  1.00 19.37 ? 18  VAL A CB    1 
ATOM   72   C CG1   . VAL A 1 17  ? -1.716  -1.109  9.751   1.00 5.15  ? 18  VAL A CG1   1 
ATOM   73   C CG2   . VAL A 1 17  ? -3.050  0.222   11.392  1.00 13.80 ? 18  VAL A CG2   1 
ATOM   74   N N     . ILE A 1 18  ? -3.931  -3.486  8.803   1.00 14.50 ? 19  ILE A N     1 
ATOM   75   C CA    . ILE A 1 18  ? -3.483  -4.570  7.950   1.00 12.87 ? 19  ILE A CA    1 
ATOM   76   C C     . ILE A 1 18  ? -2.720  -3.860  6.855   1.00 9.63  ? 19  ILE A C     1 
ATOM   77   O O     . ILE A 1 18  ? -3.339  -2.995  6.231   1.00 9.71  ? 19  ILE A O     1 
ATOM   78   C CB    . ILE A 1 18  ? -4.663  -5.355  7.304   1.00 8.60  ? 19  ILE A CB    1 
ATOM   79   C CG1   . ILE A 1 18  ? -5.465  -6.074  8.398   1.00 13.54 ? 19  ILE A CG1   1 
ATOM   80   C CG2   . ILE A 1 18  ? -4.104  -6.329  6.267   1.00 3.64  ? 19  ILE A CG2   1 
ATOM   81   C CD1   . ILE A 1 18  ? -6.873  -6.428  7.942   1.00 9.87  ? 19  ILE A CD1   1 
ATOM   82   N N     . PHE A 1 19  ? -1.443  -4.178  6.608   1.00 9.79  ? 20  PHE A N     1 
ATOM   83   C CA    . PHE A 1 19  ? -0.712  -3.615  5.487   1.00 9.48  ? 20  PHE A CA    1 
ATOM   84   C C     . PHE A 1 19  ? -1.054  -4.390  4.227   1.00 11.20 ? 20  PHE A C     1 
ATOM   85   O O     . PHE A 1 19  ? -1.050  -5.617  4.269   1.00 11.36 ? 20  PHE A O     1 
ATOM   86   C CB    . PHE A 1 19  ? 0.785   -3.719  5.688   1.00 13.75 ? 20  PHE A CB    1 
ATOM   87   C CG    . PHE A 1 19  ? 1.302   -2.905  6.876   1.00 19.02 ? 20  PHE A CG    1 
ATOM   88   C CD1   . PHE A 1 19  ? 0.848   -1.614  7.127   1.00 18.00 ? 20  PHE A CD1   1 
ATOM   89   C CD2   . PHE A 1 19  ? 2.266   -3.448  7.701   1.00 16.71 ? 20  PHE A CD2   1 
ATOM   90   C CE1   . PHE A 1 19  ? 1.351   -0.881  8.183   1.00 16.57 ? 20  PHE A CE1   1 
ATOM   91   C CE2   . PHE A 1 19  ? 2.757   -2.689  8.758   1.00 17.41 ? 20  PHE A CE2   1 
ATOM   92   C CZ    . PHE A 1 19  ? 2.310   -1.421  9.001   1.00 13.78 ? 20  PHE A CZ    1 
ATOM   93   N N     . VAL A 1 20  ? -1.372  -3.802  3.092   1.00 9.24  ? 21  VAL A N     1 
ATOM   94   C CA    . VAL A 1 20  ? -1.745  -4.538  1.914   1.00 9.76  ? 21  VAL A CA    1 
ATOM   95   C C     . VAL A 1 20  ? -0.637  -4.291  0.930   1.00 8.73  ? 21  VAL A C     1 
ATOM   96   O O     . VAL A 1 20  ? -0.484  -3.164  0.441   1.00 10.01 ? 21  VAL A O     1 
ATOM   97   C CB    . VAL A 1 20  ? -3.132  -4.052  1.375   1.00 11.76 ? 21  VAL A CB    1 
ATOM   98   C CG1   . VAL A 1 20  ? -3.491  -4.847  0.091   1.00 12.88 ? 21  VAL A CG1   1 
ATOM   99   C CG2   . VAL A 1 20  ? -4.218  -4.276  2.428   1.00 6.02  ? 21  VAL A CG2   1 
ATOM   100  N N     . LEU A 1 21  ? 0.172   -5.315  0.698   1.00 9.92  ? 22  LEU A N     1 
ATOM   101  C CA    . LEU A 1 21  ? 1.383   -5.198  -0.089  1.00 11.57 ? 22  LEU A CA    1 
ATOM   102  C C     . LEU A 1 21  ? 1.397   -5.962  -1.394  1.00 13.22 ? 22  LEU A C     1 
ATOM   103  O O     . LEU A 1 21  ? 0.496   -6.758  -1.655  1.00 15.01 ? 22  LEU A O     1 
ATOM   104  C CB    . LEU A 1 21  ? 2.567   -5.611  0.774   1.00 11.25 ? 22  LEU A CB    1 
ATOM   105  C CG    . LEU A 1 21  ? 2.801   -4.685  1.960   1.00 10.29 ? 22  LEU A CG    1 
ATOM   106  C CD1   . LEU A 1 21  ? 3.940   -5.183  2.809   1.00 9.46  ? 22  LEU A CD1   1 
ATOM   107  C CD2   . LEU A 1 21  ? 3.127   -3.295  1.431   1.00 16.48 ? 22  LEU A CD2   1 
ATOM   108  N N     . GLY A 1 22  ? 2.373   -5.663  -2.252  1.00 15.35 ? 23  GLY A N     1 
ATOM   109  C CA    . GLY A 1 22  ? 2.462   -6.205  -3.607  1.00 14.09 ? 23  GLY A CA    1 
ATOM   110  C C     . GLY A 1 22  ? 3.041   -5.239  -4.651  1.00 14.00 ? 23  GLY A C     1 
ATOM   111  O O     . GLY A 1 22  ? 3.118   -4.033  -4.465  1.00 15.37 ? 23  GLY A O     1 
ATOM   112  N N     . GLY A 1 23  ? 3.471   -5.721  -5.806  1.00 13.08 ? 24  GLY A N     1 
ATOM   113  C CA    . GLY A 1 23  ? 4.106   -4.895  -6.794  1.00 12.08 ? 24  GLY A CA    1 
ATOM   114  C C     . GLY A 1 23  ? 3.096   -4.045  -7.493  1.00 12.08 ? 24  GLY A C     1 
ATOM   115  O O     . GLY A 1 23  ? 1.882   -4.215  -7.324  1.00 9.51  ? 24  GLY A O     1 
ATOM   116  N N     . PRO A 1 24  ? 3.582   -3.161  -8.346  1.00 10.84 ? 25  PRO A N     1 
ATOM   117  C CA    . PRO A 1 24  ? 2.699   -2.215  -9.012  1.00 11.95 ? 25  PRO A CA    1 
ATOM   118  C C     . PRO A 1 24  ? 1.692   -2.939  -9.915  1.00 11.80 ? 25  PRO A C     1 
ATOM   119  O O     . PRO A 1 24  ? 2.169   -3.781  -10.688 1.00 11.16 ? 25  PRO A O     1 
ATOM   120  C CB    . PRO A 1 24  ? 3.700   -1.292  -9.719  1.00 11.51 ? 25  PRO A CB    1 
ATOM   121  C CG    . PRO A 1 24  ? 4.976   -2.070  -9.891  1.00 8.76  ? 25  PRO A CG    1 
ATOM   122  C CD    . PRO A 1 24  ? 4.991   -2.897  -8.602  1.00 9.66  ? 25  PRO A CD    1 
ATOM   123  N N     . GLY A 1 25  ? 0.373   -2.706  -9.887  1.00 10.11 ? 26  GLY A N     1 
ATOM   124  C CA    . GLY A 1 25  ? -0.559  -3.369  -10.796 1.00 10.09 ? 26  GLY A CA    1 
ATOM   125  C C     . GLY A 1 25  ? -0.963  -4.766  -10.345 1.00 10.86 ? 26  GLY A C     1 
ATOM   126  O O     . GLY A 1 25  ? -1.542  -5.511  -11.118 1.00 11.00 ? 26  GLY A O     1 
ATOM   127  N N     . ALA A 1 26  ? -0.691  -5.148  -9.095  1.00 11.15 ? 27  ALA A N     1 
ATOM   128  C CA    . ALA A 1 26  ? -0.961  -6.453  -8.574  1.00 10.38 ? 27  ALA A CA    1 
ATOM   129  C C     . ALA A 1 26  ? -2.394  -6.544  -8.149  1.00 13.34 ? 27  ALA A C     1 
ATOM   130  O O     . ALA A 1 26  ? -2.820  -7.671  -7.863  1.00 15.27 ? 27  ALA A O     1 
ATOM   131  C CB    . ALA A 1 26  ? -0.167  -6.801  -7.331  1.00 3.14  ? 27  ALA A CB    1 
ATOM   132  N N     . GLY A 1 27  ? -3.107  -5.418  -8.023  1.00 12.61 ? 28  GLY A N     1 
ATOM   133  C CA    . GLY A 1 27  ? -4.520  -5.422  -7.702  1.00 10.32 ? 28  GLY A CA    1 
ATOM   134  C C     . GLY A 1 27  ? -4.820  -4.904  -6.310  1.00 9.87  ? 28  GLY A C     1 
ATOM   135  O O     . GLY A 1 27  ? -5.960  -5.115  -5.876  1.00 10.97 ? 28  GLY A O     1 
ATOM   136  N N     . LYS A 1 28  ? -3.904  -4.205  -5.606  1.00 8.59  ? 29  LYS A N     1 
ATOM   137  C CA    . LYS A 1 28  ? -4.085  -3.743  -4.222  1.00 8.28  ? 29  LYS A CA    1 
ATOM   138  C C     . LYS A 1 28  ? -5.227  -2.772  -4.141  1.00 8.28  ? 29  LYS A C     1 
ATOM   139  O O     . LYS A 1 28  ? -6.193  -2.994  -3.400  1.00 13.17 ? 29  LYS A O     1 
ATOM   140  C CB    . LYS A 1 28  ? -2.847  -3.064  -3.745  1.00 6.74  ? 29  LYS A CB    1 
ATOM   141  C CG    . LYS A 1 28  ? -1.644  -4.018  -3.822  1.00 10.08 ? 29  LYS A CG    1 
ATOM   142  C CD    . LYS A 1 28  ? -0.396  -3.383  -3.283  1.00 8.50  ? 29  LYS A CD    1 
ATOM   143  C CE    . LYS A 1 28  ? -0.081  -2.090  -4.008  1.00 9.71  ? 29  LYS A CE    1 
ATOM   144  N NZ    . LYS A 1 28  ? 0.353   -2.367  -5.367  1.00 12.90 ? 29  LYS A NZ    1 
ATOM   145  N N     . GLY A 1 29  ? -5.207  -1.767  -5.003  1.00 7.31  ? 30  GLY A N     1 
ATOM   146  C CA    . GLY A 1 29  ? -6.259  -0.784  -5.065  1.00 5.87  ? 30  GLY A CA    1 
ATOM   147  C C     . GLY A 1 29  ? -7.579  -1.423  -5.335  1.00 8.01  ? 30  GLY A C     1 
ATOM   148  O O     . GLY A 1 29  ? -8.578  -1.182  -4.651  1.00 8.53  ? 30  GLY A O     1 
ATOM   149  N N     . THR A 1 30  ? -7.618  -2.286  -6.317  1.00 8.88  ? 31  THR A N     1 
ATOM   150  C CA    . THR A 1 30  ? -8.856  -2.999  -6.624  1.00 12.27 ? 31  THR A CA    1 
ATOM   151  C C     . THR A 1 30  ? -9.454  -3.825  -5.472  1.00 11.57 ? 31  THR A C     1 
ATOM   152  O O     . THR A 1 30  ? -10.659 -3.735  -5.159  1.00 14.08 ? 31  THR A O     1 
ATOM   153  C CB    . THR A 1 30  ? -8.611  -3.915  -7.885  1.00 15.03 ? 31  THR A CB    1 
ATOM   154  O OG1   . THR A 1 30  ? -8.373  -2.979  -8.911  1.00 9.85  ? 31  THR A OG1   1 
ATOM   155  C CG2   . THR A 1 30  ? -9.788  -4.788  -8.373  1.00 17.25 ? 31  THR A CG2   1 
ATOM   156  N N     . GLN A 1 31  ? -8.671  -4.621  -4.764  1.00 12.18 ? 32  GLN A N     1 
ATOM   157  C CA    . GLN A 1 31  ? -9.205  -5.466  -3.724  1.00 10.18 ? 32  GLN A CA    1 
ATOM   158  C C     . GLN A 1 31  ? -9.651  -4.676  -2.516  1.00 12.12 ? 32  GLN A C     1 
ATOM   159  O O     . GLN A 1 31  ? -10.689 -4.994  -1.920  1.00 11.47 ? 32  GLN A O     1 
ATOM   160  C CB    . GLN A 1 31  ? -8.138  -6.519  -3.370  1.00 7.23  ? 32  GLN A CB    1 
ATOM   161  C CG    . GLN A 1 31  ? -8.046  -7.569  -4.563  1.00 6.58  ? 32  GLN A CG    1 
ATOM   162  C CD    . GLN A 1 31  ? -9.377  -8.232  -4.958  1.00 9.11  ? 32  GLN A CD    1 
ATOM   163  O OE1   . GLN A 1 31  ? -9.753  -8.441  -6.111  1.00 12.28 ? 32  GLN A OE1   1 
ATOM   164  N NE2   . GLN A 1 31  ? -10.202 -8.599  -4.023  1.00 6.91  ? 32  GLN A NE2   1 
ATOM   165  N N     . CYS A 1 32  ? -8.921  -3.599  -2.197  1.00 11.94 ? 33  CYS A N     1 
ATOM   166  C CA    . CYS A 1 32  ? -9.254  -2.761  -1.042  1.00 11.70 ? 33  CYS A CA    1 
ATOM   167  C C     . CYS A 1 32  ? -10.581 -2.021  -1.188  1.00 11.35 ? 33  CYS A C     1 
ATOM   168  O O     . CYS A 1 32  ? -11.397 -1.908  -0.263  1.00 10.72 ? 33  CYS A O     1 
ATOM   169  C CB    . CYS A 1 32  ? -8.100  -1.788  -0.818  1.00 10.55 ? 33  CYS A CB    1 
ATOM   170  S SG    . CYS A 1 32  ? -6.606  -2.525  -0.099  1.00 12.64 ? 33  CYS A SG    1 
ATOM   171  N N     . GLU A 1 33  ? -10.849 -1.538  -2.387  1.00 13.44 ? 34  GLU A N     1 
ATOM   172  C CA    . GLU A 1 33  ? -12.096 -0.892  -2.670  1.00 14.69 ? 34  GLU A CA    1 
ATOM   173  C C     . GLU A 1 33  ? -13.261 -1.872  -2.629  1.00 16.23 ? 34  GLU A C     1 
ATOM   174  O O     . GLU A 1 33  ? -14.342 -1.475  -2.227  1.00 17.72 ? 34  GLU A O     1 
ATOM   175  C CB    . GLU A 1 33  ? -11.968 -0.232  -4.015  1.00 18.21 ? 34  GLU A CB    1 
ATOM   176  C CG    . GLU A 1 33  ? -11.197 1.083   -3.890  1.00 23.19 ? 34  GLU A CG    1 
ATOM   177  C CD    . GLU A 1 33  ? -11.790 2.125   -2.923  1.00 30.67 ? 34  GLU A CD    1 
ATOM   178  O OE1   . GLU A 1 33  ? -12.796 2.762   -3.264  1.00 38.07 ? 34  GLU A OE1   1 
ATOM   179  O OE2   . GLU A 1 33  ? -11.257 2.310   -1.824  1.00 32.81 ? 34  GLU A OE2   1 
ATOM   180  N N     . LYS A 1 34  ? -13.117 -3.159  -2.932  1.00 16.09 ? 35  LYS A N     1 
ATOM   181  C CA    . LYS A 1 34  ? -14.178 -4.135  -2.722  1.00 12.70 ? 35  LYS A CA    1 
ATOM   182  C C     . LYS A 1 34  ? -14.299 -4.416  -1.254  1.00 11.08 ? 35  LYS A C     1 
ATOM   183  O O     . LYS A 1 34  ? -15.388 -4.400  -0.702  1.00 11.52 ? 35  LYS A O     1 
ATOM   184  C CB    . LYS A 1 34  ? -13.860 -5.449  -3.418  1.00 13.48 ? 35  LYS A CB    1 
ATOM   185  C CG    . LYS A 1 34  ? -13.944 -5.247  -4.896  1.00 8.92  ? 35  LYS A CG    1 
ATOM   186  C CD    . LYS A 1 34  ? -13.502 -6.468  -5.722  1.00 13.37 ? 35  LYS A CD    1 
ATOM   187  C CE    . LYS A 1 34  ? -14.457 -7.612  -5.519  1.00 16.90 ? 35  LYS A CE    1 
ATOM   188  N NZ    . LYS A 1 34  ? -15.864 -7.248  -5.655  1.00 19.89 ? 35  LYS A NZ    1 
ATOM   189  N N     . LEU A 1 35  ? -13.210 -4.650  -0.571  1.00 11.54 ? 36  LEU A N     1 
ATOM   190  C CA    . LEU A 1 35  ? -13.281 -4.891  0.855   1.00 12.25 ? 36  LEU A CA    1 
ATOM   191  C C     . LEU A 1 35  ? -13.969 -3.840  1.631   1.00 11.78 ? 36  LEU A C     1 
ATOM   192  O O     . LEU A 1 35  ? -14.739 -4.195  2.519   1.00 13.89 ? 36  LEU A O     1 
ATOM   193  C CB    . LEU A 1 35  ? -11.935 -5.037  1.503   1.00 11.00 ? 36  LEU A CB    1 
ATOM   194  C CG    . LEU A 1 35  ? -11.161 -6.309  1.185   1.00 13.45 ? 36  LEU A CG    1 
ATOM   195  C CD1   . LEU A 1 35  ? -9.704  -6.156  1.553   1.00 8.47  ? 36  LEU A CD1   1 
ATOM   196  C CD2   . LEU A 1 35  ? -11.828 -7.474  1.916   1.00 9.01  ? 36  LEU A CD2   1 
ATOM   197  N N     . VAL A 1 36  ? -13.813 -2.554  1.349   1.00 13.63 ? 37  VAL A N     1 
ATOM   198  C CA    . VAL A 1 36  ? -14.484 -1.557  2.165   1.00 13.40 ? 37  VAL A CA    1 
ATOM   199  C C     . VAL A 1 36  ? -16.004 -1.616  1.944   1.00 15.42 ? 37  VAL A C     1 
ATOM   200  O O     . VAL A 1 36  ? -16.769 -1.069  2.744   1.00 15.49 ? 37  VAL A O     1 
ATOM   201  C CB    . VAL A 1 36  ? -13.979 -0.113  1.897   1.00 11.63 ? 37  VAL A CB    1 
ATOM   202  C CG1   . VAL A 1 36  ? -12.529 -0.156  2.271   1.00 12.24 ? 37  VAL A CG1   1 
ATOM   203  C CG2   . VAL A 1 36  ? -14.194 0.389   0.504   1.00 13.97 ? 37  VAL A CG2   1 
ATOM   204  N N     . LYS A 1 37  ? -16.511 -2.369  0.959   1.00 14.43 ? 38  LYS A N     1 
ATOM   205  C CA    . LYS A 1 37  ? -17.941 -2.516  0.805   1.00 16.24 ? 38  LYS A CA    1 
ATOM   206  C C     . LYS A 1 37  ? -18.450 -3.539  1.801   1.00 17.76 ? 38  LYS A C     1 
ATOM   207  O O     . LYS A 1 37  ? -19.497 -3.361  2.398   1.00 19.68 ? 38  LYS A O     1 
ATOM   208  C CB    . LYS A 1 37  ? -18.280 -2.978  -0.583  1.00 18.07 ? 38  LYS A CB    1 
ATOM   209  C CG    . LYS A 1 37  ? -18.027 -1.797  -1.497  1.00 26.03 ? 38  LYS A CG    1 
ATOM   210  C CD    . LYS A 1 37  ? -18.102 -2.228  -2.952  1.00 38.92 ? 38  LYS A CD    1 
ATOM   211  C CE    . LYS A 1 37  ? -19.556 -2.278  -3.416  1.00 51.81 ? 38  LYS A CE    1 
ATOM   212  N NZ    . LYS A 1 37  ? -20.180 -0.956  -3.330  1.00 55.34 ? 38  LYS A NZ    1 
ATOM   213  N N     . ASP A 1 38  ? -17.685 -4.567  2.089   1.00 17.04 ? 39  ASP A N     1 
ATOM   214  C CA    . ASP A 1 38  ? -18.126 -5.608  2.947   1.00 17.14 ? 39  ASP A CA    1 
ATOM   215  C C     . ASP A 1 38  ? -17.670 -5.543  4.394   1.00 16.41 ? 39  ASP A C     1 
ATOM   216  O O     . ASP A 1 38  ? -18.223 -6.230  5.275   1.00 16.75 ? 39  ASP A O     1 
ATOM   217  C CB    . ASP A 1 38  ? -17.678 -6.901  2.241   1.00 21.98 ? 39  ASP A CB    1 
ATOM   218  C CG    . ASP A 1 38  ? -18.421 -7.207  0.941   1.00 22.43 ? 39  ASP A CG    1 
ATOM   219  O OD1   . ASP A 1 38  ? -19.595 -6.861  0.820   1.00 24.31 ? 39  ASP A OD1   1 
ATOM   220  O OD2   . ASP A 1 38  ? -17.835 -7.791  0.041   1.00 20.96 ? 39  ASP A OD2   1 
ATOM   221  N N     . TYR A 1 39  ? -16.634 -4.748  4.678   1.00 14.30 ? 40  TYR A N     1 
ATOM   222  C CA    . TYR A 1 39  ? -16.069 -4.736  5.993   1.00 12.54 ? 40  TYR A CA    1 
ATOM   223  C C     . TYR A 1 39  ? -15.995 -3.318  6.509   1.00 11.48 ? 40  TYR A C     1 
ATOM   224  O O     . TYR A 1 39  ? -16.108 -2.412  5.710   1.00 13.14 ? 40  TYR A O     1 
ATOM   225  C CB    . TYR A 1 39  ? -14.681 -5.363  5.962   1.00 14.21 ? 40  TYR A CB    1 
ATOM   226  C CG    . TYR A 1 39  ? -14.616 -6.832  5.579   1.00 13.20 ? 40  TYR A CG    1 
ATOM   227  C CD1   . TYR A 1 39  ? -14.658 -7.156  4.239   1.00 14.78 ? 40  TYR A CD1   1 
ATOM   228  C CD2   . TYR A 1 39  ? -14.571 -7.821  6.549   1.00 17.68 ? 40  TYR A CD2   1 
ATOM   229  C CE1   . TYR A 1 39  ? -14.672 -8.460  3.842   1.00 18.54 ? 40  TYR A CE1   1 
ATOM   230  C CE2   . TYR A 1 39  ? -14.576 -9.137  6.153   1.00 15.01 ? 40  TYR A CE2   1 
ATOM   231  C CZ    . TYR A 1 39  ? -14.629 -9.435  4.809   1.00 15.67 ? 40  TYR A CZ    1 
ATOM   232  O OH    . TYR A 1 39  ? -14.647 -10.742 4.383   1.00 18.89 ? 40  TYR A OH    1 
ATOM   233  N N     . SER A 1 40  ? -15.728 -3.106  7.785   1.00 10.39 ? 41  SER A N     1 
ATOM   234  C CA    . SER A 1 40  ? -15.759 -1.792  8.388   1.00 15.11 ? 41  SER A CA    1 
ATOM   235  C C     . SER A 1 40  ? -14.419 -1.056  8.285   1.00 16.20 ? 41  SER A C     1 
ATOM   236  O O     . SER A 1 40  ? -14.143 -0.107  9.025   1.00 20.62 ? 41  SER A O     1 
ATOM   237  C CB    . SER A 1 40  ? -16.115 -1.947  9.834   1.00 8.11  ? 41  SER A CB    1 
ATOM   238  O OG    . SER A 1 40  ? -15.019 -2.502  10.559  1.00 15.97 ? 41  SER A OG    1 
ATOM   239  N N     . PHE A 1 41  ? -13.544 -1.498  7.402   1.00 16.80 ? 42  PHE A N     1 
ATOM   240  C CA    . PHE A 1 41  ? -12.191 -1.019  7.344   1.00 15.19 ? 42  PHE A CA    1 
ATOM   241  C C     . PHE A 1 41  ? -12.224 0.231   6.554   1.00 14.82 ? 42  PHE A C     1 
ATOM   242  O O     . PHE A 1 41  ? -13.049 0.308   5.646   1.00 16.35 ? 42  PHE A O     1 
ATOM   243  C CB    . PHE A 1 41  ? -11.268 -1.922  6.586   1.00 17.48 ? 42  PHE A CB    1 
ATOM   244  C CG    . PHE A 1 41  ? -11.080 -3.285  7.164   1.00 20.06 ? 42  PHE A CG    1 
ATOM   245  C CD1   . PHE A 1 41  ? -10.514 -3.424  8.409   1.00 24.26 ? 42  PHE A CD1   1 
ATOM   246  C CD2   . PHE A 1 41  ? -11.491 -4.361  6.428   1.00 18.28 ? 42  PHE A CD2   1 
ATOM   247  C CE1   . PHE A 1 41  ? -10.358 -4.683  8.937   1.00 29.96 ? 42  PHE A CE1   1 
ATOM   248  C CE2   . PHE A 1 41  ? -11.324 -5.613  6.975   1.00 25.31 ? 42  PHE A CE2   1 
ATOM   249  C CZ    . PHE A 1 41  ? -10.764 -5.773  8.220   1.00 29.75 ? 42  PHE A CZ    1 
ATOM   250  N N     . VAL A 1 42  ? -11.299 1.109   6.884   1.00 13.47 ? 43  VAL A N     1 
ATOM   251  C CA    . VAL A 1 42  ? -11.100 2.323   6.155   1.00 12.20 ? 43  VAL A CA    1 
ATOM   252  C C     . VAL A 1 42  ? -9.881  2.010   5.318   1.00 10.90 ? 43  VAL A C     1 
ATOM   253  O O     . VAL A 1 42  ? -8.916  1.476   5.831   1.00 9.89  ? 43  VAL A O     1 
ATOM   254  C CB    . VAL A 1 42  ? -10.808 3.466   7.144   1.00 17.72 ? 43  VAL A CB    1 
ATOM   255  C CG1   . VAL A 1 42  ? -10.313 4.678   6.366   1.00 25.41 ? 43  VAL A CG1   1 
ATOM   256  C CG2   . VAL A 1 42  ? -12.088 3.940   7.845   1.00 15.46 ? 43  VAL A CG2   1 
ATOM   257  N N     . HIS A 1 43  ? -9.862  2.400   4.064   1.00 10.35 ? 44  HIS A N     1 
ATOM   258  C CA    . HIS A 1 43  ? -8.747  2.210   3.172   1.00 11.18 ? 44  HIS A CA    1 
ATOM   259  C C     . HIS A 1 43  ? -7.916  3.486   2.980   1.00 10.21 ? 44  HIS A C     1 
ATOM   260  O O     . HIS A 1 43  ? -8.404  4.512   2.515   1.00 12.27 ? 44  HIS A O     1 
ATOM   261  C CB    . HIS A 1 43  ? -9.336  1.735   1.899   1.00 10.14 ? 44  HIS A CB    1 
ATOM   262  C CG    . HIS A 1 43  ? -8.396  1.612   0.742   1.00 12.86 ? 44  HIS A CG    1 
ATOM   263  N ND1   . HIS A 1 43  ? -8.745  1.853   -0.515  1.00 7.60  ? 44  HIS A ND1   1 
ATOM   264  C CD2   . HIS A 1 43  ? -7.064  1.289   0.800   1.00 15.19 ? 44  HIS A CD2   1 
ATOM   265  C CE1   . HIS A 1 43  ? -7.661  1.698   -1.254  1.00 7.54  ? 44  HIS A CE1   1 
ATOM   266  N NE2   . HIS A 1 43  ? -6.658  1.369   -0.446  1.00 14.27 ? 44  HIS A NE2   1 
ATOM   267  N N     . LEU A 1 44  ? -6.635  3.421   3.260   1.00 9.43  ? 45  LEU A N     1 
ATOM   268  C CA    . LEU A 1 44  ? -5.723  4.528   3.094   1.00 11.27 ? 45  LEU A CA    1 
ATOM   269  C C     . LEU A 1 44  ? -4.723  4.059   2.045   1.00 11.41 ? 45  LEU A C     1 
ATOM   270  O O     . LEU A 1 44  ? -4.112  3.031   2.267   1.00 12.40 ? 45  LEU A O     1 
ATOM   271  C CB    . LEU A 1 44  ? -5.046  4.780   4.443   1.00 9.38  ? 45  LEU A CB    1 
ATOM   272  C CG    . LEU A 1 44  ? -5.649  5.780   5.456   1.00 13.86 ? 45  LEU A CG    1 
ATOM   273  C CD1   . LEU A 1 44  ? -7.121  5.912   5.279   1.00 14.88 ? 45  LEU A CD1   1 
ATOM   274  C CD2   . LEU A 1 44  ? -5.255  5.372   6.850   1.00 15.49 ? 45  LEU A CD2   1 
ATOM   275  N N     . SER A 1 45  ? -4.538  4.684   0.891   1.00 10.62 ? 46  SER A N     1 
ATOM   276  C CA    . SER A 1 45  ? -3.545  4.335   -0.077  1.00 9.79  ? 46  SER A CA    1 
ATOM   277  C C     . SER A 1 45  ? -2.428  5.351   0.119   1.00 11.31 ? 46  SER A C     1 
ATOM   278  O O     . SER A 1 45  ? -2.691  6.564   0.018   1.00 11.77 ? 46  SER A O     1 
ATOM   279  C CB    . SER A 1 45  ? -4.110  4.447   -1.513  1.00 7.50  ? 46  SER A CB    1 
ATOM   280  O OG    . SER A 1 45  ? -3.094  4.595   -2.530  1.00 10.27 ? 46  SER A OG    1 
ATOM   281  N N     . ALA A 1 46  ? -1.204  4.844   0.292   1.00 10.76 ? 47  ALA A N     1 
ATOM   282  C CA    . ALA A 1 46  ? -0.060  5.676   0.484   1.00 11.13 ? 47  ALA A CA    1 
ATOM   283  C C     . ALA A 1 46  ? 0.191   6.427   -0.811  1.00 11.84 ? 47  ALA A C     1 
ATOM   284  O O     . ALA A 1 46  ? 0.398   7.648   -0.751  1.00 14.19 ? 47  ALA A O     1 
ATOM   285  C CB    . ALA A 1 46  ? 1.126   4.827   0.839   1.00 10.18 ? 47  ALA A CB    1 
ATOM   286  N N     . GLY A 1 47  ? 0.082   5.901   -2.014  1.00 9.92  ? 48  GLY A N     1 
ATOM   287  C CA    . GLY A 1 47  ? 0.309   6.676   -3.217  1.00 8.99  ? 48  GLY A CA    1 
ATOM   288  C C     . GLY A 1 47  ? -0.747  7.767   -3.440  1.00 13.27 ? 48  GLY A C     1 
ATOM   289  O O     . GLY A 1 47  ? -0.497  8.825   -4.058  1.00 15.69 ? 48  GLY A O     1 
ATOM   290  N N     . ASP A 1 48  ? -1.978  7.563   -2.989  1.00 11.17 ? 49  ASP A N     1 
ATOM   291  C CA    . ASP A 1 48  ? -2.986  8.588   -3.078  1.00 12.22 ? 49  ASP A CA    1 
ATOM   292  C C     . ASP A 1 48  ? -2.708  9.749   -2.126  1.00 12.70 ? 49  ASP A C     1 
ATOM   293  O O     . ASP A 1 48  ? -2.910  10.907  -2.510  1.00 11.63 ? 49  ASP A O     1 
ATOM   294  C CB    . ASP A 1 48  ? -4.344  8.074   -2.698  1.00 14.78 ? 49  ASP A CB    1 
ATOM   295  C CG    . ASP A 1 48  ? -5.120  7.312   -3.753  1.00 20.06 ? 49  ASP A CG    1 
ATOM   296  O OD1   . ASP A 1 48  ? -4.683  7.199   -4.918  1.00 13.05 ? 49  ASP A OD1   1 
ATOM   297  O OD2   . ASP A 1 48  ? -6.193  6.831   -3.355  1.00 27.40 ? 49  ASP A OD2   1 
ATOM   298  N N     . LEU A 1 49  ? -2.308  9.469   -0.870  1.00 12.12 ? 50  LEU A N     1 
ATOM   299  C CA    . LEU A 1 49  ? -1.955  10.521  0.078   1.00 11.93 ? 50  LEU A CA    1 
ATOM   300  C C     . LEU A 1 49  ? -0.795  11.339  -0.501  1.00 12.43 ? 50  LEU A C     1 
ATOM   301  O O     . LEU A 1 49  ? -0.708  12.569  -0.330  1.00 12.33 ? 50  LEU A O     1 
ATOM   302  C CB    . LEU A 1 49  ? -1.537  9.900   1.426   1.00 10.64 ? 50  LEU A CB    1 
ATOM   303  C CG    . LEU A 1 49  ? -2.671  9.158   2.133   1.00 12.55 ? 50  LEU A CG    1 
ATOM   304  C CD1   . LEU A 1 49  ? -2.177  8.448   3.325   1.00 15.27 ? 50  LEU A CD1   1 
ATOM   305  C CD2   . LEU A 1 49  ? -3.702  10.138  2.630   1.00 17.91 ? 50  LEU A CD2   1 
ATOM   306  N N     . LEU A 1 50  ? 0.106   10.685  -1.224  1.00 12.84 ? 51  LEU A N     1 
ATOM   307  C CA    . LEU A 1 50  ? 1.238   11.373  -1.811  1.00 11.65 ? 51  LEU A CA    1 
ATOM   308  C C     . LEU A 1 50  ? 0.852   12.201  -2.988  1.00 11.24 ? 51  LEU A C     1 
ATOM   309  O O     . LEU A 1 50  ? 1.306   13.321  -3.116  1.00 12.97 ? 51  LEU A O     1 
ATOM   310  C CB    . LEU A 1 50  ? 2.286   10.419  -2.279  1.00 10.22 ? 51  LEU A CB    1 
ATOM   311  C CG    . LEU A 1 50  ? 3.055   9.796   -1.158  1.00 13.37 ? 51  LEU A CG    1 
ATOM   312  C CD1   . LEU A 1 50  ? 3.764   8.600   -1.747  1.00 12.28 ? 51  LEU A CD1   1 
ATOM   313  C CD2   . LEU A 1 50  ? 3.955   10.816  -0.470  1.00 4.65  ? 51  LEU A CD2   1 
ATOM   314  N N     . ARG A 1 51  ? 0.034   11.706  -3.912  1.00 13.43 ? 52  ARG A N     1 
ATOM   315  C CA    . ARG A 1 51  ? -0.403  12.495  -5.058  1.00 11.70 ? 52  ARG A CA    1 
ATOM   316  C C     . ARG A 1 51  ? -1.272  13.671  -4.655  1.00 12.65 ? 52  ARG A C     1 
ATOM   317  O O     . ARG A 1 51  ? -1.292  14.688  -5.344  1.00 14.48 ? 52  ARG A O     1 
ATOM   318  C CB    . ARG A 1 51  ? -1.155  11.625  -5.985  1.00 9.70  ? 52  ARG A CB    1 
ATOM   319  C CG    . ARG A 1 51  ? -0.262  10.667  -6.786  1.00 8.98  ? 52  ARG A CG    1 
ATOM   320  C CD    . ARG A 1 51  ? -1.220  9.870   -7.718  1.00 13.26 ? 52  ARG A CD    1 
ATOM   321  N NE    . ARG A 1 51  ? -1.974  8.764   -7.075  1.00 10.20 ? 52  ARG A NE    1 
ATOM   322  C CZ    . ARG A 1 51  ? -1.434  7.560   -6.894  1.00 9.52  ? 52  ARG A CZ    1 
ATOM   323  N NH1   . ARG A 1 51  ? -0.180  7.316   -7.284  1.00 6.35  ? 52  ARG A NH1   1 
ATOM   324  N NH2   . ARG A 1 51  ? -2.180  6.633   -6.307  1.00 5.53  ? 52  ARG A NH2   1 
ATOM   325  N N     . ALA A 1 52  ? -1.969  13.587  -3.524  1.00 13.27 ? 53  ALA A N     1 
ATOM   326  C CA    . ALA A 1 52  ? -2.764  14.685  -3.027  1.00 14.79 ? 53  ALA A CA    1 
ATOM   327  C C     . ALA A 1 52  ? -1.837  15.759  -2.419  1.00 15.71 ? 53  ALA A C     1 
ATOM   328  O O     . ALA A 1 52  ? -2.052  16.958  -2.663  1.00 16.42 ? 53  ALA A O     1 
ATOM   329  C CB    . ALA A 1 52  ? -3.741  14.147  -1.972  1.00 10.05 ? 53  ALA A CB    1 
ATOM   330  N N     . GLU A 1 53  ? -0.774  15.409  -1.685  1.00 13.80 ? 54  GLU A N     1 
ATOM   331  C CA    . GLU A 1 53  ? 0.146   16.399  -1.194  1.00 13.42 ? 54  GLU A CA    1 
ATOM   332  C C     . GLU A 1 53  ? 0.881   17.096  -2.330  1.00 14.66 ? 54  GLU A C     1 
ATOM   333  O O     . GLU A 1 53  ? 1.117   18.318  -2.336  1.00 13.70 ? 54  GLU A O     1 
ATOM   334  C CB    . GLU A 1 53  ? 1.134   15.719  -0.274  1.00 15.82 ? 54  GLU A CB    1 
ATOM   335  C CG    . GLU A 1 53  ? 2.234   16.609  0.252   1.00 13.05 ? 54  GLU A CG    1 
ATOM   336  C CD    . GLU A 1 53  ? 1.779   17.785  1.090   1.00 11.89 ? 54  GLU A CD    1 
ATOM   337  O OE1   . GLU A 1 53  ? 0.660   17.783  1.597   1.00 15.34 ? 54  GLU A OE1   1 
ATOM   338  O OE2   . GLU A 1 53  ? 2.569   18.696  1.284   1.00 18.56 ? 54  GLU A OE2   1 
ATOM   339  N N     . GLN A 1 54  ? 1.244   16.302  -3.334  1.00 14.96 ? 55  GLN A N     1 
ATOM   340  C CA    . GLN A 1 54  ? 1.984   16.819  -4.458  1.00 11.90 ? 55  GLN A CA    1 
ATOM   341  C C     . GLN A 1 54  ? 1.169   17.944  -5.117  1.00 14.24 ? 55  GLN A C     1 
ATOM   342  O O     . GLN A 1 54  ? 1.732   18.929  -5.616  1.00 16.19 ? 55  GLN A O     1 
ATOM   343  C CB    . GLN A 1 54  ? 2.195   15.701  -5.429  1.00 3.53  ? 55  GLN A CB    1 
ATOM   344  C CG    . GLN A 1 54  ? 2.795   16.177  -6.751  1.00 10.76 ? 55  GLN A CG    1 
ATOM   345  C CD    . GLN A 1 54  ? 2.661   15.234  -7.947  1.00 26.44 ? 55  GLN A CD    1 
ATOM   346  O OE1   . GLN A 1 54  ? 3.073   15.559  -9.058  1.00 30.57 ? 55  GLN A OE1   1 
ATOM   347  N NE2   . GLN A 1 54  ? 2.154   14.000  -7.860  1.00 26.89 ? 55  GLN A NE2   1 
ATOM   348  N N     . GLY A 1 55  ? -0.158  17.864  -5.174  1.00 13.01 ? 56  GLY A N     1 
ATOM   349  C CA    . GLY A 1 55  ? -0.853  18.898  -5.899  1.00 13.17 ? 56  GLY A CA    1 
ATOM   350  C C     . GLY A 1 55  ? -1.408  20.003  -4.980  1.00 15.50 ? 56  GLY A C     1 
ATOM   351  O O     . GLY A 1 55  ? -2.037  20.943  -5.487  1.00 14.39 ? 56  GLY A O     1 
ATOM   352  N N     . ARG A 1 56  ? -1.165  19.941  -3.658  1.00 16.19 ? 57  ARG A N     1 
ATOM   353  C CA    . ARG A 1 56  ? -1.691  20.859  -2.655  1.00 17.09 ? 57  ARG A CA    1 
ATOM   354  C C     . ARG A 1 56  ? -1.003  22.207  -2.749  1.00 17.57 ? 57  ARG A C     1 
ATOM   355  O O     . ARG A 1 56  ? 0.236   22.300  -2.740  1.00 18.34 ? 57  ARG A O     1 
ATOM   356  C CB    . ARG A 1 56  ? -1.462  20.287  -1.268  1.00 15.35 ? 57  ARG A CB    1 
ATOM   357  C CG    . ARG A 1 56  ? -2.167  21.131  -0.232  1.00 20.07 ? 57  ARG A CG    1 
ATOM   358  C CD    . ARG A 1 56  ? -2.102  20.485  1.133   1.00 19.16 ? 57  ARG A CD    1 
ATOM   359  N NE    . ARG A 1 56  ? -0.698  20.407  1.537   1.00 30.45 ? 57  ARG A NE    1 
ATOM   360  C CZ    . ARG A 1 56  ? -0.037  21.313  2.283   1.00 25.28 ? 57  ARG A CZ    1 
ATOM   361  N NH1   . ARG A 1 56  ? -0.614  22.423  2.763   1.00 24.37 ? 57  ARG A NH1   1 
ATOM   362  N NH2   . ARG A 1 56  ? 1.262   21.084  2.500   1.00 17.27 ? 57  ARG A NH2   1 
ATOM   363  N N     . ALA A 1 57  ? -1.825  23.242  -2.901  1.00 18.43 ? 58  ALA A N     1 
ATOM   364  C CA    . ALA A 1 57  ? -1.363  24.616  -2.982  1.00 19.39 ? 58  ALA A CA    1 
ATOM   365  C C     . ALA A 1 57  ? -0.560  24.930  -1.739  1.00 17.95 ? 58  ALA A C     1 
ATOM   366  O O     . ALA A 1 57  ? -1.002  24.748  -0.609  1.00 17.43 ? 58  ALA A O     1 
ATOM   367  C CB    . ALA A 1 57  ? -2.547  25.589  -3.052  1.00 21.68 ? 58  ALA A CB    1 
ATOM   368  N N     . GLY A 1 58  ? 0.695   25.261  -1.945  1.00 19.83 ? 59  GLY A N     1 
ATOM   369  C CA    . GLY A 1 58  ? 1.517   25.649  -0.811  1.00 23.53 ? 59  GLY A CA    1 
ATOM   370  C C     . GLY A 1 58  ? 2.399   24.519  -0.284  1.00 25.96 ? 59  GLY A C     1 
ATOM   371  O O     . GLY A 1 58  ? 3.100   24.688  0.725   1.00 27.83 ? 59  GLY A O     1 
ATOM   372  N N     . SER A 1 59  ? 2.380   23.347  -0.923  1.00 25.24 ? 60  SER A N     1 
ATOM   373  C CA    . SER A 1 59  ? 3.194   22.244  -0.476  1.00 25.03 ? 60  SER A CA    1 
ATOM   374  C C     . SER A 1 59  ? 4.628   22.573  -0.877  1.00 24.79 ? 60  SER A C     1 
ATOM   375  O O     . SER A 1 59  ? 4.922   22.958  -2.017  1.00 25.46 ? 60  SER A O     1 
ATOM   376  C CB    . SER A 1 59  ? 2.760   20.946  -1.155  1.00 21.77 ? 60  SER A CB    1 
ATOM   377  O OG    . SER A 1 59  ? 3.574   19.852  -0.811  1.00 16.36 ? 60  SER A OG    1 
ATOM   378  N N     . GLN A 1 60  ? 5.525   22.353  0.087   1.00 24.23 ? 61  GLN A N     1 
ATOM   379  C CA    . GLN A 1 60  ? 6.962   22.451  -0.158  1.00 23.52 ? 61  GLN A CA    1 
ATOM   380  C C     . GLN A 1 60  ? 7.496   21.184  -0.795  1.00 21.64 ? 61  GLN A C     1 
ATOM   381  O O     . GLN A 1 60  ? 8.660   21.137  -1.227  1.00 20.12 ? 61  GLN A O     1 
ATOM   382  C CB    . GLN A 1 60  ? 7.753   22.672  1.126   1.00 25.41 ? 61  GLN A CB    1 
ATOM   383  C CG    . GLN A 1 60  ? 7.505   24.094  1.588   1.00 28.25 ? 61  GLN A CG    1 
ATOM   384  C CD    . GLN A 1 60  ? 8.404   24.512  2.719   1.00 30.66 ? 61  GLN A CD    1 
ATOM   385  O OE1   . GLN A 1 60  ? 9.333   25.291  2.512   1.00 29.99 ? 61  GLN A OE1   1 
ATOM   386  N NE2   . GLN A 1 60  ? 8.170   23.991  3.915   1.00 29.28 ? 61  GLN A NE2   1 
ATOM   387  N N     . TYR A 1 61  ? 6.612   20.170  -0.884  1.00 20.70 ? 62  TYR A N     1 
ATOM   388  C CA    . TYR A 1 61  ? 7.008   18.882  -1.407  1.00 18.54 ? 62  TYR A CA    1 
ATOM   389  C C     . TYR A 1 61  ? 6.584   18.541  -2.809  1.00 18.45 ? 62  TYR A C     1 
ATOM   390  O O     . TYR A 1 61  ? 6.940   17.475  -3.306  1.00 18.37 ? 62  TYR A O     1 
ATOM   391  C CB    . TYR A 1 61  ? 6.502   17.873  -0.476  1.00 13.91 ? 62  TYR A CB    1 
ATOM   392  C CG    . TYR A 1 61  ? 7.112   18.040  0.886   1.00 18.24 ? 62  TYR A CG    1 
ATOM   393  C CD1   . TYR A 1 61  ? 8.453   17.812  1.057   1.00 24.21 ? 62  TYR A CD1   1 
ATOM   394  C CD2   . TYR A 1 61  ? 6.298   18.309  1.937   1.00 18.55 ? 62  TYR A CD2   1 
ATOM   395  C CE1   . TYR A 1 61  ? 9.000   17.827  2.305   1.00 22.06 ? 62  TYR A CE1   1 
ATOM   396  C CE2   . TYR A 1 61  ? 6.840   18.318  3.180   1.00 17.90 ? 62  TYR A CE2   1 
ATOM   397  C CZ    . TYR A 1 61  ? 8.163   18.071  3.339   1.00 13.74 ? 62  TYR A CZ    1 
ATOM   398  O OH    . TYR A 1 61  ? 8.667   17.996  4.608   1.00 28.33 ? 62  TYR A OH    1 
ATOM   399  N N     . GLY A 1 62  ? 5.884   19.428  -3.486  1.00 18.23 ? 63  GLY A N     1 
ATOM   400  C CA    . GLY A 1 62  ? 5.331   19.143  -4.797  1.00 18.39 ? 63  GLY A CA    1 
ATOM   401  C C     . GLY A 1 62  ? 6.272   18.557  -5.822  1.00 20.61 ? 63  GLY A C     1 
ATOM   402  O O     . GLY A 1 62  ? 6.013   17.509  -6.427  1.00 20.46 ? 63  GLY A O     1 
ATOM   403  N N     . GLU A 1 63  ? 7.388   19.248  -6.006  1.00 22.17 ? 64  GLU A N     1 
ATOM   404  C CA    . GLU A 1 63  ? 8.401   18.821  -6.952  1.00 21.82 ? 64  GLU A CA    1 
ATOM   405  C C     . GLU A 1 63  ? 9.088   17.542  -6.473  1.00 18.98 ? 64  GLU A C     1 
ATOM   406  O O     . GLU A 1 63  ? 9.278   16.646  -7.298  1.00 17.60 ? 64  GLU A O     1 
ATOM   407  C CB    . GLU A 1 63  ? 9.464   19.918  -7.136  1.00 28.02 ? 64  GLU A CB    1 
ATOM   408  C CG    . GLU A 1 63  ? 9.129   20.928  -8.222  1.00 38.06 ? 64  GLU A CG    1 
ATOM   409  C CD    . GLU A 1 63  ? 9.122   20.322  -9.628  1.00 51.75 ? 64  GLU A CD    1 
ATOM   410  O OE1   . GLU A 1 63  ? 10.085  19.632  -10.017 1.00 51.23 ? 64  GLU A OE1   1 
ATOM   411  O OE2   . GLU A 1 63  ? 8.123   20.549  -10.324 1.00 55.51 ? 64  GLU A OE2   1 
ATOM   412  N N     . LEU A 1 64  ? 9.490   17.433  -5.200  1.00 15.17 ? 65  LEU A N     1 
ATOM   413  C CA    . LEU A 1 64  ? 10.083  16.214  -4.698  1.00 15.30 ? 65  LEU A CA    1 
ATOM   414  C C     . LEU A 1 64  ? 9.151   14.987  -4.954  1.00 14.21 ? 65  LEU A C     1 
ATOM   415  O O     . LEU A 1 64  ? 9.584   14.006  -5.552  1.00 13.51 ? 65  LEU A O     1 
ATOM   416  C CB    . LEU A 1 64  ? 10.364  16.427  -3.224  1.00 10.88 ? 65  LEU A CB    1 
ATOM   417  C CG    . LEU A 1 64  ? 11.170  15.316  -2.550  1.00 21.38 ? 65  LEU A CG    1 
ATOM   418  C CD1   . LEU A 1 64  ? 12.016  15.869  -1.462  1.00 16.30 ? 65  LEU A CD1   1 
ATOM   419  C CD2   . LEU A 1 64  ? 10.240  14.301  -1.904  1.00 22.99 ? 65  LEU A CD2   1 
ATOM   420  N N     . ILE A 1 65  ? 7.872   14.999  -4.610  1.00 15.43 ? 66  ILE A N     1 
ATOM   421  C CA    . ILE A 1 65  ? 6.972   13.879  -4.794  1.00 14.80 ? 66  ILE A CA    1 
ATOM   422  C C     . ILE A 1 65  ? 6.836   13.590  -6.276  1.00 16.04 ? 66  ILE A C     1 
ATOM   423  O O     . ILE A 1 65  ? 6.983   12.435  -6.689  1.00 15.22 ? 66  ILE A O     1 
ATOM   424  C CB    . ILE A 1 65  ? 5.570   14.185  -4.144  1.00 13.66 ? 66  ILE A CB    1 
ATOM   425  C CG1   . ILE A 1 65  ? 5.778   14.288  -2.633  1.00 6.98  ? 66  ILE A CG1   1 
ATOM   426  C CG2   . ILE A 1 65  ? 4.538   13.031  -4.365  1.00 7.43  ? 66  ILE A CG2   1 
ATOM   427  C CD1   . ILE A 1 65  ? 4.562   14.810  -1.867  1.00 6.15  ? 66  ILE A CD1   1 
ATOM   428  N N     . LYS A 1 66  ? 6.612   14.603  -7.094  1.00 15.33 ? 67  LYS A N     1 
ATOM   429  C CA    . LYS A 1 66  ? 6.462   14.490  -8.539  1.00 16.01 ? 67  LYS A CA    1 
ATOM   430  C C     . LYS A 1 66  ? 7.636   13.737  -9.168  1.00 16.78 ? 67  LYS A C     1 
ATOM   431  O O     . LYS A 1 66  ? 7.508   12.850  -10.021 1.00 15.24 ? 67  LYS A O     1 
ATOM   432  C CB    . LYS A 1 66  ? 6.385   15.891  -9.142  1.00 15.11 ? 67  LYS A CB    1 
ATOM   433  C CG    . LYS A 1 66  ? 6.207   15.809  -10.612 1.00 17.07 ? 67  LYS A CG    1 
ATOM   434  C CD    . LYS A 1 66  ? 6.637   17.118  -11.212 1.00 25.14 ? 67  LYS A CD    1 
ATOM   435  C CE    . LYS A 1 66  ? 6.540   16.858  -12.708 1.00 40.92 ? 67  LYS A CE    1 
ATOM   436  N NZ    . LYS A 1 66  ? 6.556   18.091  -13.491 1.00 47.02 ? 67  LYS A NZ    1 
ATOM   437  N N     . ASN A 1 67  ? 8.813   14.061  -8.676  1.00 16.60 ? 68  ASN A N     1 
ATOM   438  C CA    . ASN A 1 67  ? 9.962   13.446  -9.213  1.00 19.20 ? 68  ASN A CA    1 
ATOM   439  C C     . ASN A 1 67  ? 10.180  12.065  -8.659  1.00 19.19 ? 68  ASN A C     1 
ATOM   440  O O     . ASN A 1 67  ? 10.624  11.209  -9.429  1.00 24.08 ? 68  ASN A O     1 
ATOM   441  C CB    . ASN A 1 67  ? 11.155  14.317  -8.957  1.00 27.70 ? 68  ASN A CB    1 
ATOM   442  C CG    . ASN A 1 67  ? 11.566  14.698  -10.351 1.00 44.94 ? 68  ASN A CG    1 
ATOM   443  O OD1   . ASN A 1 67  ? 10.908  15.517  -11.037 1.00 47.38 ? 68  ASN A OD1   1 
ATOM   444  N ND2   . ASN A 1 67  ? 12.644  13.994  -10.753 1.00 46.77 ? 68  ASN A ND2   1 
ATOM   445  N N     . CYS A 1 68  ? 9.917   11.747  -7.399  1.00 17.73 ? 69  CYS A N     1 
ATOM   446  C CA    . CYS A 1 68  ? 10.026  10.378  -6.933  1.00 16.97 ? 69  CYS A CA    1 
ATOM   447  C C     . CYS A 1 68  ? 9.079   9.478   -7.702  1.00 15.79 ? 69  CYS A C     1 
ATOM   448  O O     . CYS A 1 68  ? 9.572   8.494   -8.236  1.00 18.07 ? 69  CYS A O     1 
ATOM   449  C CB    . CYS A 1 68  ? 9.720   10.327  -5.478  1.00 15.54 ? 69  CYS A CB    1 
ATOM   450  S SG    . CYS A 1 68  ? 11.046  11.147  -4.566  1.00 19.65 ? 69  CYS A SG    1 
ATOM   451  N N     . ILE A 1 69  ? 7.795   9.803   -7.880  1.00 16.71 ? 70  ILE A N     1 
ATOM   452  C CA    . ILE A 1 69  ? 6.786   9.019   -8.629  1.00 17.25 ? 70  ILE A CA    1 
ATOM   453  C C     . ILE A 1 69  ? 7.192   8.767   -10.077 1.00 18.41 ? 70  ILE A C     1 
ATOM   454  O O     . ILE A 1 69  ? 7.155   7.634   -10.544 1.00 20.50 ? 70  ILE A O     1 
ATOM   455  C CB    . ILE A 1 69  ? 5.389   9.742   -8.581  1.00 11.60 ? 70  ILE A CB    1 
ATOM   456  C CG1   . ILE A 1 69  ? 4.834   9.656   -7.174  1.00 5.37  ? 70  ILE A CG1   1 
ATOM   457  C CG2   . ILE A 1 69  ? 4.392   9.107   -9.533  1.00 9.20  ? 70  ILE A CG2   1 
ATOM   458  C CD1   . ILE A 1 69  ? 3.471   10.414  -6.992  1.00 5.97  ? 70  ILE A CD1   1 
ATOM   459  N N     . LYS A 1 70  ? 7.597   9.769   -10.814 1.00 19.24 ? 71  LYS A N     1 
ATOM   460  C CA    . LYS A 1 70  ? 8.136   9.661   -12.154 1.00 20.94 ? 71  LYS A CA    1 
ATOM   461  C C     . LYS A 1 70  ? 9.281   8.668   -12.271 1.00 21.53 ? 71  LYS A C     1 
ATOM   462  O O     . LYS A 1 70  ? 9.440   7.952   -13.277 1.00 23.00 ? 71  LYS A O     1 
ATOM   463  C CB    . LYS A 1 70  ? 8.676   11.025  -12.618 1.00 29.87 ? 71  LYS A CB    1 
ATOM   464  C CG    . LYS A 1 70  ? 8.458   11.290  -14.087 1.00 37.02 ? 71  LYS A CG    1 
ATOM   465  C CD    . LYS A 1 70  ? 9.709   11.789  -14.798 1.00 48.68 ? 71  LYS A CD    1 
ATOM   466  C CE    . LYS A 1 70  ? 9.510   11.702  -16.334 1.00 56.84 ? 71  LYS A CE    1 
ATOM   467  N NZ    . LYS A 1 70  ? 9.283   10.350  -16.862 1.00 62.43 ? 71  LYS A NZ    1 
ATOM   468  N N     . GLU A 1 71  ? 10.156  8.676   -11.267 1.00 20.12 ? 72  GLU A N     1 
ATOM   469  C CA    . GLU A 1 71  ? 11.333  7.845   -11.313 1.00 18.37 ? 72  GLU A CA    1 
ATOM   470  C C     . GLU A 1 71  ? 11.088  6.524   -10.655 1.00 17.01 ? 72  GLU A C     1 
ATOM   471  O O     . GLU A 1 71  ? 12.012  5.727   -10.568 1.00 17.27 ? 72  GLU A O     1 
ATOM   472  C CB    . GLU A 1 71  ? 12.514  8.496   -10.573 1.00 19.42 ? 72  GLU A CB    1 
ATOM   473  C CG    . GLU A 1 71  ? 13.260  9.560   -11.321 1.00 23.58 ? 72  GLU A CG    1 
ATOM   474  C CD    . GLU A 1 71  ? 13.692  9.158   -12.726 1.00 29.36 ? 72  GLU A CD    1 
ATOM   475  O OE1   . GLU A 1 71  ? 14.368  8.123   -12.883 1.00 31.06 ? 72  GLU A OE1   1 
ATOM   476  O OE2   . GLU A 1 71  ? 13.334  9.904   -13.649 1.00 32.72 ? 72  GLU A OE2   1 
ATOM   477  N N     . GLY A 1 72  ? 9.898   6.333   -10.085 1.00 16.80 ? 73  GLY A N     1 
ATOM   478  C CA    . GLY A 1 72  ? 9.555   5.145   -9.332  1.00 14.27 ? 73  GLY A CA    1 
ATOM   479  C C     . GLY A 1 72  ? 10.355  5.016   -8.057  1.00 13.89 ? 73  GLY A C     1 
ATOM   480  O O     . GLY A 1 72  ? 10.621  3.911   -7.597  1.00 15.58 ? 73  GLY A O     1 
ATOM   481  N N     . GLN A 1 73  ? 10.708  6.096   -7.393  1.00 14.97 ? 74  GLN A N     1 
ATOM   482  C CA    . GLN A 1 73  ? 11.528  6.051   -6.195  1.00 14.38 ? 74  GLN A CA    1 
ATOM   483  C C     . GLN A 1 73  ? 10.662  6.023   -4.972  1.00 14.52 ? 74  GLN A C     1 
ATOM   484  O O     . GLN A 1 73  ? 9.549   6.547   -5.028  1.00 13.38 ? 74  GLN A O     1 
ATOM   485  C CB    . GLN A 1 73  ? 12.412  7.293   -6.061  1.00 18.08 ? 74  GLN A CB    1 
ATOM   486  C CG    . GLN A 1 73  ? 13.396  7.468   -7.180  1.00 23.63 ? 74  GLN A CG    1 
ATOM   487  C CD    . GLN A 1 73  ? 14.210  8.760   -7.129  1.00 37.77 ? 74  GLN A CD    1 
ATOM   488  O OE1   . GLN A 1 73  ? 15.241  8.782   -7.791  1.00 45.73 ? 74  GLN A OE1   1 
ATOM   489  N NE2   . GLN A 1 73  ? 13.946  9.872   -6.438  1.00 40.60 ? 74  GLN A NE2   1 
ATOM   490  N N     . ILE A 1 74  ? 11.212  5.526   -3.861  1.00 15.72 ? 75  ILE A N     1 
ATOM   491  C CA    . ILE A 1 74  ? 10.529  5.614   -2.569  1.00 17.35 ? 75  ILE A CA    1 
ATOM   492  C C     . ILE A 1 74  ? 10.700  7.060   -2.000  1.00 17.80 ? 75  ILE A C     1 
ATOM   493  O O     . ILE A 1 74  ? 11.789  7.511   -1.616  1.00 16.64 ? 75  ILE A O     1 
ATOM   494  C CB    . ILE A 1 74  ? 11.120  4.508   -1.568  1.00 17.26 ? 75  ILE A CB    1 
ATOM   495  C CG1   . ILE A 1 74  ? 10.854  3.114   -2.118  1.00 15.23 ? 75  ILE A CG1   1 
ATOM   496  C CG2   . ILE A 1 74  ? 10.458  4.549   -0.183  1.00 16.91 ? 75  ILE A CG2   1 
ATOM   497  C CD1   . ILE A 1 74  ? 9.377   2.833   -2.495  1.00 13.31 ? 75  ILE A CD1   1 
ATOM   498  N N     . VAL A 1 75  ? 9.581   7.799   -1.906  1.00 17.93 ? 76  VAL A N     1 
ATOM   499  C CA    . VAL A 1 75  ? 9.536   9.119   -1.252  1.00 15.75 ? 76  VAL A CA    1 
ATOM   500  C C     . VAL A 1 75  ? 10.020  8.975   0.203   1.00 14.81 ? 76  VAL A C     1 
ATOM   501  O O     . VAL A 1 75  ? 9.694   8.013   0.903   1.00 17.76 ? 76  VAL A O     1 
ATOM   502  C CB    . VAL A 1 75  ? 8.077   9.723   -1.286  1.00 11.76 ? 76  VAL A CB    1 
ATOM   503  C CG1   . VAL A 1 75  ? 8.055   11.024  -0.513  1.00 9.88  ? 76  VAL A CG1   1 
ATOM   504  C CG2   . VAL A 1 75  ? 7.627   10.040  -2.720  1.00 9.14  ? 76  VAL A CG2   1 
ATOM   505  N N     . PRO A 1 76  ? 10.874  9.868   0.700   1.00 14.74 ? 77  PRO A N     1 
ATOM   506  C CA    . PRO A 1 76  ? 11.446  9.804   2.043   1.00 12.08 ? 77  PRO A CA    1 
ATOM   507  C C     . PRO A 1 76  ? 10.443  9.504   3.140   1.00 10.70 ? 77  PRO A C     1 
ATOM   508  O O     . PRO A 1 76  ? 9.374   10.110  3.234   1.00 10.88 ? 77  PRO A O     1 
ATOM   509  C CB    . PRO A 1 76  ? 12.118  11.145  2.111   1.00 13.98 ? 77  PRO A CB    1 
ATOM   510  C CG    . PRO A 1 76  ? 12.699  11.356  0.747   1.00 16.23 ? 77  PRO A CG    1 
ATOM   511  C CD    . PRO A 1 76  ? 11.548  10.879  -0.119  1.00 13.42 ? 77  PRO A CD    1 
ATOM   512  N N     . GLN A 1 77  ? 10.810  8.649   4.074   1.00 10.35 ? 78  GLN A N     1 
ATOM   513  C CA    . GLN A 1 77  ? 9.820   8.218   5.029   1.00 12.72 ? 78  GLN A CA    1 
ATOM   514  C C     . GLN A 1 77  ? 9.202   9.309   5.878   1.00 17.90 ? 78  GLN A C     1 
ATOM   515  O O     . GLN A 1 77  ? 8.068   9.212   6.341   1.00 17.28 ? 78  GLN A O     1 
ATOM   516  C CB    . GLN A 1 77  ? 10.387  7.177   5.978   1.00 13.57 ? 78  GLN A CB    1 
ATOM   517  C CG    . GLN A 1 77  ? 11.568  7.538   6.868   1.00 19.61 ? 78  GLN A CG    1 
ATOM   518  C CD    . GLN A 1 77  ? 11.780  6.689   8.115   1.00 19.08 ? 78  GLN A CD    1 
ATOM   519  O OE1   . GLN A 1 77  ? 10.905  6.005   8.607   1.00 21.23 ? 78  GLN A OE1   1 
ATOM   520  N NE2   . GLN A 1 77  ? 12.926  6.698   8.758   1.00 21.42 ? 78  GLN A NE2   1 
ATOM   521  N N     . GLU A 1 78  ? 9.885   10.425  6.068   1.00 19.42 ? 79  GLU A N     1 
ATOM   522  C CA    . GLU A 1 78  ? 9.397   11.466  6.982   1.00 20.66 ? 79  GLU A CA    1 
ATOM   523  C C     . GLU A 1 78  ? 8.181   12.116  6.419   1.00 19.27 ? 79  GLU A C     1 
ATOM   524  O O     . GLU A 1 78  ? 7.201   12.347  7.106   1.00 22.80 ? 79  GLU A O     1 
ATOM   525  C CB    . GLU A 1 78  ? 10.401  12.555  7.189   1.00 25.59 ? 79  GLU A CB    1 
ATOM   526  C CG    . GLU A 1 78  ? 11.857  12.031  7.299   1.00 36.75 ? 79  GLU A CG    1 
ATOM   527  C CD    . GLU A 1 78  ? 12.633  12.096  5.980   1.00 35.56 ? 79  GLU A CD    1 
ATOM   528  O OE1   . GLU A 1 78  ? 12.394  13.026  5.189   1.00 39.02 ? 79  GLU A OE1   1 
ATOM   529  O OE2   . GLU A 1 78  ? 13.475  11.222  5.776   1.00 33.41 ? 79  GLU A OE2   1 
ATOM   530  N N     . ILE A 1 79  ? 8.240   12.325  5.124   1.00 18.38 ? 80  ILE A N     1 
ATOM   531  C CA    . ILE A 1 79  ? 7.133   12.900  4.399   1.00 17.69 ? 80  ILE A CA    1 
ATOM   532  C C     . ILE A 1 79  ? 6.001   11.887  4.458   1.00 16.99 ? 80  ILE A C     1 
ATOM   533  O O     . ILE A 1 79  ? 4.951   12.219  5.005   1.00 14.01 ? 80  ILE A O     1 
ATOM   534  C CB    . ILE A 1 79  ? 7.554   13.165  2.930   1.00 21.02 ? 80  ILE A CB    1 
ATOM   535  C CG1   . ILE A 1 79  ? 8.771   14.076  2.857   1.00 25.58 ? 80  ILE A CG1   1 
ATOM   536  C CG2   . ILE A 1 79  ? 6.380   13.814  2.207   1.00 18.68 ? 80  ILE A CG2   1 
ATOM   537  C CD1   . ILE A 1 79  ? 9.435   14.218  1.466   1.00 27.79 ? 80  ILE A CD1   1 
ATOM   538  N N     . THR A 1 80  ? 6.245   10.648  3.944   1.00 15.25 ? 81  THR A N     1 
ATOM   539  C CA    . THR A 1 80  ? 5.234   9.616   3.898   1.00 12.59 ? 81  THR A CA    1 
ATOM   540  C C     . THR A 1 80  ? 4.549   9.345   5.218   1.00 10.45 ? 81  THR A C     1 
ATOM   541  O O     . THR A 1 80  ? 3.327   9.365   5.345   1.00 11.10 ? 81  THR A O     1 
ATOM   542  C CB    . THR A 1 80  ? 5.907   8.346   3.346   1.00 15.64 ? 81  THR A CB    1 
ATOM   543  O OG1   . THR A 1 80  ? 6.600   8.699   2.142   1.00 11.80 ? 81  THR A OG1   1 
ATOM   544  C CG2   . THR A 1 80  ? 4.866   7.260   3.066   1.00 17.01 ? 81  THR A CG2   1 
ATOM   545  N N     . LEU A 1 81  ? 5.330   9.110   6.240   1.00 10.52 ? 82  LEU A N     1 
ATOM   546  C CA    . LEU A 1 81  ? 4.808   8.852   7.544   1.00 12.52 ? 82  LEU A CA    1 
ATOM   547  C C     . LEU A 1 81  ? 3.971   9.981   8.067   1.00 13.44 ? 82  LEU A C     1 
ATOM   548  O O     . LEU A 1 81  ? 2.933   9.733   8.670   1.00 15.43 ? 82  LEU A O     1 
ATOM   549  C CB    . LEU A 1 81  ? 5.898   8.645   8.529   1.00 17.12 ? 82  LEU A CB    1 
ATOM   550  C CG    . LEU A 1 81  ? 6.654   7.346   8.635   1.00 20.15 ? 82  LEU A CG    1 
ATOM   551  C CD1   . LEU A 1 81  ? 7.906   7.568   9.490   1.00 25.18 ? 82  LEU A CD1   1 
ATOM   552  C CD2   . LEU A 1 81  ? 5.761   6.301   9.269   1.00 20.15 ? 82  LEU A CD2   1 
ATOM   553  N N     . ALA A 1 82  ? 4.348   11.240  7.861   1.00 14.55 ? 83  ALA A N     1 
ATOM   554  C CA    . ALA A 1 82  ? 3.515   12.302  8.410   1.00 15.83 ? 83  ALA A CA    1 
ATOM   555  C C     . ALA A 1 82  ? 2.115   12.333  7.781   1.00 14.15 ? 83  ALA A C     1 
ATOM   556  O O     . ALA A 1 82  ? 1.100   12.440  8.476   1.00 15.43 ? 83  ALA A O     1 
ATOM   557  C CB    . ALA A 1 82  ? 4.292   13.626  8.224   1.00 12.96 ? 83  ALA A CB    1 
ATOM   558  N N     . LEU A 1 83  ? 2.017   12.082  6.481   1.00 15.29 ? 84  LEU A N     1 
ATOM   559  C CA    . LEU A 1 83  ? 0.752   12.081  5.757   1.00 16.51 ? 84  LEU A CA    1 
ATOM   560  C C     . LEU A 1 83  ? -0.114  10.937  6.232   1.00 15.05 ? 84  LEU A C     1 
ATOM   561  O O     . LEU A 1 83  ? -1.321  11.055  6.477   1.00 13.93 ? 84  LEU A O     1 
ATOM   562  C CB    . LEU A 1 83  ? 1.045   11.964  4.260   1.00 18.12 ? 84  LEU A CB    1 
ATOM   563  C CG    . LEU A 1 83  ? 1.222   13.215  3.331   1.00 23.95 ? 84  LEU A CG    1 
ATOM   564  C CD1   . LEU A 1 83  ? 1.845   14.378  4.035   1.00 14.02 ? 84  LEU A CD1   1 
ATOM   565  C CD2   . LEU A 1 83  ? 2.098   12.822  2.152   1.00 12.20 ? 84  LEU A CD2   1 
ATOM   566  N N     . LEU A 1 84  ? 0.591   9.833   6.425   1.00 15.86 ? 85  LEU A N     1 
ATOM   567  C CA    . LEU A 1 84  ? -0.060  8.645   6.891   1.00 16.42 ? 85  LEU A CA    1 
ATOM   568  C C     . LEU A 1 84  ? -0.620  8.820   8.274   1.00 17.03 ? 85  LEU A C     1 
ATOM   569  O O     . LEU A 1 84  ? -1.786  8.556   8.539   1.00 18.30 ? 85  LEU A O     1 
ATOM   570  C CB    . LEU A 1 84  ? 0.915   7.475   6.879   1.00 17.29 ? 85  LEU A CB    1 
ATOM   571  C CG    . LEU A 1 84  ? 0.638   6.415   5.813   1.00 18.02 ? 85  LEU A CG    1 
ATOM   572  C CD1   . LEU A 1 84  ? 1.291   5.132   6.188   1.00 15.28 ? 85  LEU A CD1   1 
ATOM   573  C CD2   . LEU A 1 84  ? -0.841  6.057   5.781   1.00 17.56 ? 85  LEU A CD2   1 
ATOM   574  N N     . ARG A 1 85  ? 0.179   9.334   9.178   1.00 19.80 ? 86  ARG A N     1 
ATOM   575  C CA    . ARG A 1 85  ? -0.173  9.543   10.575  1.00 19.52 ? 86  ARG A CA    1 
ATOM   576  C C     . ARG A 1 85  ? -1.312  10.515  10.701  1.00 17.34 ? 86  ARG A C     1 
ATOM   577  O O     . ARG A 1 85  ? -2.226  10.336  11.489  1.00 17.74 ? 86  ARG A O     1 
ATOM   578  C CB    . ARG A 1 85  ? 1.080   10.046  11.281  1.00 26.39 ? 86  ARG A CB    1 
ATOM   579  C CG    . ARG A 1 85  ? 0.891   10.109  12.764  1.00 37.63 ? 86  ARG A CG    1 
ATOM   580  C CD    . ARG A 1 85  ? 2.101   10.587  13.558  1.00 46.13 ? 86  ARG A CD    1 
ATOM   581  N NE    . ARG A 1 85  ? 1.679   10.629  14.960  1.00 56.15 ? 86  ARG A NE    1 
ATOM   582  C CZ    . ARG A 1 85  ? 2.318   9.993   15.952  1.00 56.57 ? 86  ARG A CZ    1 
ATOM   583  N NH1   . ARG A 1 85  ? 3.418   9.258   15.757  1.00 59.00 ? 86  ARG A NH1   1 
ATOM   584  N NH2   . ARG A 1 85  ? 1.810   10.073  17.176  1.00 59.26 ? 86  ARG A NH2   1 
ATOM   585  N N     . ASN A 1 86  ? -1.315  11.518  9.872   1.00 16.53 ? 87  ASN A N     1 
ATOM   586  C CA    . ASN A 1 86  ? -2.395  12.456  9.919   1.00 18.79 ? 87  ASN A CA    1 
ATOM   587  C C     . ASN A 1 86  ? -3.711  11.899  9.442   1.00 20.88 ? 87  ASN A C     1 
ATOM   588  O O     . ASN A 1 86  ? -4.776  12.296  9.936   1.00 20.81 ? 87  ASN A O     1 
ATOM   589  C CB    . ASN A 1 86  ? -2.149  13.648  9.065   1.00 24.87 ? 87  ASN A CB    1 
ATOM   590  C CG    . ASN A 1 86  ? -1.021  14.548  9.539   1.00 36.40 ? 87  ASN A CG    1 
ATOM   591  O OD1   . ASN A 1 86  ? -0.598  15.416  8.767   1.00 40.34 ? 87  ASN A OD1   1 
ATOM   592  N ND2   . ASN A 1 86  ? -0.449  14.441  10.747  1.00 36.19 ? 87  ASN A ND2   1 
ATOM   593  N N     . ALA A 1 87  ? -3.666  11.045  8.422   1.00 18.75 ? 88  ALA A N     1 
ATOM   594  C CA    . ALA A 1 87  ? -4.883  10.458  7.915   1.00 17.78 ? 88  ALA A CA    1 
ATOM   595  C C     . ALA A 1 87  ? -5.410  9.442   8.912   1.00 17.44 ? 88  ALA A C     1 
ATOM   596  O O     . ALA A 1 87  ? -6.628  9.392   9.135   1.00 16.64 ? 88  ALA A O     1 
ATOM   597  C CB    . ALA A 1 87  ? -4.593  9.795   6.566   1.00 20.19 ? 88  ALA A CB    1 
ATOM   598  N N     . ILE A 1 88  ? -4.546  8.681   9.587   1.00 15.13 ? 89  ILE A N     1 
ATOM   599  C CA    . ILE A 1 88  ? -5.027  7.779   10.604  1.00 16.92 ? 89  ILE A CA    1 
ATOM   600  C C     . ILE A 1 88  ? -5.683  8.597   11.728  1.00 20.84 ? 89  ILE A C     1 
ATOM   601  O O     . ILE A 1 88  ? -6.800  8.272   12.160  1.00 22.60 ? 89  ILE A O     1 
ATOM   602  C CB    . ILE A 1 88  ? -3.840  6.949   11.137  1.00 13.74 ? 89  ILE A CB    1 
ATOM   603  C CG1   . ILE A 1 88  ? -3.461  5.943   10.099  1.00 12.59 ? 89  ILE A CG1   1 
ATOM   604  C CG2   . ILE A 1 88  ? -4.186  6.239   12.449  1.00 15.79 ? 89  ILE A CG2   1 
ATOM   605  C CD1   . ILE A 1 88  ? -2.049  5.382   10.379  1.00 13.38 ? 89  ILE A CD1   1 
ATOM   606  N N     . SER A 1 89  ? -5.045  9.677   12.208  1.00 23.41 ? 90  SER A N     1 
ATOM   607  C CA    . SER A 1 89  ? -5.584  10.510  13.300  1.00 24.23 ? 90  SER A CA    1 
ATOM   608  C C     . SER A 1 89  ? -6.929  11.114  13.029  1.00 22.30 ? 90  SER A C     1 
ATOM   609  O O     . SER A 1 89  ? -7.759  11.139  13.926  1.00 23.46 ? 90  SER A O     1 
ATOM   610  C CB    . SER A 1 89  ? -4.604  11.634  13.638  1.00 28.36 ? 90  SER A CB    1 
ATOM   611  O OG    . SER A 1 89  ? -3.374  11.025  14.047  1.00 40.01 ? 90  SER A OG    1 
ATOM   612  N N     . ASP A 1 90  ? -7.208  11.530  11.809  1.00 23.04 ? 91  ASP A N     1 
ATOM   613  C CA    . ASP A 1 90  ? -8.499  12.087  11.509  1.00 25.18 ? 91  ASP A CA    1 
ATOM   614  C C     . ASP A 1 90  ? -9.539  10.995  11.607  1.00 26.07 ? 91  ASP A C     1 
ATOM   615  O O     . ASP A 1 90  ? -10.652 11.233  12.062  1.00 27.24 ? 91  ASP A O     1 
ATOM   616  C CB    . ASP A 1 90  ? -8.559  12.658  10.095  1.00 29.04 ? 91  ASP A CB    1 
ATOM   617  C CG    . ASP A 1 90  ? -7.486  13.678  9.711   1.00 43.21 ? 91  ASP A CG    1 
ATOM   618  O OD1   . ASP A 1 90  ? -7.018  14.456  10.572  1.00 49.90 ? 91  ASP A OD1   1 
ATOM   619  O OD2   . ASP A 1 90  ? -7.119  13.681  8.524   1.00 47.87 ? 91  ASP A OD2   1 
ATOM   620  N N     . ASN A 1 91  ? -9.230  9.771   11.169  1.00 26.91 ? 92  ASN A N     1 
ATOM   621  C CA    . ASN A 1 91  ? -10.194 8.688   11.230  1.00 24.46 ? 92  ASN A CA    1 
ATOM   622  C C     . ASN A 1 91  ? -10.386 8.260   12.618  1.00 21.79 ? 92  ASN A C     1 
ATOM   623  O O     . ASN A 1 91  ? -11.509 7.991   13.009  1.00 22.29 ? 92  ASN A O     1 
ATOM   624  C CB    . ASN A 1 91  ? -9.766  7.463   10.476  1.00 25.18 ? 92  ASN A CB    1 
ATOM   625  C CG    . ASN A 1 91  ? -9.918  7.773   9.025   1.00 23.64 ? 92  ASN A CG    1 
ATOM   626  O OD1   . ASN A 1 91  ? -8.954  8.089   8.343   1.00 23.80 ? 92  ASN A OD1   1 
ATOM   627  N ND2   . ASN A 1 91  ? -11.131 7.794   8.501   1.00 26.56 ? 92  ASN A ND2   1 
ATOM   628  N N     . VAL A 1 92  ? -9.334  8.169   13.367  1.00 20.38 ? 93  VAL A N     1 
ATOM   629  C CA    . VAL A 1 92  ? -9.504  7.705   14.724  1.00 25.53 ? 93  VAL A CA    1 
ATOM   630  C C     . VAL A 1 92  ? -10.377 8.685   15.536  1.00 27.79 ? 93  VAL A C     1 
ATOM   631  O O     . VAL A 1 92  ? -11.267 8.292   16.290  1.00 27.63 ? 93  VAL A O     1 
ATOM   632  C CB    . VAL A 1 92  ? -8.082  7.493   15.291  1.00 27.64 ? 93  VAL A CB    1 
ATOM   633  C CG1   . VAL A 1 92  ? -8.188  7.082   16.750  1.00 34.02 ? 93  VAL A CG1   1 
ATOM   634  C CG2   . VAL A 1 92  ? -7.359  6.369   14.550  1.00 20.25 ? 93  VAL A CG2   1 
ATOM   635  N N     . LYS A 1 93  ? -10.198 9.983   15.316  1.00 30.22 ? 94  LYS A N     1 
ATOM   636  C CA    . LYS A 1 93  ? -11.041 11.025  15.884  1.00 34.55 ? 94  LYS A CA    1 
ATOM   637  C C     . LYS A 1 93  ? -12.464 10.817  15.354  1.00 34.64 ? 94  LYS A C     1 
ATOM   638  O O     . LYS A 1 93  ? -13.430 10.788  16.105  1.00 35.29 ? 94  LYS A O     1 
ATOM   639  C CB    . LYS A 1 93  ? -10.436 12.370  15.461  1.00 40.57 ? 94  LYS A CB    1 
ATOM   640  C CG    . LYS A 1 93  ? -11.324 13.615  15.489  1.00 55.88 ? 94  LYS A CG    1 
ATOM   641  C CD    . LYS A 1 93  ? -10.888 14.697  14.469  1.00 66.06 ? 94  LYS A CD    1 
ATOM   642  C CE    . LYS A 1 93  ? -11.768 15.977  14.536  1.00 69.87 ? 94  LYS A CE    1 
ATOM   643  N NZ    . LYS A 1 93  ? -11.363 16.982  13.561  1.00 66.83 ? 94  LYS A NZ    1 
ATOM   644  N N     . ALA A 1 94  ? -12.647 10.578  14.064  1.00 36.66 ? 95  ALA A N     1 
ATOM   645  C CA    . ALA A 1 94  ? -13.958 10.303  13.500  1.00 37.58 ? 95  ALA A CA    1 
ATOM   646  C C     . ALA A 1 94  ? -14.505 8.927   13.900  1.00 38.97 ? 95  ALA A C     1 
ATOM   647  O O     . ALA A 1 94  ? -15.562 8.514   13.432  1.00 39.89 ? 95  ALA A O     1 
ATOM   648  C CB    . ALA A 1 94  ? -13.860 10.387  11.994  1.00 35.31 ? 95  ALA A CB    1 
ATOM   649  N N     . ASN A 1 95  ? -13.772 8.214   14.755  1.00 39.56 ? 96  ASN A N     1 
ATOM   650  C CA    . ASN A 1 95  ? -14.086 6.938   15.353  1.00 40.34 ? 96  ASN A CA    1 
ATOM   651  C C     . ASN A 1 95  ? -14.011 5.639   14.535  1.00 40.39 ? 96  ASN A C     1 
ATOM   652  O O     . ASN A 1 95  ? -14.760 4.625   14.614  1.00 40.61 ? 96  ASN A O     1 
ATOM   653  C CB    . ASN A 1 95  ? -15.447 7.075   16.008  1.00 45.61 ? 96  ASN A CB    1 
ATOM   654  C CG    . ASN A 1 95  ? -15.176 6.688   17.446  1.00 56.76 ? 96  ASN A CG    1 
ATOM   655  O OD1   . ASN A 1 95  ? -15.247 5.507   17.831  1.00 58.24 ? 96  ASN A OD1   1 
ATOM   656  N ND2   . ASN A 1 95  ? -14.787 7.689   18.251  1.00 61.68 ? 96  ASN A ND2   1 
ATOM   657  N N     . LYS A 1 96  ? -12.911 5.683   13.783  1.00 38.41 ? 97  LYS A N     1 
ATOM   658  C CA    . LYS A 1 96  ? -12.559 4.599   12.896  1.00 34.84 ? 97  LYS A CA    1 
ATOM   659  C C     . LYS A 1 96  ? -11.278 4.092   13.473  1.00 32.17 ? 97  LYS A C     1 
ATOM   660  O O     . LYS A 1 96  ? -10.336 4.851   13.664  1.00 33.01 ? 97  LYS A O     1 
ATOM   661  C CB    . LYS A 1 96  ? -12.388 5.151   11.516  1.00 34.25 ? 97  LYS A CB    1 
ATOM   662  C CG    . LYS A 1 96  ? -13.806 5.242   11.024  1.00 38.17 ? 97  LYS A CG    1 
ATOM   663  C CD    . LYS A 1 96  ? -13.968 6.436   10.141  1.00 44.52 ? 97  LYS A CD    1 
ATOM   664  C CE    . LYS A 1 96  ? -15.358 6.346   9.547   1.00 49.22 ? 97  LYS A CE    1 
ATOM   665  N NZ    . LYS A 1 96  ? -15.560 7.525   8.728   1.00 55.93 ? 97  LYS A NZ    1 
ATOM   666  N N     . HIS A 1 97  ? -11.341 2.810   13.793  1.00 28.95 ? 98  HIS A N     1 
ATOM   667  C CA    . HIS A 1 97  ? -10.256 2.095   14.441  1.00 26.34 ? 98  HIS A CA    1 
ATOM   668  C C     . HIS A 1 97  ? -9.647  0.990   13.589  1.00 23.05 ? 98  HIS A C     1 
ATOM   669  O O     . HIS A 1 97  ? -8.637  0.456   14.020  1.00 22.30 ? 98  HIS A O     1 
ATOM   670  C CB    . HIS A 1 97  ? -10.818 1.554   15.767  1.00 33.64 ? 98  HIS A CB    1 
ATOM   671  C CG    . HIS A 1 97  ? -11.141 2.749   16.677  1.00 46.79 ? 98  HIS A CG    1 
ATOM   672  N ND1   . HIS A 1 97  ? -10.351 3.788   16.974  1.00 53.93 ? 98  HIS A ND1   1 
ATOM   673  C CD2   . HIS A 1 97  ? -12.353 2.992   17.289  1.00 51.11 ? 98  HIS A CD2   1 
ATOM   674  C CE1   . HIS A 1 97  ? -11.030 4.630   17.719  1.00 51.93 ? 98  HIS A CE1   1 
ATOM   675  N NE2   . HIS A 1 97  ? -12.230 4.142   17.902  1.00 47.00 ? 98  HIS A NE2   1 
ATOM   676  N N     . LYS A 1 98  ? -10.168 0.643   12.391  1.00 18.97 ? 99  LYS A N     1 
ATOM   677  C CA    . LYS A 1 98  ? -9.645  -0.452  11.601  1.00 17.04 ? 99  LYS A CA    1 
ATOM   678  C C     . LYS A 1 98  ? -9.280  0.069   10.235  1.00 15.01 ? 99  LYS A C     1 
ATOM   679  O O     . LYS A 1 98  ? -10.114 0.666   9.542   1.00 16.37 ? 99  LYS A O     1 
ATOM   680  C CB    . LYS A 1 98  ? -10.677 -1.577  11.400  1.00 17.97 ? 99  LYS A CB    1 
ATOM   681  C CG    . LYS A 1 98  ? -11.308 -2.155  12.641  1.00 19.65 ? 99  LYS A CG    1 
ATOM   682  C CD    . LYS A 1 98  ? -12.022 -3.469  12.359  1.00 20.15 ? 99  LYS A CD    1 
ATOM   683  C CE    . LYS A 1 98  ? -12.480 -4.029  13.688  1.00 17.59 ? 99  LYS A CE    1 
ATOM   684  N NZ    . LYS A 1 98  ? -13.171 -5.289  13.503  1.00 16.17 ? 99  LYS A NZ    1 
ATOM   685  N N     . PHE A 1 99  ? -8.053  -0.209  9.775   1.00 15.80 ? 100 PHE A N     1 
ATOM   686  C CA    . PHE A 1 99  ? -7.486  0.360   8.546   1.00 15.25 ? 100 PHE A CA    1 
ATOM   687  C C     . PHE A 1 99  ? -6.873  -0.663  7.613   1.00 13.33 ? 100 PHE A C     1 
ATOM   688  O O     . PHE A 1 99  ? -6.208  -1.590  8.075   1.00 12.37 ? 100 PHE A O     1 
ATOM   689  C CB    . PHE A 1 99  ? -6.380  1.366   8.890   1.00 15.18 ? 100 PHE A CB    1 
ATOM   690  C CG    . PHE A 1 99  ? -6.872  2.507   9.772   1.00 17.48 ? 100 PHE A CG    1 
ATOM   691  C CD1   . PHE A 1 99  ? -7.452  3.609   9.181   1.00 14.62 ? 100 PHE A CD1   1 
ATOM   692  C CD2   . PHE A 1 99  ? -6.798  2.385   11.141  1.00 15.63 ? 100 PHE A CD2   1 
ATOM   693  C CE1   . PHE A 1 99  ? -7.970  4.584   9.984   1.00 17.71 ? 100 PHE A CE1   1 
ATOM   694  C CE2   . PHE A 1 99  ? -7.333  3.386   11.928  1.00 22.88 ? 100 PHE A CE2   1 
ATOM   695  C CZ    . PHE A 1 99  ? -7.921  4.479   11.351  1.00 15.92 ? 100 PHE A CZ    1 
ATOM   696  N N     . LEU A 1 100 ? -7.073  -0.457  6.324   1.00 12.62 ? 101 LEU A N     1 
ATOM   697  C CA    . LEU A 1 100 ? -6.400  -1.223  5.290   1.00 14.30 ? 101 LEU A CA    1 
ATOM   698  C C     . LEU A 1 100 ? -5.396  -0.241  4.784   1.00 13.16 ? 101 LEU A C     1 
ATOM   699  O O     . LEU A 1 100 ? -5.838  0.719   4.151   1.00 14.24 ? 101 LEU A O     1 
ATOM   700  C CB    . LEU A 1 100 ? -7.281  -1.563  4.102   1.00 12.34 ? 101 LEU A CB    1 
ATOM   701  C CG    . LEU A 1 100 ? -8.318  -2.616  4.309   1.00 13.75 ? 101 LEU A CG    1 
ATOM   702  C CD1   . LEU A 1 100 ? -9.324  -2.524  3.200   1.00 12.07 ? 101 LEU A CD1   1 
ATOM   703  C CD2   . LEU A 1 100 ? -7.638  -3.978  4.387   1.00 8.91  ? 101 LEU A CD2   1 
ATOM   704  N N     . ILE A 1 101 ? -4.096  -0.383  5.056   1.00 15.31 ? 102 ILE A N     1 
ATOM   705  C CA    . ILE A 1 101 ? -3.101  0.589   4.570   1.00 13.46 ? 102 ILE A CA    1 
ATOM   706  C C     . ILE A 1 101 ? -2.494  -0.039  3.312   1.00 12.33 ? 102 ILE A C     1 
ATOM   707  O O     . ILE A 1 101 ? -1.723  -0.988  3.334   1.00 10.34 ? 102 ILE A O     1 
ATOM   708  C CB    . ILE A 1 101 ? -1.929  0.877   5.564   1.00 14.28 ? 102 ILE A CB    1 
ATOM   709  C CG1   . ILE A 1 101 ? -2.338  1.164   7.002   1.00 15.20 ? 102 ILE A CG1   1 
ATOM   710  C CG2   . ILE A 1 101 ? -1.236  2.110   4.954   1.00 16.97 ? 102 ILE A CG2   1 
ATOM   711  C CD1   . ILE A 1 101 ? -3.091  2.468   7.181   1.00 18.28 ? 102 ILE A CD1   1 
ATOM   712  N N     . ASP A 1 102 ? -2.774  0.487   2.162   1.00 10.34 ? 103 ASP A N     1 
ATOM   713  C CA    . ASP A 1 102 ? -2.370  -0.072  0.918   1.00 9.15  ? 103 ASP A CA    1 
ATOM   714  C C     . ASP A 1 102 ? -1.062  0.570   0.447   1.00 10.41 ? 103 ASP A C     1 
ATOM   715  O O     . ASP A 1 102 ? -0.992  1.809   0.422   1.00 11.32 ? 103 ASP A O     1 
ATOM   716  C CB    . ASP A 1 102 ? -3.612  0.196   0.117   1.00 12.55 ? 103 ASP A CB    1 
ATOM   717  C CG    . ASP A 1 102 ? -3.532  0.382   -1.376  1.00 15.74 ? 103 ASP A CG    1 
ATOM   718  O OD1   . ASP A 1 102 ? -2.533  0.038   -2.001  1.00 22.38 ? 103 ASP A OD1   1 
ATOM   719  O OD2   . ASP A 1 102 ? -4.509  0.867   -1.930  1.00 16.87 ? 103 ASP A OD2   1 
ATOM   720  N N     . GLY A 1 103 ? -0.058  -0.216  0.045   1.00 8.12  ? 104 GLY A N     1 
ATOM   721  C CA    . GLY A 1 103 ? 1.129   0.350   -0.515  1.00 8.89  ? 104 GLY A CA    1 
ATOM   722  C C     . GLY A 1 103 ? 2.147   0.807   0.528   1.00 10.24 ? 104 GLY A C     1 
ATOM   723  O O     . GLY A 1 103 ? 3.124   1.486   0.232   1.00 10.24 ? 104 GLY A O     1 
ATOM   724  N N     . PHE A 1 104 ? 2.031   0.427   1.781   1.00 12.16 ? 105 PHE A N     1 
ATOM   725  C CA    . PHE A 1 104 ? 2.952   0.902   2.788   1.00 12.18 ? 105 PHE A CA    1 
ATOM   726  C C     . PHE A 1 104 ? 3.053   -0.250  3.745   1.00 11.74 ? 105 PHE A C     1 
ATOM   727  O O     . PHE A 1 104 ? 2.009   -0.802  4.089   1.00 11.09 ? 105 PHE A O     1 
ATOM   728  C CB    . PHE A 1 104 ? 2.364   2.117   3.477   1.00 15.15 ? 105 PHE A CB    1 
ATOM   729  C CG    . PHE A 1 104 ? 3.246   2.608   4.615   1.00 16.72 ? 105 PHE A CG    1 
ATOM   730  C CD1   . PHE A 1 104 ? 3.218   1.991   5.864   1.00 12.71 ? 105 PHE A CD1   1 
ATOM   731  C CD2   . PHE A 1 104 ? 4.102   3.677   4.379   1.00 18.51 ? 105 PHE A CD2   1 
ATOM   732  C CE1   . PHE A 1 104 ? 4.054   2.424   6.881   1.00 13.37 ? 105 PHE A CE1   1 
ATOM   733  C CE2   . PHE A 1 104 ? 4.927   4.103   5.407   1.00 11.94 ? 105 PHE A CE2   1 
ATOM   734  C CZ    . PHE A 1 104 ? 4.907   3.481   6.643   1.00 3.72  ? 105 PHE A CZ    1 
ATOM   735  N N     . PRO A 1 105 ? 4.205   -0.623  4.280   1.00 12.44 ? 106 PRO A N     1 
ATOM   736  C CA    . PRO A 1 105 ? 5.520   0.023   4.052   1.00 11.63 ? 106 PRO A CA    1 
ATOM   737  C C     . PRO A 1 105 ? 6.234   -0.450  2.830   1.00 11.82 ? 106 PRO A C     1 
ATOM   738  O O     . PRO A 1 105 ? 6.111   -1.616  2.484   1.00 11.91 ? 106 PRO A O     1 
ATOM   739  C CB    . PRO A 1 105 ? 6.286   -0.272  5.258   1.00 6.06  ? 106 PRO A CB    1 
ATOM   740  C CG    . PRO A 1 105 ? 5.697   -1.572  5.813   1.00 12.53 ? 106 PRO A CG    1 
ATOM   741  C CD    . PRO A 1 105 ? 4.263   -1.642  5.319   1.00 9.75  ? 106 PRO A CD    1 
ATOM   742  N N     . ARG A 1 106 ? 6.976   0.383   2.136   1.00 13.35 ? 107 ARG A N     1 
ATOM   743  C CA    . ARG A 1 106 ? 7.616   -0.088  0.947   1.00 13.20 ? 107 ARG A CA    1 
ATOM   744  C C     . ARG A 1 106 ? 9.107   -0.168  1.116   1.00 13.33 ? 107 ARG A C     1 
ATOM   745  O O     . ARG A 1 106 ? 9.830   -0.392  0.141   1.00 14.77 ? 107 ARG A O     1 
ATOM   746  C CB    . ARG A 1 106 ? 7.247   0.831   -0.191  1.00 14.31 ? 107 ARG A CB    1 
ATOM   747  C CG    . ARG A 1 106 ? 6.098   0.281   -0.996  1.00 12.61 ? 107 ARG A CG    1 
ATOM   748  C CD    . ARG A 1 106 ? 5.473   1.325   -1.890  1.00 20.20 ? 107 ARG A CD    1 
ATOM   749  N NE    . ARG A 1 106 ? 4.885   0.591   -2.993  1.00 26.45 ? 107 ARG A NE    1 
ATOM   750  C CZ    . ARG A 1 106 ? 3.718   0.870   -3.562  1.00 26.36 ? 107 ARG A CZ    1 
ATOM   751  N NH1   . ARG A 1 106 ? 2.998   1.906   -3.135  1.00 27.12 ? 107 ARG A NH1   1 
ATOM   752  N NH2   . ARG A 1 106 ? 3.253   0.038   -4.524  1.00 26.18 ? 107 ARG A NH2   1 
ATOM   753  N N     . LYS A 1 107 ? 9.614   -0.061  2.333   1.00 14.12 ? 108 LYS A N     1 
ATOM   754  C CA    . LYS A 1 107 ? 11.069  0.007   2.548   1.00 16.21 ? 108 LYS A CA    1 
ATOM   755  C C     . LYS A 1 107 ? 11.277  -0.253  4.022   1.00 17.15 ? 108 LYS A C     1 
ATOM   756  O O     . LYS A 1 107 ? 10.381  0.062   4.824   1.00 19.94 ? 108 LYS A O     1 
ATOM   757  C CB    . LYS A 1 107 ? 11.589  1.394   2.177   1.00 14.26 ? 108 LYS A CB    1 
ATOM   758  C CG    . LYS A 1 107 ? 13.084  1.484   2.175   1.00 17.07 ? 108 LYS A CG    1 
ATOM   759  C CD    . LYS A 1 107 ? 13.527  2.820   1.664   1.00 17.80 ? 108 LYS A CD    1 
ATOM   760  C CE    . LYS A 1 107 ? 15.029  2.796   1.711   1.00 19.82 ? 108 LYS A CE    1 
ATOM   761  N NZ    . LYS A 1 107 ? 15.472  4.127   1.362   1.00 36.08 ? 108 LYS A NZ    1 
ATOM   762  N N     . MET A 1 108 ? 12.386  -0.837  4.466   1.00 17.77 ? 109 MET A N     1 
ATOM   763  C CA    . MET A 1 108 ? 12.512  -1.213  5.871   1.00 15.74 ? 109 MET A CA    1 
ATOM   764  C C     . MET A 1 108 ? 12.449  -0.119  6.915   1.00 17.58 ? 109 MET A C     1 
ATOM   765  O O     . MET A 1 108 ? 11.974  -0.338  8.036   1.00 16.92 ? 109 MET A O     1 
ATOM   766  C CB    . MET A 1 108 ? 13.814  -1.995  6.023   1.00 17.47 ? 109 MET A CB    1 
ATOM   767  C CG    . MET A 1 108 ? 13.645  -3.471  5.597   1.00 19.22 ? 109 MET A CG    1 
ATOM   768  S SD    . MET A 1 108 ? 12.601  -4.352  6.779   1.00 31.05 ? 109 MET A SD    1 
ATOM   769  C CE    . MET A 1 108 ? 13.806  -4.553  8.064   1.00 27.60 ? 109 MET A CE    1 
ATOM   770  N N     . ASP A 1 109 ? 12.908  1.088   6.544   1.00 17.01 ? 110 ASP A N     1 
ATOM   771  C CA    . ASP A 1 109 ? 12.940  2.170   7.509   1.00 18.11 ? 110 ASP A CA    1 
ATOM   772  C C     . ASP A 1 109 ? 11.526  2.622   7.866   1.00 17.80 ? 110 ASP A C     1 
ATOM   773  O O     . ASP A 1 109 ? 11.194  2.719   9.059   1.00 17.74 ? 110 ASP A O     1 
ATOM   774  C CB    . ASP A 1 109 ? 13.844  3.282   6.903   1.00 17.76 ? 110 ASP A CB    1 
ATOM   775  C CG    . ASP A 1 109 ? 13.416  3.966   5.613   1.00 23.73 ? 110 ASP A CG    1 
ATOM   776  O OD1   . ASP A 1 109 ? 12.502  3.505   4.938   1.00 23.83 ? 110 ASP A OD1   1 
ATOM   777  O OD2   . ASP A 1 109 ? 13.971  5.016   5.298   1.00 24.15 ? 110 ASP A OD2   1 
ATOM   778  N N     . GLN A 1 110 ? 10.638  2.720   6.841   1.00 17.31 ? 111 GLN A N     1 
ATOM   779  C CA    . GLN A 1 110 ? 9.247   3.128   6.983   1.00 15.44 ? 111 GLN A CA    1 
ATOM   780  C C     . GLN A 1 110 ? 8.566   2.143   7.865   1.00 16.11 ? 111 GLN A C     1 
ATOM   781  O O     . GLN A 1 110 ? 7.773   2.512   8.755   1.00 18.87 ? 111 GLN A O     1 
ATOM   782  C CB    . GLN A 1 110 ? 8.421   3.062   5.745   1.00 13.36 ? 111 GLN A CB    1 
ATOM   783  C CG    . GLN A 1 110 ? 8.979   3.758   4.605   1.00 17.45 ? 111 GLN A CG    1 
ATOM   784  C CD    . GLN A 1 110 ? 8.068   3.745   3.413   1.00 18.09 ? 111 GLN A CD    1 
ATOM   785  O OE1   . GLN A 1 110 ? 7.107   2.960   3.251   1.00 16.76 ? 111 GLN A OE1   1 
ATOM   786  N NE2   . GLN A 1 110 ? 8.405   4.679   2.561   1.00 16.04 ? 111 GLN A NE2   1 
ATOM   787  N N     . ALA A 1 111 ? 8.869   0.874   7.528   1.00 16.00 ? 112 ALA A N     1 
ATOM   788  C CA    . ALA A 1 111 ? 8.299   -0.266  8.240   1.00 15.69 ? 112 ALA A CA    1 
ATOM   789  C C     . ALA A 1 111 ? 8.545   -0.254  9.735   1.00 13.99 ? 112 ALA A C     1 
ATOM   790  O O     . ALA A 1 111 ? 7.629   -0.351  10.557  1.00 15.87 ? 112 ALA A O     1 
ATOM   791  C CB    . ALA A 1 111 ? 8.879   -1.530  7.614   1.00 15.73 ? 112 ALA A CB    1 
ATOM   792  N N     . ILE A 1 112 ? 9.814   -0.139  10.103  1.00 16.15 ? 113 ILE A N     1 
ATOM   793  C CA    . ILE A 1 112 ? 10.200  -0.091  11.506  1.00 17.41 ? 113 ILE A CA    1 
ATOM   794  C C     . ILE A 1 112 ? 9.752   1.222   12.101  1.00 14.49 ? 113 ILE A C     1 
ATOM   795  O O     . ILE A 1 112 ? 9.215   1.155   13.181  1.00 17.13 ? 113 ILE A O     1 
ATOM   796  C CB    . ILE A 1 112 ? 11.739  -0.257  11.668  1.00 21.13 ? 113 ILE A CB    1 
ATOM   797  C CG1   . ILE A 1 112 ? 12.186  -1.691  11.434  1.00 24.21 ? 113 ILE A CG1   1 
ATOM   798  C CG2   . ILE A 1 112 ? 12.123  -0.009  13.117  1.00 28.51 ? 113 ILE A CG2   1 
ATOM   799  C CD1   . ILE A 1 112 ? 13.637  -1.677  10.882  1.00 33.77 ? 113 ILE A CD1   1 
ATOM   800  N N     . SER A 1 113 ? 9.855   2.388   11.532  1.00 14.71 ? 114 SER A N     1 
ATOM   801  C CA    . SER A 1 113 ? 9.333   3.577   12.165  1.00 15.63 ? 114 SER A CA    1 
ATOM   802  C C     . SER A 1 113 ? 7.871   3.451   12.423  1.00 17.35 ? 114 SER A C     1 
ATOM   803  O O     . SER A 1 113 ? 7.464   3.789   13.545  1.00 20.26 ? 114 SER A O     1 
ATOM   804  C CB    . SER A 1 113 ? 9.495   4.801   11.317  1.00 14.74 ? 114 SER A CB    1 
ATOM   805  O OG    . SER A 1 113 ? 10.856  4.888   10.924  1.00 24.30 ? 114 SER A OG    1 
ATOM   806  N N     . PHE A 1 114 ? 7.073   2.967   11.472  1.00 16.86 ? 115 PHE A N     1 
ATOM   807  C CA    . PHE A 1 114 ? 5.627   2.893   11.660  1.00 15.63 ? 115 PHE A CA    1 
ATOM   808  C C     . PHE A 1 114 ? 5.334   2.014   12.847  1.00 17.52 ? 115 PHE A C     1 
ATOM   809  O O     . PHE A 1 114 ? 4.549   2.344   13.741  1.00 20.00 ? 115 PHE A O     1 
ATOM   810  C CB    . PHE A 1 114 ? 4.913   2.262   10.435  1.00 12.52 ? 115 PHE A CB    1 
ATOM   811  C CG    . PHE A 1 114 ? 3.401   2.255   10.527  1.00 7.86  ? 115 PHE A CG    1 
ATOM   812  C CD1   . PHE A 1 114 ? 2.739   1.268   11.229  1.00 9.63  ? 115 PHE A CD1   1 
ATOM   813  C CD2   . PHE A 1 114 ? 2.684   3.274   9.921   1.00 10.67 ? 115 PHE A CD2   1 
ATOM   814  C CE1   . PHE A 1 114 ? 1.374   1.295   11.329  1.00 9.54  ? 115 PHE A CE1   1 
ATOM   815  C CE2   . PHE A 1 114 ? 1.313   3.294   10.023  1.00 13.33 ? 115 PHE A CE2   1 
ATOM   816  C CZ    . PHE A 1 114 ? 0.663   2.299   10.730  1.00 13.66 ? 115 PHE A CZ    1 
ATOM   817  N N     . GLU A 1 115 ? 5.930   0.845   12.867  1.00 17.97 ? 116 GLU A N     1 
ATOM   818  C CA    . GLU A 1 115 ? 5.522   -0.076  13.888  1.00 19.87 ? 116 GLU A CA    1 
ATOM   819  C C     . GLU A 1 115 ? 6.058   0.366   15.212  1.00 20.57 ? 116 GLU A C     1 
ATOM   820  O O     . GLU A 1 115 ? 5.501   0.010   16.232  1.00 20.53 ? 116 GLU A O     1 
ATOM   821  C CB    . GLU A 1 115 ? 6.023   -1.452  13.563  1.00 24.73 ? 116 GLU A CB    1 
ATOM   822  C CG    . GLU A 1 115 ? 5.379   -2.066  12.311  1.00 28.81 ? 116 GLU A CG    1 
ATOM   823  C CD    . GLU A 1 115 ? 5.165   -3.542  12.518  1.00 26.77 ? 116 GLU A CD    1 
ATOM   824  O OE1   . GLU A 1 115 ? 6.157   -4.233  12.719  1.00 33.75 ? 116 GLU A OE1   1 
ATOM   825  O OE2   . GLU A 1 115 ? 4.029   -3.996  12.518  1.00 21.69 ? 116 GLU A OE2   1 
ATOM   826  N N     . ARG A 1 116 ? 7.128   1.145   15.269  1.00 23.05 ? 117 ARG A N     1 
ATOM   827  C CA    . ARG A 1 116 ? 7.594   1.580   16.573  1.00 23.95 ? 117 ARG A CA    1 
ATOM   828  C C     . ARG A 1 116 ? 6.880   2.840   17.068  1.00 23.73 ? 117 ARG A C     1 
ATOM   829  O O     . ARG A 1 116 ? 6.447   2.908   18.228  1.00 24.42 ? 117 ARG A O     1 
ATOM   830  C CB    . ARG A 1 116 ? 9.103   1.780   16.516  1.00 25.26 ? 117 ARG A CB    1 
ATOM   831  C CG    . ARG A 1 116 ? 9.633   3.141   16.223  1.00 29.09 ? 117 ARG A CG    1 
ATOM   832  C CD    . ARG A 1 116 ? 10.738  3.370   17.238  1.00 23.35 ? 117 ARG A CD    1 
ATOM   833  N NE    . ARG A 1 116 ? 11.961  3.488   16.485  1.00 36.05 ? 117 ARG A NE    1 
ATOM   834  C CZ    . ARG A 1 116 ? 12.202  4.476   15.596  1.00 34.45 ? 117 ARG A CZ    1 
ATOM   835  N NH1   . ARG A 1 116 ? 11.340  5.463   15.329  1.00 31.61 ? 117 ARG A NH1   1 
ATOM   836  N NH2   . ARG A 1 116 ? 13.326  4.430   14.873  1.00 36.70 ? 117 ARG A NH2   1 
ATOM   837  N N     . ASP A 1 117 ? 6.624   3.810   16.202  1.00 25.48 ? 118 ASP A N     1 
ATOM   838  C CA    . ASP A 1 117 ? 6.015   5.071   16.585  1.00 24.87 ? 118 ASP A CA    1 
ATOM   839  C C     . ASP A 1 117 ? 4.524   5.193   16.531  1.00 24.46 ? 118 ASP A C     1 
ATOM   840  O O     . ASP A 1 117 ? 3.988   6.064   17.228  1.00 23.34 ? 118 ASP A O     1 
ATOM   841  C CB    . ASP A 1 117 ? 6.605   6.183   15.731  1.00 31.46 ? 118 ASP A CB    1 
ATOM   842  C CG    . ASP A 1 117 ? 8.107   6.387   15.936  1.00 33.96 ? 118 ASP A CG    1 
ATOM   843  O OD1   . ASP A 1 117 ? 8.607   6.138   17.034  1.00 40.90 ? 118 ASP A OD1   1 
ATOM   844  O OD2   . ASP A 1 117 ? 8.776   6.810   14.996  1.00 36.83 ? 118 ASP A OD2   1 
ATOM   845  N N     . ILE A 1 118 ? 3.827   4.338   15.765  1.00 23.31 ? 119 ILE A N     1 
ATOM   846  C CA    . ILE A 1 118 ? 2.396   4.514   15.534  1.00 22.13 ? 119 ILE A CA    1 
ATOM   847  C C     . ILE A 1 118 ? 1.692   3.286   16.031  1.00 23.21 ? 119 ILE A C     1 
ATOM   848  O O     . ILE A 1 118 ? 1.043   3.384   17.084  1.00 23.05 ? 119 ILE A O     1 
ATOM   849  C CB    . ILE A 1 118 ? 2.068   4.740   14.018  1.00 21.59 ? 119 ILE A CB    1 
ATOM   850  C CG1   . ILE A 1 118 ? 2.886   5.912   13.480  1.00 14.85 ? 119 ILE A CG1   1 
ATOM   851  C CG2   . ILE A 1 118 ? 0.562   4.971   13.851  1.00 18.56 ? 119 ILE A CG2   1 
ATOM   852  C CD1   . ILE A 1 118 ? 2.499   6.380   12.094  1.00 21.69 ? 119 ILE A CD1   1 
ATOM   853  N N     . VAL A 1 119 ? 1.809   2.144   15.348  1.00 21.28 ? 120 VAL A N     1 
ATOM   854  C CA    . VAL A 1 119 ? 1.179   0.941   15.860  1.00 22.83 ? 120 VAL A CA    1 
ATOM   855  C C     . VAL A 1 119 ? 1.718   -0.285  15.122  1.00 24.57 ? 120 VAL A C     1 
ATOM   856  O O     . VAL A 1 119 ? 2.140   -0.296  13.958  1.00 23.83 ? 120 VAL A O     1 
ATOM   857  C CB    . VAL A 1 119 ? -0.401  1.050   15.742  1.00 21.98 ? 120 VAL A CB    1 
ATOM   858  C CG1   . VAL A 1 119 ? -0.798  1.154   14.263  1.00 17.28 ? 120 VAL A CG1   1 
ATOM   859  C CG2   . VAL A 1 119 ? -1.083  -0.129  16.488  1.00 16.96 ? 120 VAL A CG2   1 
ATOM   860  N N     . GLU A 1 120 ? 1.783   -1.314  15.950  1.00 24.74 ? 121 GLU A N     1 
ATOM   861  C CA    . GLU A 1 120 ? 2.101   -2.668  15.551  1.00 26.25 ? 121 GLU A CA    1 
ATOM   862  C C     . GLU A 1 120 ? 1.040   -3.183  14.559  1.00 23.62 ? 121 GLU A C     1 
ATOM   863  O O     . GLU A 1 120 ? -0.137  -3.171  14.931  1.00 22.87 ? 121 GLU A O     1 
ATOM   864  C CB    . GLU A 1 120 ? 2.129   -3.428  16.861  1.00 29.31 ? 121 GLU A CB    1 
ATOM   865  C CG    . GLU A 1 120 ? 3.469   -3.967  17.269  1.00 50.31 ? 121 GLU A CG    1 
ATOM   866  C CD    . GLU A 1 120 ? 3.835   -5.169  16.404  1.00 63.59 ? 121 GLU A CD    1 
ATOM   867  O OE1   . GLU A 1 120 ? 4.453   -4.974  15.345  1.00 70.36 ? 121 GLU A OE1   1 
ATOM   868  O OE2   . GLU A 1 120 ? 3.477   -6.293  16.789  1.00 68.60 ? 121 GLU A OE2   1 
ATOM   869  N N     . SER A 1 121 ? 1.283   -3.577  13.315  1.00 22.66 ? 122 SER A N     1 
ATOM   870  C CA    . SER A 1 121 ? 0.213   -4.133  12.497  1.00 22.64 ? 122 SER A CA    1 
ATOM   871  C C     . SER A 1 121 ? -0.311  -5.520  12.912  1.00 21.98 ? 122 SER A C     1 
ATOM   872  O O     . SER A 1 121 ? 0.458   -6.314  13.462  1.00 23.19 ? 122 SER A O     1 
ATOM   873  C CB    . SER A 1 121 ? 0.653   -4.251  11.058  1.00 22.46 ? 122 SER A CB    1 
ATOM   874  O OG    . SER A 1 121 ? 1.831   -5.033  10.949  1.00 19.85 ? 122 SER A OG    1 
ATOM   875  N N     . LYS A 1 122 ? -1.581  -5.834  12.616  1.00 20.47 ? 123 LYS A N     1 
ATOM   876  C CA    . LYS A 1 122 ? -2.161  -7.167  12.804  1.00 21.73 ? 123 LYS A CA    1 
ATOM   877  C C     . LYS A 1 122 ? -1.515  -8.165  11.829  1.00 22.34 ? 123 LYS A C     1 
ATOM   878  O O     . LYS A 1 122 ? -1.035  -9.193  12.302  1.00 21.94 ? 123 LYS A O     1 
ATOM   879  C CB    . LYS A 1 122 ? -3.631  -7.207  12.505  1.00 23.15 ? 123 LYS A CB    1 
ATOM   880  C CG    . LYS A 1 122 ? -4.634  -6.675  13.504  1.00 34.13 ? 123 LYS A CG    1 
ATOM   881  C CD    . LYS A 1 122 ? -6.042  -6.866  12.880  1.00 45.11 ? 123 LYS A CD    1 
ATOM   882  C CE    . LYS A 1 122 ? -6.308  -8.310  12.416  1.00 50.43 ? 123 LYS A CE    1 
ATOM   883  N NZ    . LYS A 1 122 ? -5.931  -9.293  13.434  1.00 49.35 ? 123 LYS A NZ    1 
ATOM   884  N N     . PHE A 1 123 ? -1.489  -7.931  10.485  1.00 21.27 ? 124 PHE A N     1 
ATOM   885  C CA    . PHE A 1 123 ? -0.837  -8.815  9.527   1.00 19.17 ? 124 PHE A CA    1 
ATOM   886  C C     . PHE A 1 123 ? -0.746  -8.071  8.207   1.00 18.20 ? 124 PHE A C     1 
ATOM   887  O O     . PHE A 1 123 ? -1.262  -6.958  8.031   1.00 19.19 ? 124 PHE A O     1 
ATOM   888  C CB    . PHE A 1 123 ? -1.632  -10.176 9.410   1.00 14.22 ? 124 PHE A CB    1 
ATOM   889  C CG    . PHE A 1 123 ? -3.043  -10.114 8.829   1.00 16.15 ? 124 PHE A CG    1 
ATOM   890  C CD1   . PHE A 1 123 ? -4.136  -9.822  9.629   1.00 9.27  ? 124 PHE A CD1   1 
ATOM   891  C CD2   . PHE A 1 123 ? -3.217  -10.307 7.465   1.00 17.09 ? 124 PHE A CD2   1 
ATOM   892  C CE1   . PHE A 1 123 ? -5.396  -9.706  9.075   1.00 8.40  ? 124 PHE A CE1   1 
ATOM   893  C CE2   . PHE A 1 123 ? -4.485  -10.189 6.916   1.00 13.13 ? 124 PHE A CE2   1 
ATOM   894  C CZ    . PHE A 1 123 ? -5.564  -9.887  7.720   1.00 11.15 ? 124 PHE A CZ    1 
ATOM   895  N N     . ILE A 1 124 ? 0.028   -8.658  7.310   1.00 18.27 ? 125 ILE A N     1 
ATOM   896  C CA    . ILE A 1 124 ? 0.297   -8.141  5.979   1.00 17.99 ? 125 ILE A CA    1 
ATOM   897  C C     . ILE A 1 124 ? -0.443  -9.047  4.989   1.00 18.84 ? 125 ILE A C     1 
ATOM   898  O O     . ILE A 1 124 ? -0.252  -10.271 5.029   1.00 18.26 ? 125 ILE A O     1 
ATOM   899  C CB    . ILE A 1 124 ? 1.834   -8.159  5.690   1.00 18.57 ? 125 ILE A CB    1 
ATOM   900  C CG1   . ILE A 1 124 ? 2.616   -7.091  6.482   1.00 21.56 ? 125 ILE A CG1   1 
ATOM   901  C CG2   . ILE A 1 124 ? 2.019   -7.925  4.205   1.00 12.53 ? 125 ILE A CG2   1 
ATOM   902  C CD1   . ILE A 1 124 ? 2.754   -7.344  8.003   1.00 19.61 ? 125 ILE A CD1   1 
ATOM   903  N N     . LEU A 1 125 ? -1.307  -8.500  4.125   1.00 17.70 ? 126 LEU A N     1 
ATOM   904  C CA    . LEU A 1 125 ? -1.955  -9.243  3.078   1.00 15.19 ? 126 LEU A CA    1 
ATOM   905  C C     . LEU A 1 125 ? -1.033  -8.984  1.885   1.00 16.23 ? 126 LEU A C     1 
ATOM   906  O O     . LEU A 1 125 ? -0.854  -7.822  1.466   1.00 14.43 ? 126 LEU A O     1 
ATOM   907  C CB    . LEU A 1 125 ? -3.345  -8.656  2.886   1.00 14.49 ? 126 LEU A CB    1 
ATOM   908  C CG    . LEU A 1 125 ? -4.220  -9.324  1.845   1.00 19.74 ? 126 LEU A CG    1 
ATOM   909  C CD1   . LEU A 1 125 ? -4.402  -10.786 2.156   1.00 22.98 ? 126 LEU A CD1   1 
ATOM   910  C CD2   . LEU A 1 125 ? -5.599  -8.738  1.902   1.00 22.68 ? 126 LEU A CD2   1 
ATOM   911  N N     . PHE A 1 126 ? -0.404  -10.013 1.299   1.00 15.91 ? 127 PHE A N     1 
ATOM   912  C CA    . PHE A 1 126 ? 0.519   -9.827  0.191   1.00 14.72 ? 127 PHE A CA    1 
ATOM   913  C C     . PHE A 1 126 ? 0.019   -10.411 -1.116  1.00 15.78 ? 127 PHE A C     1 
ATOM   914  O O     . PHE A 1 126 ? -0.171  -11.636 -1.216  1.00 16.39 ? 127 PHE A O     1 
ATOM   915  C CB    . PHE A 1 126 ? 1.878   -10.438 0.566   1.00 10.69 ? 127 PHE A CB    1 
ATOM   916  C CG    . PHE A 1 126 ? 2.935   -10.389 -0.531  1.00 15.84 ? 127 PHE A CG    1 
ATOM   917  C CD1   . PHE A 1 126 ? 3.443   -9.186  -0.969  1.00 18.20 ? 127 PHE A CD1   1 
ATOM   918  C CD2   . PHE A 1 126 ? 3.366   -11.559 -1.114  1.00 20.22 ? 127 PHE A CD2   1 
ATOM   919  C CE1   . PHE A 1 126 ? 4.367   -9.155  -1.984  1.00 13.40 ? 127 PHE A CE1   1 
ATOM   920  C CE2   . PHE A 1 126 ? 4.283   -11.535 -2.132  1.00 15.23 ? 127 PHE A CE2   1 
ATOM   921  C CZ    . PHE A 1 126 ? 4.782   -10.332 -2.566  1.00 20.07 ? 127 PHE A CZ    1 
ATOM   922  N N     . PHE A 1 127 ? -0.138  -9.589  -2.165  1.00 13.20 ? 128 PHE A N     1 
ATOM   923  C CA    . PHE A 1 127 ? -0.610  -10.087 -3.426  1.00 10.95 ? 128 PHE A CA    1 
ATOM   924  C C     . PHE A 1 127 ? 0.549   -10.554 -4.222  1.00 12.78 ? 128 PHE A C     1 
ATOM   925  O O     . PHE A 1 127 ? 1.201   -9.808  -4.936  1.00 14.20 ? 128 PHE A O     1 
ATOM   926  C CB    . PHE A 1 127 ? -1.342  -9.033  -4.209  1.00 10.66 ? 128 PHE A CB    1 
ATOM   927  C CG    . PHE A 1 127 ? -2.704  -8.769  -3.572  1.00 18.78 ? 128 PHE A CG    1 
ATOM   928  C CD1   . PHE A 1 127 ? -3.729  -9.683  -3.730  1.00 17.51 ? 128 PHE A CD1   1 
ATOM   929  C CD2   . PHE A 1 127 ? -2.910  -7.639  -2.777  1.00 22.73 ? 128 PHE A CD2   1 
ATOM   930  C CE1   . PHE A 1 127 ? -4.946  -9.472  -3.088  1.00 22.43 ? 128 PHE A CE1   1 
ATOM   931  C CE2   . PHE A 1 127 ? -4.124  -7.441  -2.148  1.00 19.40 ? 128 PHE A CE2   1 
ATOM   932  C CZ    . PHE A 1 127 ? -5.143  -8.355  -2.298  1.00 19.17 ? 128 PHE A CZ    1 
ATOM   933  N N     . ASP A 1 128 ? 0.865   -11.811 -4.098  1.00 12.54 ? 129 ASP A N     1 
ATOM   934  C CA    . ASP A 1 128 ? 1.933   -12.435 -4.842  1.00 15.02 ? 129 ASP A CA    1 
ATOM   935  C C     . ASP A 1 128 ? 1.647   -12.414 -6.351  1.00 14.59 ? 129 ASP A C     1 
ATOM   936  O O     . ASP A 1 128 ? 0.710   -13.038 -6.841  1.00 16.21 ? 129 ASP A O     1 
ATOM   937  C CB    . ASP A 1 128 ? 1.981   -13.797 -4.300  1.00 18.91 ? 129 ASP A CB    1 
ATOM   938  C CG    . ASP A 1 128 ? 3.306   -14.464 -4.409  1.00 24.99 ? 129 ASP A CG    1 
ATOM   939  O OD1   . ASP A 1 128 ? 4.116   -14.088 -5.258  1.00 36.71 ? 129 ASP A OD1   1 
ATOM   940  O OD2   . ASP A 1 128 ? 3.499   -15.370 -3.615  1.00 29.78 ? 129 ASP A OD2   1 
ATOM   941  N N     . CYS A 1 129 ? 2.392   -11.763 -7.202  1.00 15.43 ? 130 CYS A N     1 
ATOM   942  C CA    . CYS A 1 129 ? 1.977   -11.626 -8.591  1.00 15.91 ? 130 CYS A CA    1 
ATOM   943  C C     . CYS A 1 129 ? 3.164   -11.749 -9.551  1.00 16.35 ? 130 CYS A C     1 
ATOM   944  O O     . CYS A 1 129 ? 4.238   -11.192 -9.276  1.00 19.23 ? 130 CYS A O     1 
ATOM   945  C CB    . CYS A 1 129 ? 1.277   -10.275 -8.662  1.00 11.88 ? 130 CYS A CB    1 
ATOM   946  S SG    . CYS A 1 129 ? 0.311   -9.915  -10.130 1.00 18.06 ? 130 CYS A SG    1 
ATOM   947  N N     . PRO A 1 130 ? 3.094   -12.494 -10.660 1.00 16.54 ? 131 PRO A N     1 
ATOM   948  C CA    . PRO A 1 130 ? 4.131   -12.585 -11.670 1.00 13.68 ? 131 PRO A CA    1 
ATOM   949  C C     . PRO A 1 130 ? 4.320   -11.256 -12.347 1.00 12.33 ? 131 PRO A C     1 
ATOM   950  O O     . PRO A 1 130 ? 3.344   -10.575 -12.678 1.00 14.21 ? 131 PRO A O     1 
ATOM   951  C CB    . PRO A 1 130 ? 3.632   -13.639 -12.614 1.00 14.29 ? 131 PRO A CB    1 
ATOM   952  C CG    . PRO A 1 130 ? 2.718   -14.488 -11.789 1.00 18.47 ? 131 PRO A CG    1 
ATOM   953  C CD    . PRO A 1 130 ? 2.017   -13.442 -10.970 1.00 17.85 ? 131 PRO A CD    1 
ATOM   954  N N     . GLU A 1 131 ? 5.538   -10.907 -12.712 1.00 11.09 ? 132 GLU A N     1 
ATOM   955  C CA    . GLU A 1 131 ? 5.764   -9.610  -13.310 1.00 11.75 ? 132 GLU A CA    1 
ATOM   956  C C     . GLU A 1 131 ? 5.161   -9.424  -14.650 1.00 13.05 ? 132 GLU A C     1 
ATOM   957  O O     . GLU A 1 131 ? 4.792   -8.292  -14.950 1.00 16.43 ? 132 GLU A O     1 
ATOM   958  C CB    . GLU A 1 131 ? 7.208   -9.309  -13.495 1.00 15.54 ? 132 GLU A CB    1 
ATOM   959  C CG    . GLU A 1 131 ? 7.511   -7.869  -13.724 1.00 11.51 ? 132 GLU A CG    1 
ATOM   960  C CD    . GLU A 1 131 ? 8.953   -7.682  -14.131 1.00 17.13 ? 132 GLU A CD    1 
ATOM   961  O OE1   . GLU A 1 131 ? 9.819   -7.665  -13.259 1.00 16.40 ? 132 GLU A OE1   1 
ATOM   962  O OE2   . GLU A 1 131 ? 9.204   -7.567  -15.327 1.00 16.51 ? 132 GLU A OE2   1 
ATOM   963  N N     . ASP A 1 132 ? 5.020   -10.462 -15.480 1.00 12.75 ? 133 ASP A N     1 
ATOM   964  C CA    . ASP A 1 132 ? 4.412   -10.285 -16.790 1.00 11.56 ? 133 ASP A CA    1 
ATOM   965  C C     . ASP A 1 132 ? 2.942   -9.996  -16.691 1.00 11.75 ? 133 ASP A C     1 
ATOM   966  O O     . ASP A 1 132 ? 2.384   -9.319  -17.558 1.00 14.04 ? 133 ASP A O     1 
ATOM   967  C CB    . ASP A 1 132 ? 4.639   -11.524 -17.648 1.00 14.40 ? 133 ASP A CB    1 
ATOM   968  C CG    . ASP A 1 132 ? 4.291   -12.839 -16.973 1.00 14.51 ? 133 ASP A CG    1 
ATOM   969  O OD1   . ASP A 1 132 ? 4.890   -13.206 -15.986 1.00 15.85 ? 133 ASP A OD1   1 
ATOM   970  O OD2   . ASP A 1 132 ? 3.391   -13.500 -17.431 1.00 13.95 ? 133 ASP A OD2   1 
ATOM   971  N N     . ILE A 1 133 ? 2.306   -10.460 -15.615 1.00 11.86 ? 134 ILE A N     1 
ATOM   972  C CA    . ILE A 1 133 ? 0.911   -10.168 -15.331 1.00 13.18 ? 134 ILE A CA    1 
ATOM   973  C C     . ILE A 1 133 ? 0.766   -8.717  -14.861 1.00 13.11 ? 134 ILE A C     1 
ATOM   974  O O     . ILE A 1 133 ? -0.102  -7.994  -15.335 1.00 13.44 ? 134 ILE A O     1 
ATOM   975  C CB    . ILE A 1 133 ? 0.391   -11.152 -14.245 1.00 17.40 ? 134 ILE A CB    1 
ATOM   976  C CG1   . ILE A 1 133 ? 0.414   -12.632 -14.727 1.00 14.76 ? 134 ILE A CG1   1 
ATOM   977  C CG2   . ILE A 1 133 ? -1.022  -10.717 -13.873 1.00 18.81 ? 134 ILE A CG2   1 
ATOM   978  C CD1   . ILE A 1 133 ? -0.288  -12.848 -16.072 1.00 15.15 ? 134 ILE A CD1   1 
ATOM   979  N N     . MET A 1 134 ? 1.623   -8.263  -13.953 1.00 13.85 ? 135 MET A N     1 
ATOM   980  C CA    . MET A 1 134 ? 1.627   -6.892  -13.487 1.00 13.35 ? 135 MET A CA    1 
ATOM   981  C C     . MET A 1 134 ? 1.857   -5.973  -14.662 1.00 13.96 ? 135 MET A C     1 
ATOM   982  O O     . MET A 1 134 ? 1.109   -5.013  -14.866 1.00 15.32 ? 135 MET A O     1 
ATOM   983  C CB    . MET A 1 134 ? 2.721   -6.680  -12.479 1.00 7.91  ? 135 MET A CB    1 
ATOM   984  C CG    . MET A 1 134 ? 2.422   -7.373  -11.177 1.00 6.80  ? 135 MET A CG    1 
ATOM   985  S SD    . MET A 1 134 ? 3.570   -6.913  -9.875  1.00 17.92 ? 135 MET A SD    1 
ATOM   986  C CE    . MET A 1 134 ? 5.018   -7.769  -10.351 1.00 12.34 ? 135 MET A CE    1 
ATOM   987  N N     . LEU A 1 135 ? 2.806   -6.297  -15.532 1.00 15.09 ? 136 LEU A N     1 
ATOM   988  C CA    . LEU A 1 135 ? 3.068   -5.472  -16.707 1.00 18.34 ? 136 LEU A CA    1 
ATOM   989  C C     . LEU A 1 135 ? 1.900   -5.315  -17.683 1.00 19.54 ? 136 LEU A C     1 
ATOM   990  O O     . LEU A 1 135 ? 1.617   -4.201  -18.122 1.00 18.59 ? 136 LEU A O     1 
ATOM   991  C CB    . LEU A 1 135 ? 4.288   -6.052  -17.425 1.00 18.80 ? 136 LEU A CB    1 
ATOM   992  C CG    . LEU A 1 135 ? 4.761   -5.254  -18.609 1.00 23.61 ? 136 LEU A CG    1 
ATOM   993  C CD1   . LEU A 1 135 ? 5.082   -3.809  -18.204 1.00 25.76 ? 136 LEU A CD1   1 
ATOM   994  C CD2   . LEU A 1 135 ? 5.979   -5.950  -19.166 1.00 28.38 ? 136 LEU A CD2   1 
ATOM   995  N N     . GLU A 1 136 ? 1.165   -6.379  -18.050 1.00 20.47 ? 137 GLU A N     1 
ATOM   996  C CA    . GLU A 1 136 ? 0.040   -6.200  -18.939 1.00 20.90 ? 137 GLU A CA    1 
ATOM   997  C C     . GLU A 1 136 ? -1.056  -5.398  -18.210 1.00 21.89 ? 137 GLU A C     1 
ATOM   998  O O     . GLU A 1 136 ? -1.659  -4.567  -18.905 1.00 22.86 ? 137 GLU A O     1 
ATOM   999  C CB    . GLU A 1 136 ? -0.524  -7.546  -19.394 1.00 25.11 ? 137 GLU A CB    1 
ATOM   1000 C CG    . GLU A 1 136 ? -1.077  -8.336  -18.219 1.00 41.65 ? 137 GLU A CG    1 
ATOM   1001 C CD    . GLU A 1 136 ? -1.970  -9.530  -18.502 1.00 51.16 ? 137 GLU A CD    1 
ATOM   1002 O OE1   . GLU A 1 136 ? -1.620  -10.337 -19.371 1.00 58.65 ? 137 GLU A OE1   1 
ATOM   1003 O OE2   . GLU A 1 136 ? -2.994  -9.648  -17.815 1.00 53.66 ? 137 GLU A OE2   1 
ATOM   1004 N N     . ARG A 1 137 ? -1.363  -5.555  -16.887 1.00 19.92 ? 138 ARG A N     1 
ATOM   1005 C CA    . ARG A 1 137 ? -2.343  -4.716  -16.161 1.00 18.33 ? 138 ARG A CA    1 
ATOM   1006 C C     . ARG A 1 137 ? -1.920  -3.236  -16.110 1.00 17.50 ? 138 ARG A C     1 
ATOM   1007 O O     . ARG A 1 137 ? -2.757  -2.350  -16.276 1.00 16.53 ? 138 ARG A O     1 
ATOM   1008 C CB    . ARG A 1 137 ? -2.531  -5.203  -14.717 1.00 16.26 ? 138 ARG A CB    1 
ATOM   1009 C CG    . ARG A 1 137 ? -3.243  -6.528  -14.767 1.00 17.23 ? 138 ARG A CG    1 
ATOM   1010 C CD    . ARG A 1 137 ? -3.426  -7.019  -13.372 1.00 19.01 ? 138 ARG A CD    1 
ATOM   1011 N NE    . ARG A 1 137 ? -3.964  -8.355  -13.418 1.00 16.25 ? 138 ARG A NE    1 
ATOM   1012 C CZ    . ARG A 1 137 ? -4.079  -9.100  -12.304 1.00 13.05 ? 138 ARG A CZ    1 
ATOM   1013 N NH1   . ARG A 1 137 ? -3.694  -8.634  -11.115 1.00 18.88 ? 138 ARG A NH1   1 
ATOM   1014 N NH2   . ARG A 1 137 ? -4.552  -10.349 -12.405 1.00 17.23 ? 138 ARG A NH2   1 
ATOM   1015 N N     . LEU A 1 138 ? -0.647  -2.872  -15.928 1.00 16.90 ? 139 LEU A N     1 
ATOM   1016 C CA    . LEU A 1 138 ? -0.251  -1.475  -15.903 1.00 16.29 ? 139 LEU A CA    1 
ATOM   1017 C C     . LEU A 1 138 ? -0.290  -0.877  -17.289 1.00 17.61 ? 139 LEU A C     1 
ATOM   1018 O O     . LEU A 1 138 ? -0.633  0.287   -17.415 1.00 19.32 ? 139 LEU A O     1 
ATOM   1019 C CB    . LEU A 1 138 ? 1.142   -1.343  -15.332 1.00 12.31 ? 139 LEU A CB    1 
ATOM   1020 C CG    . LEU A 1 138 ? 1.310   -1.549  -13.822 1.00 16.58 ? 139 LEU A CG    1 
ATOM   1021 C CD1   . LEU A 1 138 ? 2.794   -1.388  -13.490 1.00 19.15 ? 139 LEU A CD1   1 
ATOM   1022 C CD2   . LEU A 1 138 ? 0.522   -0.530  -13.005 1.00 6.98  ? 139 LEU A CD2   1 
ATOM   1023 N N     . LEU A 1 139 ? -0.003  -1.550  -18.393 1.00 19.65 ? 140 LEU A N     1 
ATOM   1024 C CA    . LEU A 1 139 ? -0.106  -0.890  -19.695 1.00 21.84 ? 140 LEU A CA    1 
ATOM   1025 C C     . LEU A 1 139 ? -1.591  -0.678  -20.028 1.00 24.21 ? 140 LEU A C     1 
ATOM   1026 O O     . LEU A 1 139 ? -1.971  0.395   -20.538 1.00 24.66 ? 140 LEU A O     1 
ATOM   1027 C CB    . LEU A 1 139 ? 0.581   -1.736  -20.768 1.00 21.27 ? 140 LEU A CB    1 
ATOM   1028 C CG    . LEU A 1 139 ? 2.119   -1.828  -20.674 1.00 24.56 ? 140 LEU A CG    1 
ATOM   1029 C CD1   . LEU A 1 139 ? 2.642   -2.948  -21.573 1.00 21.98 ? 140 LEU A CD1   1 
ATOM   1030 C CD2   . LEU A 1 139 ? 2.722   -0.461  -21.010 1.00 23.58 ? 140 LEU A CD2   1 
ATOM   1031 N N     . GLU A 1 140 ? -2.484  -1.633  -19.719 1.00 23.22 ? 141 GLU A N     1 
ATOM   1032 C CA    . GLU A 1 140 ? -3.881  -1.351  -19.875 1.00 23.62 ? 141 GLU A CA    1 
ATOM   1033 C C     . GLU A 1 140 ? -4.356  -0.244  -18.933 1.00 23.15 ? 141 GLU A C     1 
ATOM   1034 O O     . GLU A 1 140 ? -5.101  0.607   -19.435 1.00 23.92 ? 141 GLU A O     1 
ATOM   1035 C CB    . GLU A 1 140 ? -4.706  -2.609  -19.662 1.00 28.69 ? 141 GLU A CB    1 
ATOM   1036 C CG    . GLU A 1 140 ? -5.082  -3.237  -21.036 1.00 48.97 ? 141 GLU A CG    1 
ATOM   1037 C CD    . GLU A 1 140 ? -5.786  -2.314  -22.072 1.00 61.40 ? 141 GLU A CD    1 
ATOM   1038 O OE1   . GLU A 1 140 ? -6.826  -1.708  -21.745 1.00 66.32 ? 141 GLU A OE1   1 
ATOM   1039 O OE2   . GLU A 1 140 ? -5.290  -2.200  -23.211 1.00 64.87 ? 141 GLU A OE2   1 
ATOM   1040 N N     . ARG A 1 141 ? -3.926  -0.118  -17.644 1.00 22.32 ? 142 ARG A N     1 
ATOM   1041 C CA    . ARG A 1 141 ? -4.314  0.973   -16.748 1.00 20.18 ? 142 ARG A CA    1 
ATOM   1042 C C     . ARG A 1 141 ? -3.828  2.291   -17.326 1.00 21.31 ? 142 ARG A C     1 
ATOM   1043 O O     . ARG A 1 141 ? -4.541  3.294   -17.281 1.00 20.39 ? 142 ARG A O     1 
ATOM   1044 C CB    . ARG A 1 141 ? -3.710  0.807   -15.379 1.00 16.89 ? 142 ARG A CB    1 
ATOM   1045 C CG    . ARG A 1 141 ? -4.523  1.629   -14.388 1.00 17.12 ? 142 ARG A CG    1 
ATOM   1046 C CD    . ARG A 1 141 ? -4.060  1.322   -12.996 1.00 16.26 ? 142 ARG A CD    1 
ATOM   1047 N NE    . ARG A 1 141 ? -2.737  1.879   -12.767 1.00 12.95 ? 142 ARG A NE    1 
ATOM   1048 C CZ    . ARG A 1 141 ? -1.947  1.545   -11.727 1.00 14.66 ? 142 ARG A CZ    1 
ATOM   1049 N NH1   . ARG A 1 141 ? -2.323  0.669   -10.827 1.00 13.55 ? 142 ARG A NH1   1 
ATOM   1050 N NH2   . ARG A 1 141 ? -0.747  2.100   -11.549 1.00 15.96 ? 142 ARG A NH2   1 
ATOM   1051 N N     . GLY A 1 142 ? -2.637  2.276   -17.929 1.00 22.62 ? 143 GLY A N     1 
ATOM   1052 C CA    . GLY A 1 142 ? -2.046  3.404   -18.599 1.00 27.08 ? 143 GLY A CA    1 
ATOM   1053 C C     . GLY A 1 142 ? -2.958  3.915   -19.679 1.00 32.08 ? 143 GLY A C     1 
ATOM   1054 O O     . GLY A 1 142 ? -3.085  5.129   -19.846 1.00 32.99 ? 143 GLY A O     1 
ATOM   1055 N N     . LYS A 1 143 ? -3.655  3.010   -20.380 1.00 35.67 ? 144 LYS A N     1 
ATOM   1056 C CA    . LYS A 1 143 ? -4.553  3.411   -21.471 1.00 39.32 ? 144 LYS A CA    1 
ATOM   1057 C C     . LYS A 1 143 ? -5.857  3.926   -20.888 1.00 38.94 ? 144 LYS A C     1 
ATOM   1058 O O     . LYS A 1 143 ? -6.424  4.892   -21.394 1.00 39.07 ? 144 LYS A O     1 
ATOM   1059 C CB    . LYS A 1 143 ? -5.000  2.271   -22.468 1.00 46.54 ? 144 LYS A CB    1 
ATOM   1060 C CG    . LYS A 1 143 ? -4.069  1.249   -23.160 1.00 57.01 ? 144 LYS A CG    1 
ATOM   1061 C CD    . LYS A 1 143 ? -2.746  1.800   -23.720 1.00 67.87 ? 144 LYS A CD    1 
ATOM   1062 C CE    . LYS A 1 143 ? -1.702  0.672   -23.975 1.00 73.58 ? 144 LYS A CE    1 
ATOM   1063 N NZ    . LYS A 1 143 ? -0.334  1.126   -23.703 1.00 71.98 ? 144 LYS A NZ    1 
ATOM   1064 N N     . THR A 1 144 ? -6.392  3.213   -19.906 1.00 38.85 ? 145 THR A N     1 
ATOM   1065 C CA    . THR A 1 144 ? -7.622  3.626   -19.270 1.00 40.43 ? 145 THR A CA    1 
ATOM   1066 C C     . THR A 1 144 ? -7.386  4.942   -18.530 1.00 39.80 ? 145 THR A C     1 
ATOM   1067 O O     . THR A 1 144 ? -7.706  6.034   -19.010 1.00 40.81 ? 145 THR A O     1 
ATOM   1068 C CB    . THR A 1 144 ? -8.081  2.503   -18.295 1.00 44.29 ? 145 THR A CB    1 
ATOM   1069 O OG1   . THR A 1 144 ? -8.122  1.293   -19.060 1.00 51.22 ? 145 THR A OG1   1 
ATOM   1070 C CG2   . THR A 1 144 ? -9.435  2.796   -17.637 1.00 47.89 ? 145 THR A CG2   1 
ATOM   1071 N N     . SER A 1 145 ? -6.704  4.888   -17.408 1.00 36.86 ? 146 SER A N     1 
ATOM   1072 C CA    . SER A 1 145 ? -6.675  6.061   -16.631 1.00 35.20 ? 146 SER A CA    1 
ATOM   1073 C C     . SER A 1 145 ? -5.653  7.102   -16.989 1.00 35.85 ? 146 SER A C     1 
ATOM   1074 O O     . SER A 1 145 ? -5.869  8.275   -16.639 1.00 37.12 ? 146 SER A O     1 
ATOM   1075 C CB    . SER A 1 145 ? -6.561  5.547   -15.280 1.00 35.75 ? 146 SER A CB    1 
ATOM   1076 O OG    . SER A 1 145 ? -7.748  4.787   -15.103 1.00 43.08 ? 146 SER A OG    1 
ATOM   1077 N N     . GLY A 1 146 ? -4.583  6.770   -17.709 1.00 34.43 ? 147 GLY A N     1 
ATOM   1078 C CA    . GLY A 1 146 ? -3.594  7.781   -18.025 1.00 34.08 ? 147 GLY A CA    1 
ATOM   1079 C C     . GLY A 1 146 ? -2.854  8.395   -16.805 1.00 35.07 ? 147 GLY A C     1 
ATOM   1080 O O     . GLY A 1 146 ? -2.540  9.612   -16.789 1.00 34.31 ? 147 GLY A O     1 
ATOM   1081 N N     . ARG A 1 147 ? -2.555  7.554   -15.776 1.00 33.44 ? 148 ARG A N     1 
ATOM   1082 C CA    . ARG A 1 147 ? -1.786  7.966   -14.602 1.00 30.53 ? 148 ARG A CA    1 
ATOM   1083 C C     . ARG A 1 147 ? -0.384  8.264   -15.140 1.00 29.95 ? 148 ARG A C     1 
ATOM   1084 O O     . ARG A 1 147 ? 0.144   7.514   -15.989 1.00 28.45 ? 148 ARG A O     1 
ATOM   1085 C CB    . ARG A 1 147 ? -1.721  6.837   -13.606 1.00 23.39 ? 148 ARG A CB    1 
ATOM   1086 C CG    . ARG A 1 147 ? -1.771  7.368   -12.229 1.00 19.97 ? 148 ARG A CG    1 
ATOM   1087 C CD    . ARG A 1 147 ? -1.807  6.218   -11.263 1.00 23.97 ? 148 ARG A CD    1 
ATOM   1088 N NE    . ARG A 1 147 ? -0.510  5.623   -10.989 1.00 21.44 ? 148 ARG A NE    1 
ATOM   1089 C CZ    . ARG A 1 147 ? -0.281  4.845   -9.928  1.00 21.29 ? 148 ARG A CZ    1 
ATOM   1090 N NH1   . ARG A 1 147 ? -1.287  4.587   -9.087  1.00 20.59 ? 148 ARG A NH1   1 
ATOM   1091 N NH2   . ARG A 1 147 ? 0.951   4.338   -9.694  1.00 16.52 ? 148 ARG A NH2   1 
ATOM   1092 N N     . SER A 1 148 ? 0.249   9.330   -14.649 1.00 28.96 ? 149 SER A N     1 
ATOM   1093 C CA    . SER A 1 148 ? 1.563   9.744   -15.171 1.00 28.53 ? 149 SER A CA    1 
ATOM   1094 C C     . SER A 1 148 ? 2.682   8.680   -15.137 1.00 26.84 ? 149 SER A C     1 
ATOM   1095 O O     . SER A 1 148 ? 3.379   8.493   -16.139 1.00 29.87 ? 149 SER A O     1 
ATOM   1096 C CB    . SER A 1 148 ? 2.002   11.004  -14.401 1.00 27.59 ? 149 SER A CB    1 
ATOM   1097 O OG    . SER A 1 148 ? 2.070   10.752  -12.999 1.00 31.67 ? 149 SER A OG    1 
ATOM   1098 N N     . ASP A 1 149 ? 2.942   7.960   -14.035 1.00 23.17 ? 150 ASP A N     1 
ATOM   1099 C CA    . ASP A 1 149 ? 3.951   6.903   -13.997 1.00 20.95 ? 150 ASP A CA    1 
ATOM   1100 C C     . ASP A 1 149 ? 3.581   5.583   -14.727 1.00 19.97 ? 150 ASP A C     1 
ATOM   1101 O O     . ASP A 1 149 ? 4.390   4.646   -14.764 1.00 18.37 ? 150 ASP A O     1 
ATOM   1102 C CB    . ASP A 1 149 ? 4.304   6.622   -12.506 1.00 15.78 ? 150 ASP A CB    1 
ATOM   1103 C CG    . ASP A 1 149 ? 3.133   6.310   -11.568 1.00 15.24 ? 150 ASP A CG    1 
ATOM   1104 O OD1   . ASP A 1 149 ? 1.998   6.612   -11.885 1.00 18.79 ? 150 ASP A OD1   1 
ATOM   1105 O OD2   . ASP A 1 149 ? 3.319   5.752   -10.507 1.00 9.70  ? 150 ASP A OD2   1 
ATOM   1106 N N     . ASP A 1 150 ? 2.399   5.444   -15.342 1.00 19.14 ? 151 ASP A N     1 
ATOM   1107 C CA    . ASP A 1 150 ? 2.026   4.197   -16.000 1.00 19.34 ? 151 ASP A CA    1 
ATOM   1108 C C     . ASP A 1 150 ? 2.424   4.207   -17.456 1.00 18.24 ? 151 ASP A C     1 
ATOM   1109 O O     . ASP A 1 150 ? 1.634   4.037   -18.388 1.00 20.55 ? 151 ASP A O     1 
ATOM   1110 C CB    . ASP A 1 150 ? 0.525   3.961   -15.905 1.00 10.14 ? 151 ASP A CB    1 
ATOM   1111 C CG    . ASP A 1 150 ? 0.052   3.457   -14.555 1.00 16.94 ? 151 ASP A CG    1 
ATOM   1112 O OD1   . ASP A 1 150 ? 0.828   3.043   -13.697 1.00 14.57 ? 151 ASP A OD1   1 
ATOM   1113 O OD2   . ASP A 1 150 ? -1.149  3.526   -14.363 1.00 17.63 ? 151 ASP A OD2   1 
ATOM   1114 N N     . ASN A 1 151 ? 3.716   4.400   -17.623 1.00 19.81 ? 152 ASN A N     1 
ATOM   1115 C CA    . ASN A 1 151 ? 4.410   4.462   -18.915 1.00 20.32 ? 152 ASN A CA    1 
ATOM   1116 C C     . ASN A 1 151 ? 5.543   3.442   -18.756 1.00 20.07 ? 152 ASN A C     1 
ATOM   1117 O O     . ASN A 1 151 ? 6.065   3.294   -17.651 1.00 21.05 ? 152 ASN A O     1 
ATOM   1118 C CB    . ASN A 1 151 ? 5.010   5.879   -19.199 1.00 20.35 ? 152 ASN A CB    1 
ATOM   1119 C CG    . ASN A 1 151 ? 6.144   6.333   -18.286 1.00 21.90 ? 152 ASN A CG    1 
ATOM   1120 O OD1   . ASN A 1 151 ? 7.279   5.888   -18.462 1.00 19.77 ? 152 ASN A OD1   1 
ATOM   1121 N ND2   . ASN A 1 151 ? 5.923   7.170   -17.280 1.00 19.09 ? 152 ASN A ND2   1 
ATOM   1122 N N     . ILE A 1 152 ? 5.963   2.708   -19.789 1.00 22.49 ? 153 ILE A N     1 
ATOM   1123 C CA    . ILE A 1 152 ? 6.956   1.625   -19.663 1.00 24.56 ? 153 ILE A CA    1 
ATOM   1124 C C     . ILE A 1 152 ? 8.320   2.066   -19.079 1.00 24.14 ? 153 ILE A C     1 
ATOM   1125 O O     . ILE A 1 152 ? 8.920   1.282   -18.349 1.00 26.85 ? 153 ILE A O     1 
ATOM   1126 C CB    . ILE A 1 152 ? 7.080   0.910   -21.107 1.00 24.69 ? 153 ILE A CB    1 
ATOM   1127 C CG1   . ILE A 1 152 ? 7.934   -0.370  -21.038 1.00 22.43 ? 153 ILE A CG1   1 
ATOM   1128 C CG2   . ILE A 1 152 ? 7.668   1.897   -22.131 1.00 26.42 ? 153 ILE A CG2   1 
ATOM   1129 C CD1   . ILE A 1 152 ? 7.210   -1.553  -20.370 1.00 18.23 ? 153 ILE A CD1   1 
ATOM   1130 N N     . GLU A 1 153 ? 8.794   3.296   -19.222 1.00 22.84 ? 154 GLU A N     1 
ATOM   1131 C CA    . GLU A 1 153 ? 10.086  3.705   -18.692 1.00 23.30 ? 154 GLU A CA    1 
ATOM   1132 C C     . GLU A 1 153 ? 9.976   3.762   -17.173 1.00 19.26 ? 154 GLU A C     1 
ATOM   1133 O O     . GLU A 1 153 ? 10.815  3.239   -16.426 1.00 21.12 ? 154 GLU A O     1 
ATOM   1134 C CB    . GLU A 1 153 ? 10.427  5.082   -19.305 1.00 30.02 ? 154 GLU A CB    1 
ATOM   1135 C CG    . GLU A 1 153 ? 11.926  5.459   -19.492 1.00 50.49 ? 154 GLU A CG    1 
ATOM   1136 C CD    . GLU A 1 153 ? 12.380  6.933   -19.205 1.00 61.63 ? 154 GLU A CD    1 
ATOM   1137 O OE1   . GLU A 1 153 ? 11.761  7.897   -19.709 1.00 63.58 ? 154 GLU A OE1   1 
ATOM   1138 O OE2   . GLU A 1 153 ? 13.373  7.107   -18.466 1.00 59.40 ? 154 GLU A OE2   1 
ATOM   1139 N N     . SER A 1 154 ? 8.923   4.391   -16.688 1.00 17.58 ? 155 SER A N     1 
ATOM   1140 C CA    . SER A 1 154 ? 8.652   4.440   -15.261 1.00 17.38 ? 155 SER A CA    1 
ATOM   1141 C C     . SER A 1 154 ? 8.256   3.073   -14.666 1.00 14.52 ? 155 SER A C     1 
ATOM   1142 O O     . SER A 1 154 ? 8.694   2.734   -13.561 1.00 14.57 ? 155 SER A O     1 
ATOM   1143 C CB    . SER A 1 154 ? 7.557   5.491   -15.052 1.00 21.08 ? 155 SER A CB    1 
ATOM   1144 O OG    . SER A 1 154 ? 8.003   6.816   -15.387 1.00 24.31 ? 155 SER A OG    1 
ATOM   1145 N N     . ILE A 1 155 ? 7.459   2.262   -15.379 1.00 14.92 ? 156 ILE A N     1 
ATOM   1146 C CA    . ILE A 1 155 ? 7.082   0.880   -15.022 1.00 15.20 ? 156 ILE A CA    1 
ATOM   1147 C C     . ILE A 1 155 ? 8.379   0.112   -14.804 1.00 14.80 ? 156 ILE A C     1 
ATOM   1148 O O     . ILE A 1 155 ? 8.490   -0.528  -13.773 1.00 15.10 ? 156 ILE A O     1 
ATOM   1149 C CB    . ILE A 1 155 ? 6.277   0.107   -16.148 1.00 16.57 ? 156 ILE A CB    1 
ATOM   1150 C CG1   . ILE A 1 155 ? 4.917   0.670   -16.547 1.00 14.96 ? 156 ILE A CG1   1 
ATOM   1151 C CG2   . ILE A 1 155 ? 6.022   -1.252  -15.611 1.00 16.86 ? 156 ILE A CG2   1 
ATOM   1152 C CD1   . ILE A 1 155 ? 4.317   1.446   -15.440 1.00 14.52 ? 156 ILE A CD1   1 
ATOM   1153 N N     . LYS A 1 156 ? 9.415   0.159   -15.655 1.00 14.83 ? 157 LYS A N     1 
ATOM   1154 C CA    . LYS A 1 156 ? 10.626  -0.601  -15.350 1.00 13.78 ? 157 LYS A CA    1 
ATOM   1155 C C     . LYS A 1 156 ? 11.302  -0.132  -14.080 1.00 14.43 ? 157 LYS A C     1 
ATOM   1156 O O     . LYS A 1 156 ? 11.688  -0.980  -13.269 1.00 14.35 ? 157 LYS A O     1 
ATOM   1157 C CB    . LYS A 1 156 ? 11.607  -0.501  -16.495 1.00 15.03 ? 157 LYS A CB    1 
ATOM   1158 C CG    . LYS A 1 156 ? 11.021  -1.192  -17.733 1.00 18.12 ? 157 LYS A CG    1 
ATOM   1159 C CD    . LYS A 1 156 ? 12.136  -0.989  -18.696 1.00 21.38 ? 157 LYS A CD    1 
ATOM   1160 C CE    . LYS A 1 156 ? 11.697  -1.268  -20.085 1.00 27.23 ? 157 LYS A CE    1 
ATOM   1161 N NZ    . LYS A 1 156 ? 12.886  -1.132  -20.890 1.00 23.40 ? 157 LYS A NZ    1 
ATOM   1162 N N     . LYS A 1 157 ? 11.419  1.197   -13.824 1.00 15.85 ? 158 LYS A N     1 
ATOM   1163 C CA    . LYS A 1 157 ? 11.928  1.708   -12.560 1.00 14.53 ? 158 LYS A CA    1 
ATOM   1164 C C     . LYS A 1 157 ? 11.093  1.233   -11.357 1.00 13.35 ? 158 LYS A C     1 
ATOM   1165 O O     . LYS A 1 157 ? 11.682  0.838   -10.346 1.00 13.37 ? 158 LYS A O     1 
ATOM   1166 C CB    . LYS A 1 157 ? 11.934  3.220   -12.615 1.00 16.17 ? 158 LYS A CB    1 
ATOM   1167 C CG    . LYS A 1 157 ? 13.083  3.578   -13.499 1.00 16.93 ? 158 LYS A CG    1 
ATOM   1168 C CD    . LYS A 1 157 ? 12.776  4.875   -14.194 1.00 21.22 ? 158 LYS A CD    1 
ATOM   1169 C CE    . LYS A 1 157 ? 14.044  5.337   -14.874 1.00 29.16 ? 158 LYS A CE    1 
ATOM   1170 N NZ    . LYS A 1 157 ? 13.823  6.600   -15.545 1.00 38.29 ? 158 LYS A NZ    1 
ATOM   1171 N N     . ARG A 1 158 ? 9.746   1.253   -11.418 1.00 11.65 ? 159 ARG A N     1 
ATOM   1172 C CA    . ARG A 1 158 ? 8.868   0.743   -10.352 1.00 11.27 ? 159 ARG A CA    1 
ATOM   1173 C C     . ARG A 1 158 ? 9.042   -0.782  -10.131 1.00 11.28 ? 159 ARG A C     1 
ATOM   1174 O O     . ARG A 1 158 ? 9.142   -1.231  -8.973  1.00 11.96 ? 159 ARG A O     1 
ATOM   1175 C CB    . ARG A 1 158 ? 7.439   1.085   -10.738 1.00 11.03 ? 159 ARG A CB    1 
ATOM   1176 C CG    . ARG A 1 158 ? 7.170   2.559   -10.733 1.00 8.52  ? 159 ARG A CG    1 
ATOM   1177 C CD    . ARG A 1 158 ? 5.991   2.832   -11.594 1.00 11.23 ? 159 ARG A CD    1 
ATOM   1178 N NE    . ARG A 1 158 ? 4.800   2.335   -10.995 1.00 4.54  ? 159 ARG A NE    1 
ATOM   1179 C CZ    . ARG A 1 158 ? 3.626   2.368   -11.648 1.00 10.83 ? 159 ARG A CZ    1 
ATOM   1180 N NH1   . ARG A 1 158 ? 3.531   2.839   -12.872 1.00 10.81 ? 159 ARG A NH1   1 
ATOM   1181 N NH2   . ARG A 1 158 ? 2.486   2.043   -11.039 1.00 16.16 ? 159 ARG A NH2   1 
ATOM   1182 N N     . PHE A 1 159 ? 9.162   -1.643  -11.167 1.00 9.47  ? 160 PHE A N     1 
ATOM   1183 C CA    . PHE A 1 159 ? 9.437   -3.073  -10.938 1.00 9.86  ? 160 PHE A CA    1 
ATOM   1184 C C     . PHE A 1 159 ? 10.777  -3.265  -10.247 1.00 11.01 ? 160 PHE A C     1 
ATOM   1185 O O     . PHE A 1 159 ? 10.920  -3.998  -9.266  1.00 13.29 ? 160 PHE A O     1 
ATOM   1186 C CB    . PHE A 1 159 ? 9.451   -3.848  -12.270 1.00 6.94  ? 160 PHE A CB    1 
ATOM   1187 C CG    . PHE A 1 159 ? 8.075   -4.105  -12.838 1.00 7.06  ? 160 PHE A CG    1 
ATOM   1188 C CD1   . PHE A 1 159 ? 6.979   -4.244  -12.022 1.00 10.37 ? 160 PHE A CD1   1 
ATOM   1189 C CD2   . PHE A 1 159 ? 7.907   -4.193  -14.206 1.00 12.77 ? 160 PHE A CD2   1 
ATOM   1190 C CE1   . PHE A 1 159 ? 5.737   -4.459  -12.575 1.00 7.11  ? 160 PHE A CE1   1 
ATOM   1191 C CE2   . PHE A 1 159 ? 6.656   -4.412  -14.752 1.00 4.89  ? 160 PHE A CE2   1 
ATOM   1192 C CZ    . PHE A 1 159 ? 5.572   -4.542  -13.934 1.00 4.40  ? 160 PHE A CZ    1 
ATOM   1193 N N     . ASN A 1 160 ? 11.810  -2.551  -10.689 1.00 12.35 ? 161 ASN A N     1 
ATOM   1194 C CA    . ASN A 1 160 ? 13.118  -2.592  -10.047 1.00 12.77 ? 161 ASN A CA    1 
ATOM   1195 C C     . ASN A 1 160 ? 13.206  -2.279  -8.579  1.00 14.21 ? 161 ASN A C     1 
ATOM   1196 O O     . ASN A 1 160 ? 13.830  -2.996  -7.771  1.00 12.63 ? 161 ASN A O     1 
ATOM   1197 C CB    . ASN A 1 160 ? 14.062  -1.651  -10.737 1.00 16.70 ? 161 ASN A CB    1 
ATOM   1198 C CG    . ASN A 1 160 ? 14.464  -2.187  -12.082 1.00 21.40 ? 161 ASN A CG    1 
ATOM   1199 O OD1   . ASN A 1 160 ? 14.447  -3.388  -12.319 1.00 20.37 ? 161 ASN A OD1   1 
ATOM   1200 N ND2   . ASN A 1 160 ? 14.848  -1.346  -13.019 1.00 27.34 ? 161 ASN A ND2   1 
ATOM   1201 N N     . THR A 1 161 ? 12.508  -1.189  -8.232  1.00 15.70 ? 162 THR A N     1 
ATOM   1202 C CA    . THR A 1 161 ? 12.434  -0.657  -6.869  1.00 15.48 ? 162 THR A CA    1 
ATOM   1203 C C     . THR A 1 161 ? 11.665  -1.696  -6.078  1.00 15.90 ? 162 THR A C     1 
ATOM   1204 O O     . THR A 1 161 ? 12.088  -2.049  -4.970  1.00 16.22 ? 162 THR A O     1 
ATOM   1205 C CB    . THR A 1 161 ? 11.685  0.719   -6.868  1.00 12.22 ? 162 THR A CB    1 
ATOM   1206 O OG1   . THR A 1 161 ? 12.414  1.637   -7.662  1.00 13.24 ? 162 THR A OG1   1 
ATOM   1207 C CG2   . THR A 1 161 ? 11.557  1.269   -5.489  1.00 16.68 ? 162 THR A CG2   1 
ATOM   1208 N N     . PHE A 1 162 ? 10.592  -2.241  -6.651  1.00 16.24 ? 163 PHE A N     1 
ATOM   1209 C CA    . PHE A 1 162 ? 9.841   -3.250  -5.949  1.00 17.15 ? 163 PHE A CA    1 
ATOM   1210 C C     . PHE A 1 162 ? 10.721  -4.449  -5.570  1.00 18.59 ? 163 PHE A C     1 
ATOM   1211 O O     . PHE A 1 162 ? 10.762  -4.843  -4.383  1.00 18.92 ? 163 PHE A O     1 
ATOM   1212 C CB    . PHE A 1 162 ? 8.647   -3.664  -6.825  1.00 13.80 ? 163 PHE A CB    1 
ATOM   1213 C CG    . PHE A 1 162 ? 7.844   -4.773  -6.173  1.00 18.50 ? 163 PHE A CG    1 
ATOM   1214 C CD1   . PHE A 1 162 ? 7.332   -4.607  -4.887  1.00 19.23 ? 163 PHE A CD1   1 
ATOM   1215 C CD2   . PHE A 1 162 ? 7.759   -5.994  -6.834  1.00 17.90 ? 163 PHE A CD2   1 
ATOM   1216 C CE1   . PHE A 1 162 ? 6.742   -5.679  -4.226  1.00 18.16 ? 163 PHE A CE1   1 
ATOM   1217 C CE2   . PHE A 1 162 ? 7.168   -7.053  -6.165  1.00 23.27 ? 163 PHE A CE2   1 
ATOM   1218 C CZ    . PHE A 1 162 ? 6.667   -6.900  -4.872  1.00 21.59 ? 163 PHE A CZ    1 
ATOM   1219 N N     . LYS A 1 163 ? 11.471  -5.037  -6.512  1.00 22.10 ? 164 LYS A N     1 
ATOM   1220 C CA    . LYS A 1 163 ? 12.335  -6.175  -6.167  1.00 24.09 ? 164 LYS A CA    1 
ATOM   1221 C C     . LYS A 1 163 ? 13.441  -5.807  -5.164  1.00 23.84 ? 164 LYS A C     1 
ATOM   1222 O O     . LYS A 1 163 ? 13.619  -6.484  -4.140  1.00 24.94 ? 164 LYS A O     1 
ATOM   1223 C CB    . LYS A 1 163 ? 13.000  -6.765  -7.419  1.00 28.14 ? 164 LYS A CB    1 
ATOM   1224 C CG    . LYS A 1 163 ? 12.105  -7.630  -8.291  1.00 44.17 ? 164 LYS A CG    1 
ATOM   1225 C CD    . LYS A 1 163 ? 11.195  -6.821  -9.237  1.00 51.02 ? 164 LYS A CD    1 
ATOM   1226 C CE    . LYS A 1 163 ? 10.495  -7.699  -10.243 1.00 54.12 ? 164 LYS A CE    1 
ATOM   1227 N NZ    . LYS A 1 163 ? 11.506  -8.374  -11.043 1.00 54.30 ? 164 LYS A NZ    1 
ATOM   1228 N N     . GLU A 1 164 ? 14.159  -4.697  -5.388  1.00 23.75 ? 165 GLU A N     1 
ATOM   1229 C CA    . GLU A 1 164 ? 15.229  -4.253  -4.502  1.00 24.41 ? 165 GLU A CA    1 
ATOM   1230 C C     . GLU A 1 164 ? 14.926  -3.729  -3.105  1.00 22.05 ? 165 GLU A C     1 
ATOM   1231 O O     . GLU A 1 164 ? 15.638  -4.025  -2.130  1.00 20.62 ? 165 GLU A O     1 
ATOM   1232 C CB    . GLU A 1 164 ? 16.029  -3.160  -5.134  1.00 30.89 ? 165 GLU A CB    1 
ATOM   1233 C CG    . GLU A 1 164 ? 17.057  -3.700  -6.089  1.00 53.71 ? 165 GLU A CG    1 
ATOM   1234 C CD    . GLU A 1 164 ? 18.021  -2.577  -6.445  1.00 67.71 ? 165 GLU A CD    1 
ATOM   1235 O OE1   . GLU A 1 164 ? 18.909  -2.298  -5.618  1.00 73.20 ? 165 GLU A OE1   1 
ATOM   1236 O OE2   . GLU A 1 164 ? 17.856  -1.984  -7.528  1.00 74.90 ? 165 GLU A OE2   1 
ATOM   1237 N N     . THR A 1 165 ? 13.878  -2.910  -3.018  1.00 20.46 ? 166 THR A N     1 
ATOM   1238 C CA    . THR A 1 165 ? 13.592  -2.201  -1.797  1.00 16.41 ? 166 THR A CA    1 
ATOM   1239 C C     . THR A 1 165 ? 12.424  -2.786  -1.084  1.00 14.93 ? 166 THR A C     1 
ATOM   1240 O O     . THR A 1 165 ? 12.465  -2.972  0.133   1.00 14.42 ? 166 THR A O     1 
ATOM   1241 C CB    . THR A 1 165 ? 13.355  -0.738  -2.193  1.00 19.75 ? 166 THR A CB    1 
ATOM   1242 O OG1   . THR A 1 165 ? 14.526  -0.273  -2.864  1.00 18.83 ? 166 THR A OG1   1 
ATOM   1243 C CG2   . THR A 1 165 ? 12.993  0.092   -1.011  1.00 17.37 ? 166 THR A CG2   1 
ATOM   1244 N N     . SER A 1 166 ? 11.368  -3.091  -1.827  1.00 15.26 ? 167 SER A N     1 
ATOM   1245 C CA    . SER A 1 166 ? 10.159  -3.487  -1.160  1.00 15.24 ? 167 SER A CA    1 
ATOM   1246 C C     . SER A 1 166 ? 10.168  -4.931  -0.875  1.00 16.35 ? 167 SER A C     1 
ATOM   1247 O O     . SER A 1 166 ? 9.666   -5.246  0.192   1.00 16.29 ? 167 SER A O     1 
ATOM   1248 C CB    . SER A 1 166 ? 8.956   -3.103  -2.012  1.00 18.82 ? 167 SER A CB    1 
ATOM   1249 O OG    . SER A 1 166 ? 9.062   -1.686  -2.329  1.00 17.75 ? 167 SER A OG    1 
ATOM   1250 N N     . MET A 1 167 ? 10.715  -5.860  -1.685  1.00 17.97 ? 168 MET A N     1 
ATOM   1251 C CA    . MET A 1 167 ? 10.652  -7.265  -1.302  1.00 16.23 ? 168 MET A CA    1 
ATOM   1252 C C     . MET A 1 167 ? 11.387  -7.622  -0.004  1.00 17.66 ? 168 MET A C     1 
ATOM   1253 O O     . MET A 1 167 ? 10.807  -8.393  0.791   1.00 19.20 ? 168 MET A O     1 
ATOM   1254 C CB    . MET A 1 167 ? 11.164  -8.133  -2.445  1.00 17.00 ? 168 MET A CB    1 
ATOM   1255 C CG    . MET A 1 167 ? 10.097  -8.358  -3.552  1.00 16.22 ? 168 MET A CG    1 
ATOM   1256 S SD    . MET A 1 167 ? 8.588   -9.177  -2.933  1.00 28.12 ? 168 MET A SD    1 
ATOM   1257 C CE    . MET A 1 167 ? 9.119   -10.667 -2.129  1.00 15.70 ? 168 MET A CE    1 
ATOM   1258 N N     . PRO A 1 168 ? 12.559  -7.060  0.379   1.00 16.02 ? 169 PRO A N     1 
ATOM   1259 C CA    . PRO A 1 168 ? 13.115  -7.182  1.733   1.00 15.89 ? 169 PRO A CA    1 
ATOM   1260 C C     . PRO A 1 168 ? 12.112  -6.971  2.874   1.00 15.03 ? 169 PRO A C     1 
ATOM   1261 O O     . PRO A 1 168 ? 12.125  -7.635  3.907   1.00 16.31 ? 169 PRO A O     1 
ATOM   1262 C CB    . PRO A 1 168 ? 14.257  -6.168  1.702   1.00 17.51 ? 169 PRO A CB    1 
ATOM   1263 C CG    . PRO A 1 168 ? 14.777  -6.246  0.263   1.00 12.53 ? 169 PRO A CG    1 
ATOM   1264 C CD    . PRO A 1 168 ? 13.462  -6.284  -0.476  1.00 14.12 ? 169 PRO A CD    1 
ATOM   1265 N N     . VAL A 1 169 ? 11.123  -6.108  2.717   1.00 15.64 ? 170 VAL A N     1 
ATOM   1266 C CA    . VAL A 1 169 ? 10.174  -5.883  3.800   1.00 15.26 ? 170 VAL A CA    1 
ATOM   1267 C C     . VAL A 1 169 ? 9.243   -7.069  3.987   1.00 15.14 ? 170 VAL A C     1 
ATOM   1268 O O     . VAL A 1 169 ? 8.828   -7.399  5.111   1.00 16.33 ? 170 VAL A O     1 
ATOM   1269 C CB    . VAL A 1 169 ? 9.375   -4.583  3.514   1.00 13.86 ? 170 VAL A CB    1 
ATOM   1270 C CG1   . VAL A 1 169 ? 8.356   -4.326  4.649   1.00 17.20 ? 170 VAL A CG1   1 
ATOM   1271 C CG2   . VAL A 1 169 ? 10.333  -3.382  3.416   1.00 12.70 ? 170 VAL A CG2   1 
ATOM   1272 N N     . ILE A 1 170 ? 8.930   -7.728  2.886   1.00 15.94 ? 171 ILE A N     1 
ATOM   1273 C CA    . ILE A 1 170 ? 8.049   -8.894  2.884   1.00 15.50 ? 171 ILE A CA    1 
ATOM   1274 C C     . ILE A 1 170 ? 8.692   -10.025 3.645   1.00 15.76 ? 171 ILE A C     1 
ATOM   1275 O O     . ILE A 1 170 ? 8.080   -10.694 4.487   1.00 14.59 ? 171 ILE A O     1 
ATOM   1276 C CB    . ILE A 1 170 ? 7.767   -9.332  1.412   1.00 17.72 ? 171 ILE A CB    1 
ATOM   1277 C CG1   . ILE A 1 170 ? 7.113   -8.179  0.655   1.00 14.36 ? 171 ILE A CG1   1 
ATOM   1278 C CG2   . ILE A 1 170 ? 6.941   -10.605 1.405   1.00 14.44 ? 171 ILE A CG2   1 
ATOM   1279 C CD1   . ILE A 1 170 ? 5.918   -7.648  1.449   1.00 23.51 ? 171 ILE A CD1   1 
ATOM   1280 N N     . GLU A 1 171 ? 9.961   -10.210 3.288   1.00 18.03 ? 172 GLU A N     1 
ATOM   1281 C CA    . GLU A 1 171 ? 10.821  -11.200 3.928   1.00 21.76 ? 172 GLU A CA    1 
ATOM   1282 C C     . GLU A 1 171 ? 10.982  -10.837 5.408   1.00 22.13 ? 172 GLU A C     1 
ATOM   1283 O O     . GLU A 1 171 ? 11.063  -11.734 6.255   1.00 25.14 ? 172 GLU A O     1 
ATOM   1284 C CB    . GLU A 1 171 ? 12.226  -11.232 3.312   1.00 28.86 ? 172 GLU A CB    1 
ATOM   1285 C CG    . GLU A 1 171 ? 12.514  -11.500 1.818   1.00 41.82 ? 172 GLU A CG    1 
ATOM   1286 C CD    . GLU A 1 171 ? 13.994  -11.282 1.359   1.00 57.68 ? 172 GLU A CD    1 
ATOM   1287 O OE1   . GLU A 1 171 ? 14.937  -11.305 2.176   1.00 59.47 ? 172 GLU A OE1   1 
ATOM   1288 O OE2   . GLU A 1 171 ? 14.217  -11.083 0.152   1.00 64.17 ? 172 GLU A OE2   1 
ATOM   1289 N N     . TYR A 1 172 ? 11.031  -9.567  5.824   1.00 21.78 ? 173 TYR A N     1 
ATOM   1290 C CA    . TYR A 1 172 ? 11.079  -9.250  7.244   1.00 19.89 ? 173 TYR A CA    1 
ATOM   1291 C C     . TYR A 1 172 ? 9.785   -9.649  7.922   1.00 19.04 ? 173 TYR A C     1 
ATOM   1292 O O     . TYR A 1 172 ? 9.840   -10.293 8.964   1.00 18.42 ? 173 TYR A O     1 
ATOM   1293 C CB    . TYR A 1 172 ? 11.350  -7.750  7.412   1.00 19.11 ? 173 TYR A CB    1 
ATOM   1294 C CG    . TYR A 1 172 ? 11.229  -7.207  8.845   1.00 24.92 ? 173 TYR A CG    1 
ATOM   1295 C CD1   . TYR A 1 172 ? 12.141  -7.598  9.804   1.00 24.66 ? 173 TYR A CD1   1 
ATOM   1296 C CD2   . TYR A 1 172 ? 10.198  -6.342  9.196   1.00 20.69 ? 173 TYR A CD2   1 
ATOM   1297 C CE1   . TYR A 1 172 ? 12.035  -7.131  11.099  1.00 29.11 ? 173 TYR A CE1   1 
ATOM   1298 C CE2   . TYR A 1 172 ? 10.084  -5.879  10.495  1.00 21.32 ? 173 TYR A CE2   1 
ATOM   1299 C CZ    . TYR A 1 172 ? 11.010  -6.276  11.436  1.00 25.51 ? 173 TYR A CZ    1 
ATOM   1300 O OH    . TYR A 1 172 ? 10.962  -5.794  12.729  1.00 37.73 ? 173 TYR A OH    1 
ATOM   1301 N N     . PHE A 1 173 ? 8.593   -9.323  7.417   1.00 18.54 ? 174 PHE A N     1 
ATOM   1302 C CA    . PHE A 1 173 ? 7.404   -9.692  8.131   1.00 19.40 ? 174 PHE A CA    1 
ATOM   1303 C C     . PHE A 1 173 ? 7.113   -11.172 8.089   1.00 21.69 ? 174 PHE A C     1 
ATOM   1304 O O     . PHE A 1 173 ? 6.420   -11.718 8.954   1.00 22.17 ? 174 PHE A O     1 
ATOM   1305 C CB    . PHE A 1 173 ? 6.258   -8.921  7.580   1.00 19.10 ? 174 PHE A CB    1 
ATOM   1306 C CG    . PHE A 1 173 ? 6.277   -7.465  8.066   1.00 23.02 ? 174 PHE A CG    1 
ATOM   1307 C CD1   . PHE A 1 173 ? 6.086   -7.161  9.410   1.00 16.37 ? 174 PHE A CD1   1 
ATOM   1308 C CD2   . PHE A 1 173 ? 6.465   -6.415  7.179   1.00 19.20 ? 174 PHE A CD2   1 
ATOM   1309 C CE1   . PHE A 1 173 ? 6.081   -5.838  9.851   1.00 15.46 ? 174 PHE A CE1   1 
ATOM   1310 C CE2   . PHE A 1 173 ? 6.461   -5.096  7.645   1.00 23.25 ? 174 PHE A CE2   1 
ATOM   1311 C CZ    . PHE A 1 173 ? 6.269   -4.787  8.982   1.00 13.73 ? 174 PHE A CZ    1 
ATOM   1312 N N     . GLU A 1 174 ? 7.657   -11.853 7.092   1.00 23.91 ? 175 GLU A N     1 
ATOM   1313 C CA    . GLU A 1 174 ? 7.520   -13.283 6.982   1.00 25.73 ? 175 GLU A CA    1 
ATOM   1314 C C     . GLU A 1 174 ? 8.230   -13.968 8.146   1.00 26.97 ? 175 GLU A C     1 
ATOM   1315 O O     . GLU A 1 174 ? 7.703   -14.906 8.742   1.00 26.35 ? 175 GLU A O     1 
ATOM   1316 C CB    . GLU A 1 174 ? 8.086   -13.659 5.649   1.00 28.21 ? 175 GLU A CB    1 
ATOM   1317 C CG    . GLU A 1 174 ? 7.472   -14.937 5.141   1.00 40.18 ? 175 GLU A CG    1 
ATOM   1318 C CD    . GLU A 1 174 ? 6.874   -14.853 3.751   1.00 46.40 ? 175 GLU A CD    1 
ATOM   1319 O OE1   . GLU A 1 174 ? 7.566   -14.446 2.816   1.00 48.07 ? 175 GLU A OE1   1 
ATOM   1320 O OE2   . GLU A 1 174 ? 5.705   -15.212 3.614   1.00 53.53 ? 175 GLU A OE2   1 
ATOM   1321 N N     . THR A 1 175 ? 9.381   -13.497 8.618   1.00 29.59 ? 176 THR A N     1 
ATOM   1322 C CA    . THR A 1 175 ? 10.044  -14.081 9.796   1.00 31.33 ? 176 THR A CA    1 
ATOM   1323 C C     . THR A 1 175 ? 9.188   -14.022 11.071  1.00 32.61 ? 176 THR A C     1 
ATOM   1324 O O     . THR A 1 175 ? 9.181   -14.884 11.950  1.00 35.33 ? 176 THR A O     1 
ATOM   1325 C CB    . THR A 1 175 ? 11.311  -13.341 10.051  1.00 32.51 ? 176 THR A CB    1 
ATOM   1326 O OG1   . THR A 1 175 ? 10.920  -12.058 10.579  1.00 36.86 ? 176 THR A OG1   1 
ATOM   1327 C CG2   . THR A 1 175 ? 12.195  -13.299 8.786   1.00 32.75 ? 176 THR A CG2   1 
ATOM   1328 N N     . LYS A 1 176 ? 8.459   -12.931 11.183  1.00 33.56 ? 177 LYS A N     1 
ATOM   1329 C CA    . LYS A 1 176 ? 7.545   -12.716 12.272  1.00 33.70 ? 177 LYS A CA    1 
ATOM   1330 C C     . LYS A 1 176 ? 6.248   -13.443 12.006  1.00 34.77 ? 177 LYS A C     1 
ATOM   1331 O O     . LYS A 1 176 ? 5.276   -13.173 12.718  1.00 35.01 ? 177 LYS A O     1 
ATOM   1332 C CB    . LYS A 1 176 ? 7.261   -11.238 12.420  1.00 36.18 ? 177 LYS A CB    1 
ATOM   1333 C CG    . LYS A 1 176 ? 8.474   -10.465 12.861  1.00 44.67 ? 177 LYS A CG    1 
ATOM   1334 C CD    . LYS A 1 176 ? 8.109   -9.000  13.088  1.00 50.93 ? 177 LYS A CD    1 
ATOM   1335 C CE    . LYS A 1 176 ? 9.003   -8.415  14.186  1.00 56.61 ? 177 LYS A CE    1 
ATOM   1336 N NZ    . LYS A 1 176 ? 10.428  -8.623  13.956  1.00 64.25 ? 177 LYS A NZ    1 
ATOM   1337 N N     . SER A 1 177 ? 6.151   -14.331 10.999  1.00 34.86 ? 178 SER A N     1 
ATOM   1338 C CA    . SER A 1 177 ? 4.935   -15.094 10.671  1.00 35.44 ? 178 SER A CA    1 
ATOM   1339 C C     . SER A 1 177 ? 3.689   -14.217 10.416  1.00 35.55 ? 178 SER A C     1 
ATOM   1340 O O     . SER A 1 177 ? 2.538   -14.625 10.656  1.00 37.79 ? 178 SER A O     1 
ATOM   1341 C CB    . SER A 1 177 ? 4.625   -16.103 11.826  1.00 40.44 ? 178 SER A CB    1 
ATOM   1342 O OG    . SER A 1 177 ? 5.782   -16.719 12.433  1.00 54.21 ? 178 SER A OG    1 
ATOM   1343 N N     . LYS A 1 178 ? 3.851   -12.990 9.919   1.00 33.33 ? 179 LYS A N     1 
ATOM   1344 C CA    . LYS A 1 178 ? 2.717   -12.091 9.767   1.00 30.09 ? 179 LYS A CA    1 
ATOM   1345 C C     . LYS A 1 178 ? 2.274   -11.953 8.321   1.00 26.42 ? 179 LYS A C     1 
ATOM   1346 O O     . LYS A 1 178 ? 1.532   -11.020 8.051   1.00 25.17 ? 179 LYS A O     1 
ATOM   1347 C CB    . LYS A 1 178 ? 3.109   -10.724 10.306  1.00 29.50 ? 179 LYS A CB    1 
ATOM   1348 C CG    . LYS A 1 178 ? 2.988   -10.510 11.791  1.00 32.02 ? 179 LYS A CG    1 
ATOM   1349 C CD    . LYS A 1 178 ? 3.274   -9.028  11.944  1.00 35.14 ? 179 LYS A CD    1 
ATOM   1350 C CE    . LYS A 1 178 ? 2.951   -8.446  13.290  1.00 33.18 ? 179 LYS A CE    1 
ATOM   1351 N NZ    . LYS A 1 178 ? 3.225   -7.028  13.146  1.00 37.24 ? 179 LYS A NZ    1 
ATOM   1352 N N     . VAL A 1 179 ? 2.704   -12.763 7.350   1.00 23.31 ? 180 VAL A N     1 
ATOM   1353 C CA    . VAL A 1 179 ? 2.341   -12.574 5.955   1.00 19.13 ? 180 VAL A CA    1 
ATOM   1354 C C     . VAL A 1 179 ? 1.348   -13.657 5.518   1.00 18.36 ? 180 VAL A C     1 
ATOM   1355 O O     . VAL A 1 179 ? 1.537   -14.822 5.848   1.00 17.50 ? 180 VAL A O     1 
ATOM   1356 C CB    . VAL A 1 179 ? 3.640   -12.609 5.140   1.00 13.89 ? 180 VAL A CB    1 
ATOM   1357 C CG1   . VAL A 1 179 ? 3.316   -12.428 3.683   1.00 9.61  ? 180 VAL A CG1   1 
ATOM   1358 C CG2   . VAL A 1 179 ? 4.605   -11.493 5.615   1.00 12.53 ? 180 VAL A CG2   1 
ATOM   1359 N N     . VAL A 1 180 ? 0.287   -13.265 4.799   1.00 16.97 ? 181 VAL A N     1 
ATOM   1360 C CA    . VAL A 1 180 ? -0.770  -14.087 4.215   1.00 15.28 ? 181 VAL A CA    1 
ATOM   1361 C C     . VAL A 1 180 ? -0.633  -13.747 2.739   1.00 14.07 ? 181 VAL A C     1 
ATOM   1362 O O     . VAL A 1 180 ? -0.892  -12.607 2.372   1.00 12.02 ? 181 VAL A O     1 
ATOM   1363 C CB    . VAL A 1 180 ? -2.211  -13.663 4.674   1.00 17.64 ? 181 VAL A CB    1 
ATOM   1364 C CG1   . VAL A 1 180 ? -3.260  -14.604 4.090   1.00 19.56 ? 181 VAL A CG1   1 
ATOM   1365 C CG2   . VAL A 1 180 ? -2.333  -13.746 6.168   1.00 15.29 ? 181 VAL A CG2   1 
ATOM   1366 N N     . ARG A 1 181 ? -0.190  -14.651 1.877   1.00 15.45 ? 182 ARG A N     1 
ATOM   1367 C CA    . ARG A 1 181 ? -0.012  -14.435 0.453   1.00 17.23 ? 182 ARG A CA    1 
ATOM   1368 C C     . ARG A 1 181 ? -1.272  -14.834 -0.284  1.00 18.14 ? 182 ARG A C     1 
ATOM   1369 O O     . ARG A 1 181 ? -1.956  -15.779 0.101   1.00 18.67 ? 182 ARG A O     1 
ATOM   1370 C CB    . ARG A 1 181 ? 1.128   -15.251 -0.062  1.00 17.87 ? 182 ARG A CB    1 
ATOM   1371 C CG    . ARG A 1 181 ? 2.442   -14.809 0.540   1.00 24.19 ? 182 ARG A CG    1 
ATOM   1372 C CD    . ARG A 1 181 ? 3.551   -15.513 -0.239  1.00 34.49 ? 182 ARG A CD    1 
ATOM   1373 N NE    . ARG A 1 181 ? 4.870   -15.080 0.211   1.00 35.65 ? 182 ARG A NE    1 
ATOM   1374 C CZ    . ARG A 1 181 ? 5.898   -14.791 -0.616  1.00 37.39 ? 182 ARG A CZ    1 
ATOM   1375 N NH1   . ARG A 1 181 ? 5.824   -14.882 -1.940  1.00 33.37 ? 182 ARG A NH1   1 
ATOM   1376 N NH2   . ARG A 1 181 ? 7.039   -14.309 -0.098  1.00 42.68 ? 182 ARG A NH2   1 
ATOM   1377 N N     . VAL A 1 182 ? -1.678  -14.049 -1.276  1.00 18.88 ? 183 VAL A N     1 
ATOM   1378 C CA    . VAL A 1 182 ? -2.827  -14.340 -2.101  1.00 17.57 ? 183 VAL A CA    1 
ATOM   1379 C C     . VAL A 1 182 ? -2.336  -14.152 -3.510  1.00 16.72 ? 183 VAL A C     1 
ATOM   1380 O O     . VAL A 1 182 ? -1.525  -13.275 -3.796  1.00 18.35 ? 183 VAL A O     1 
ATOM   1381 C CB    . VAL A 1 182 ? -4.004  -13.387 -1.780  1.00 20.00 ? 183 VAL A CB    1 
ATOM   1382 C CG1   . VAL A 1 182 ? -5.166  -13.549 -2.774  1.00 14.05 ? 183 VAL A CG1   1 
ATOM   1383 C CG2   . VAL A 1 182 ? -4.542  -13.766 -0.395  1.00 17.93 ? 183 VAL A CG2   1 
ATOM   1384 N N     . ARG A 1 183 ? -2.740  -15.002 -4.424  1.00 16.84 ? 184 ARG A N     1 
ATOM   1385 C CA    . ARG A 1 183 ? -2.239  -14.922 -5.774  1.00 16.51 ? 184 ARG A CA    1 
ATOM   1386 C C     . ARG A 1 183 ? -2.978  -13.846 -6.527  1.00 16.48 ? 184 ARG A C     1 
ATOM   1387 O O     . ARG A 1 183 ? -4.183  -13.737 -6.371  1.00 14.98 ? 184 ARG A O     1 
ATOM   1388 C CB    . ARG A 1 183 ? -2.431  -16.282 -6.417  1.00 19.41 ? 184 ARG A CB    1 
ATOM   1389 C CG    . ARG A 1 183 ? -1.554  -17.359 -5.763  1.00 31.31 ? 184 ARG A CG    1 
ATOM   1390 C CD    . ARG A 1 183 ? -2.027  -18.724 -6.262  1.00 42.85 ? 184 ARG A CD    1 
ATOM   1391 N NE    . ARG A 1 183 ? -1.837  -18.815 -7.713  1.00 52.92 ? 184 ARG A NE    1 
ATOM   1392 C CZ    . ARG A 1 183 ? -2.478  -19.681 -8.522  1.00 60.14 ? 184 ARG A CZ    1 
ATOM   1393 N NH1   . ARG A 1 183 ? -3.386  -20.572 -8.068  1.00 63.71 ? 184 ARG A NH1   1 
ATOM   1394 N NH2   . ARG A 1 183 ? -2.174  -19.651 -9.827  1.00 59.83 ? 184 ARG A NH2   1 
ATOM   1395 N N     . CYS A 1 184 ? -2.310  -13.018 -7.348  1.00 18.15 ? 185 CYS A N     1 
ATOM   1396 C CA    . CYS A 1 184 ? -2.992  -11.971 -8.100  1.00 18.05 ? 185 CYS A CA    1 
ATOM   1397 C C     . CYS A 1 184 ? -3.633  -12.438 -9.423  1.00 18.39 ? 185 CYS A C     1 
ATOM   1398 O O     . CYS A 1 184 ? -4.543  -11.898 -10.035 1.00 15.82 ? 185 CYS A O     1 
ATOM   1399 C CB    . CYS A 1 184 ? -1.963  -10.901 -8.349  1.00 15.95 ? 185 CYS A CB    1 
ATOM   1400 S SG    . CYS A 1 184 ? -0.920  -11.434 -9.716  1.00 14.25 ? 185 CYS A SG    1 
ATOM   1401 N N     . ASP A 1 185 ? -3.126  -13.520 -9.951  1.00 20.60 ? 186 ASP A N     1 
ATOM   1402 C CA    . ASP A 1 185 ? -3.419  -13.926 -11.300 1.00 22.18 ? 186 ASP A CA    1 
ATOM   1403 C C     . ASP A 1 185 ? -4.712  -14.687 -11.560 1.00 23.15 ? 186 ASP A C     1 
ATOM   1404 O O     . ASP A 1 185 ? -4.732  -15.592 -12.403 1.00 25.06 ? 186 ASP A O     1 
ATOM   1405 C CB    . ASP A 1 185 ? -2.170  -14.710 -11.778 1.00 28.17 ? 186 ASP A CB    1 
ATOM   1406 C CG    . ASP A 1 185 ? -1.688  -15.928 -10.949 1.00 32.34 ? 186 ASP A CG    1 
ATOM   1407 O OD1   . ASP A 1 185 ? -2.034  -16.070 -9.781  1.00 37.84 ? 186 ASP A OD1   1 
ATOM   1408 O OD2   . ASP A 1 185 ? -0.934  -16.755 -11.464 1.00 40.80 ? 186 ASP A OD2   1 
ATOM   1409 N N     . ARG A 1 186 ? -5.812  -14.313 -10.920 1.00 21.57 ? 187 ARG A N     1 
ATOM   1410 C CA    . ARG A 1 186 ? -7.107  -14.920 -11.163 1.00 20.57 ? 187 ARG A CA    1 
ATOM   1411 C C     . ARG A 1 186 ? -8.042  -13.762 -11.473 1.00 19.59 ? 187 ARG A C     1 
ATOM   1412 O O     . ARG A 1 186 ? -7.611  -12.606 -11.485 1.00 20.66 ? 187 ARG A O     1 
ATOM   1413 C CB    . ARG A 1 186 ? -7.598  -15.661 -9.927  1.00 22.97 ? 187 ARG A CB    1 
ATOM   1414 C CG    . ARG A 1 186 ? -6.734  -16.857 -9.581  1.00 30.78 ? 187 ARG A CG    1 
ATOM   1415 C CD    . ARG A 1 186 ? -7.355  -17.586 -8.387  1.00 47.02 ? 187 ARG A CD    1 
ATOM   1416 N NE    . ARG A 1 186 ? -6.451  -17.624 -7.241  1.00 59.03 ? 187 ARG A NE    1 
ATOM   1417 C CZ    . ARG A 1 186 ? -6.275  -16.572 -6.416  1.00 60.80 ? 187 ARG A CZ    1 
ATOM   1418 N NH1   . ARG A 1 186 ? -6.893  -15.403 -6.553  1.00 60.39 ? 187 ARG A NH1   1 
ATOM   1419 N NH2   . ARG A 1 186 ? -5.504  -16.706 -5.348  1.00 64.65 ? 187 ARG A NH2   1 
ATOM   1420 N N     . SER A 1 187 ? -9.327  -13.973 -11.728 1.00 17.40 ? 188 SER A N     1 
ATOM   1421 C CA    . SER A 1 187 ? -10.215 -12.877 -12.017 1.00 16.44 ? 188 SER A CA    1 
ATOM   1422 C C     . SER A 1 187 ? -10.379 -12.066 -10.718 1.00 14.63 ? 188 SER A C     1 
ATOM   1423 O O     . SER A 1 187 ? -10.062 -12.548 -9.609  1.00 15.33 ? 188 SER A O     1 
ATOM   1424 C CB    . SER A 1 187 ? -11.577 -13.439 -12.523 1.00 12.31 ? 188 SER A CB    1 
ATOM   1425 O OG    . SER A 1 187 ? -12.301 -14.128 -11.501 1.00 18.38 ? 188 SER A OG    1 
ATOM   1426 N N     . VAL A 1 188 ? -10.900 -10.844 -10.866 1.00 14.23 ? 189 VAL A N     1 
ATOM   1427 C CA    . VAL A 1 188 ? -11.126 -9.981  -9.727  1.00 14.37 ? 189 VAL A CA    1 
ATOM   1428 C C     . VAL A 1 188 ? -11.973 -10.737 -8.707  1.00 14.94 ? 189 VAL A C     1 
ATOM   1429 O O     . VAL A 1 188 ? -11.623 -10.789 -7.509  1.00 15.23 ? 189 VAL A O     1 
ATOM   1430 C CB    . VAL A 1 188 ? -11.847 -8.691  -10.158 1.00 10.44 ? 189 VAL A CB    1 
ATOM   1431 C CG1   . VAL A 1 188 ? -12.125 -7.824  -8.942  1.00 15.91 ? 189 VAL A CG1   1 
ATOM   1432 C CG2   . VAL A 1 188 ? -10.963 -7.877  -11.049 1.00 8.95  ? 189 VAL A CG2   1 
ATOM   1433 N N     . GLU A 1 189 ? -13.076 -11.362 -9.175  1.00 14.97 ? 190 GLU A N     1 
ATOM   1434 C CA    . GLU A 1 189 ? -13.948 -12.093 -8.246  1.00 16.37 ? 190 GLU A CA    1 
ATOM   1435 C C     . GLU A 1 189 ? -13.402 -13.351 -7.613  1.00 15.06 ? 190 GLU A C     1 
ATOM   1436 O O     . GLU A 1 189 ? -13.631 -13.610 -6.432  1.00 15.63 ? 190 GLU A O     1 
ATOM   1437 C CB    . GLU A 1 189 ? -15.276 -12.409 -8.907  1.00 20.50 ? 190 GLU A CB    1 
ATOM   1438 C CG    . GLU A 1 189 ? -16.133 -11.167 -8.472  1.00 36.40 ? 190 GLU A CG    1 
ATOM   1439 C CD    . GLU A 1 189 ? -16.375 -10.901 -6.936  1.00 46.86 ? 190 GLU A CD    1 
ATOM   1440 O OE1   . GLU A 1 189 ? -16.159 -11.767 -6.059  1.00 50.36 ? 190 GLU A OE1   1 
ATOM   1441 O OE2   . GLU A 1 189 ? -16.823 -9.802  -6.601  1.00 44.54 ? 190 GLU A OE2   1 
ATOM   1442 N N     . ASP A 1 190 ? -12.580 -14.085 -8.331  1.00 14.98 ? 191 ASP A N     1 
ATOM   1443 C CA    . ASP A 1 190 ? -11.878 -15.167 -7.699  1.00 15.46 ? 191 ASP A CA    1 
ATOM   1444 C C     . ASP A 1 190 ? -10.751 -14.678 -6.811  1.00 15.06 ? 191 ASP A C     1 
ATOM   1445 O O     . ASP A 1 190 ? -10.525 -15.355 -5.807  1.00 17.29 ? 191 ASP A O     1 
ATOM   1446 C CB    . ASP A 1 190 ? -11.309 -16.104 -8.753  1.00 18.75 ? 191 ASP A CB    1 
ATOM   1447 C CG    . ASP A 1 190 ? -12.388 -16.746 -9.612  1.00 22.72 ? 191 ASP A CG    1 
ATOM   1448 O OD1   . ASP A 1 190 ? -13.541 -16.911 -9.190  1.00 21.97 ? 191 ASP A OD1   1 
ATOM   1449 O OD2   . ASP A 1 190 ? -12.061 -17.053 -10.741 1.00 24.43 ? 191 ASP A OD2   1 
ATOM   1450 N N     . VAL A 1 191 ? -9.988  -13.589 -7.069  1.00 15.53 ? 192 VAL A N     1 
ATOM   1451 C CA    . VAL A 1 191 ? -8.998  -13.113 -6.088  1.00 10.19 ? 192 VAL A CA    1 
ATOM   1452 C C     . VAL A 1 191 ? -9.789  -12.654 -4.872  1.00 9.84  ? 192 VAL A C     1 
ATOM   1453 O O     . VAL A 1 191 ? -9.470  -13.006 -3.742  1.00 12.41 ? 192 VAL A O     1 
ATOM   1454 C CB    . VAL A 1 191 ? -8.192  -11.961 -6.653  1.00 11.69 ? 192 VAL A CB    1 
ATOM   1455 C CG1   . VAL A 1 191 ? -7.179  -11.581 -5.588  1.00 11.51 ? 192 VAL A CG1   1 
ATOM   1456 C CG2   . VAL A 1 191 ? -7.394  -12.343 -7.884  1.00 7.02  ? 192 VAL A CG2   1 
ATOM   1457 N N     . TYR A 1 192 ? -10.914 -11.966 -4.970  1.00 10.59 ? 193 TYR A N     1 
ATOM   1458 C CA    . TYR A 1 192 ? -11.632 -11.509 -3.782  1.00 11.61 ? 193 TYR A CA    1 
ATOM   1459 C C     . TYR A 1 192 ? -12.063 -12.637 -2.899  1.00 14.60 ? 193 TYR A C     1 
ATOM   1460 O O     . TYR A 1 192 ? -12.036 -12.507 -1.679  1.00 15.90 ? 193 TYR A O     1 
ATOM   1461 C CB    . TYR A 1 192 ? -12.830 -10.738 -4.207  1.00 9.31  ? 193 TYR A CB    1 
ATOM   1462 C CG    . TYR A 1 192 ? -13.477 -9.987  -3.066  1.00 18.37 ? 193 TYR A CG    1 
ATOM   1463 C CD1   . TYR A 1 192 ? -12.736 -9.078  -2.318  1.00 17.08 ? 193 TYR A CD1   1 
ATOM   1464 C CD2   . TYR A 1 192 ? -14.809 -10.217 -2.791  1.00 17.41 ? 193 TYR A CD2   1 
ATOM   1465 C CE1   . TYR A 1 192 ? -13.329 -8.383  -1.286  1.00 14.56 ? 193 TYR A CE1   1 
ATOM   1466 C CE2   . TYR A 1 192 ? -15.415 -9.534  -1.750  1.00 16.39 ? 193 TYR A CE2   1 
ATOM   1467 C CZ    . TYR A 1 192 ? -14.668 -8.625  -1.007  1.00 23.31 ? 193 TYR A CZ    1 
ATOM   1468 O OH    . TYR A 1 192 ? -15.256 -7.987  0.068   1.00 15.63 ? 193 TYR A OH    1 
ATOM   1469 N N     . LYS A 1 193 ? -12.413 -13.802 -3.435  1.00 17.69 ? 194 LYS A N     1 
ATOM   1470 C CA    . LYS A 1 193 ? -12.852 -14.888 -2.564  1.00 16.46 ? 194 LYS A CA    1 
ATOM   1471 C C     . LYS A 1 193 ? -11.720 -15.293 -1.667  1.00 15.74 ? 194 LYS A C     1 
ATOM   1472 O O     . LYS A 1 193 ? -11.973 -15.548 -0.482  1.00 17.26 ? 194 LYS A O     1 
ATOM   1473 C CB    . LYS A 1 193 ? -13.318 -16.085 -3.388  1.00 23.87 ? 194 LYS A CB    1 
ATOM   1474 C CG    . LYS A 1 193 ? -14.465 -15.736 -4.353  1.00 35.76 ? 194 LYS A CG    1 
ATOM   1475 C CD    . LYS A 1 193 ? -15.799 -15.185 -3.776  1.00 49.06 ? 194 LYS A CD    1 
ATOM   1476 C CE    . LYS A 1 193 ? -15.923 -13.653 -3.469  1.00 57.05 ? 194 LYS A CE    1 
ATOM   1477 N NZ    . LYS A 1 193 ? -17.155 -13.168 -2.815  1.00 50.11 ? 194 LYS A NZ    1 
ATOM   1478 N N     . ASP A 1 194 ? -10.465 -15.317 -2.135  1.00 15.57 ? 195 ASP A N     1 
ATOM   1479 C CA    . ASP A 1 194 ? -9.360  -15.686 -1.264  1.00 15.14 ? 195 ASP A CA    1 
ATOM   1480 C C     . ASP A 1 194 ? -8.989  -14.608 -0.314  1.00 14.12 ? 195 ASP A C     1 
ATOM   1481 O O     . ASP A 1 194 ? -8.526  -14.967 0.757   1.00 15.16 ? 195 ASP A O     1 
ATOM   1482 C CB    . ASP A 1 194 ? -8.096  -16.027 -1.988  1.00 18.68 ? 195 ASP A CB    1 
ATOM   1483 C CG    . ASP A 1 194 ? -8.250  -17.215 -2.900  1.00 27.89 ? 195 ASP A CG    1 
ATOM   1484 O OD1   . ASP A 1 194 ? -8.687  -18.267 -2.435  1.00 35.06 ? 195 ASP A OD1   1 
ATOM   1485 O OD2   . ASP A 1 194 ? -7.946  -17.073 -4.078  1.00 30.12 ? 195 ASP A OD2   1 
ATOM   1486 N N     . VAL A 1 195 ? -9.117  -13.331 -0.688  1.00 15.58 ? 196 VAL A N     1 
ATOM   1487 C CA    . VAL A 1 195 ? -8.927  -12.184 0.202   1.00 13.21 ? 196 VAL A CA    1 
ATOM   1488 C C     . VAL A 1 195 ? -9.904  -12.316 1.386   1.00 15.39 ? 196 VAL A C     1 
ATOM   1489 O O     . VAL A 1 195 ? -9.499  -12.222 2.559   1.00 14.87 ? 196 VAL A O     1 
ATOM   1490 C CB    . VAL A 1 195 ? -9.197  -10.939 -0.636  1.00 13.86 ? 196 VAL A CB    1 
ATOM   1491 C CG1   . VAL A 1 195 ? -9.308  -9.663  0.160   1.00 12.92 ? 196 VAL A CG1   1 
ATOM   1492 C CG2   . VAL A 1 195 ? -8.024  -10.786 -1.530  1.00 13.59 ? 196 VAL A CG2   1 
ATOM   1493 N N     . GLN A 1 196 ? -11.189 -12.613 1.086   1.00 14.78 ? 197 GLN A N     1 
ATOM   1494 C CA    . GLN A 1 196 ? -12.224 -12.800 2.091   1.00 13.99 ? 197 GLN A CA    1 
ATOM   1495 C C     . GLN A 1 196 ? -11.901 -13.975 2.991   1.00 14.32 ? 197 GLN A C     1 
ATOM   1496 O O     . GLN A 1 196 ? -11.926 -13.863 4.210   1.00 15.05 ? 197 GLN A O     1 
ATOM   1497 C CB    . GLN A 1 196 ? -13.534 -13.065 1.454   1.00 11.22 ? 197 GLN A CB    1 
ATOM   1498 C CG    . GLN A 1 196 ? -14.211 -11.828 0.986   1.00 13.73 ? 197 GLN A CG    1 
ATOM   1499 C CD    . GLN A 1 196 ? -15.740 -11.931 0.817   1.00 22.76 ? 197 GLN A CD    1 
ATOM   1500 O OE1   . GLN A 1 196 ? -16.274 -12.447 -0.166  1.00 25.76 ? 197 GLN A OE1   1 
ATOM   1501 N NE2   . GLN A 1 196 ? -16.553 -11.399 1.726   1.00 21.85 ? 197 GLN A NE2   1 
ATOM   1502 N N     . ASP A 1 197 ? -11.515 -15.119 2.463   1.00 17.28 ? 198 ASP A N     1 
ATOM   1503 C CA    . ASP A 1 197 ? -11.159 -16.272 3.272   1.00 18.33 ? 198 ASP A CA    1 
ATOM   1504 C C     . ASP A 1 197 ? -9.983  -15.953 4.161   1.00 18.97 ? 198 ASP A C     1 
ATOM   1505 O O     . ASP A 1 197 ? -10.040 -16.277 5.340   1.00 20.06 ? 198 ASP A O     1 
ATOM   1506 C CB    . ASP A 1 197 ? -10.866 -17.443 2.314   1.00 28.16 ? 198 ASP A CB    1 
ATOM   1507 C CG    . ASP A 1 197 ? -10.900 -18.870 2.895   1.00 38.45 ? 198 ASP A CG    1 
ATOM   1508 O OD1   . ASP A 1 197 ? -11.953 -19.313 3.384   1.00 43.18 ? 198 ASP A OD1   1 
ATOM   1509 O OD2   . ASP A 1 197 ? -9.860  -19.546 2.855   1.00 46.50 ? 198 ASP A OD2   1 
ATOM   1510 N N     . ALA A 1 198 ? -8.931  -15.269 3.671   1.00 20.93 ? 199 ALA A N     1 
ATOM   1511 C CA    . ALA A 1 198 ? -7.782  -14.826 4.475   1.00 20.79 ? 199 ALA A CA    1 
ATOM   1512 C C     . ALA A 1 198 ? -8.211  -13.919 5.584   1.00 21.46 ? 199 ALA A C     1 
ATOM   1513 O O     . ALA A 1 198 ? -7.748  -14.114 6.707   1.00 22.77 ? 199 ALA A O     1 
ATOM   1514 C CB    . ALA A 1 198 ? -6.737  -13.979 3.732   1.00 21.43 ? 199 ALA A CB    1 
ATOM   1515 N N     . ILE A 1 199 ? -9.049  -12.910 5.352   1.00 21.49 ? 200 ILE A N     1 
ATOM   1516 C CA    . ILE A 1 199 ? -9.469  -12.080 6.473   1.00 21.18 ? 200 ILE A CA    1 
ATOM   1517 C C     . ILE A 1 199 ? -10.389 -12.823 7.449   1.00 21.08 ? 200 ILE A C     1 
ATOM   1518 O O     . ILE A 1 199 ? -10.225 -12.606 8.648   1.00 19.30 ? 200 ILE A O     1 
ATOM   1519 C CB    . ILE A 1 199 ? -10.103 -10.789 5.890   1.00 18.52 ? 200 ILE A CB    1 
ATOM   1520 C CG1   . ILE A 1 199 ? -8.953  -9.822  5.730   1.00 20.77 ? 200 ILE A CG1   1 
ATOM   1521 C CG2   . ILE A 1 199 ? -11.020 -10.041 6.819   1.00 14.66 ? 200 ILE A CG2   1 
ATOM   1522 C CD1   . ILE A 1 199 ? -8.704  -9.345  4.317   1.00 15.40 ? 200 ILE A CD1   1 
ATOM   1523 N N     . ARG A 1 200 ? -11.293 -13.756 7.035   1.00 22.41 ? 201 ARG A N     1 
ATOM   1524 C CA    . ARG A 1 200 ? -12.208 -14.472 7.954   1.00 20.37 ? 201 ARG A CA    1 
ATOM   1525 C C     . ARG A 1 200 ? -11.326 -15.279 8.840   1.00 20.62 ? 201 ARG A C     1 
ATOM   1526 O O     . ARG A 1 200 ? -11.434 -15.192 10.046  1.00 21.38 ? 201 ARG A O     1 
ATOM   1527 C CB    . ARG A 1 200 ? -13.215 -15.438 7.247   1.00 19.96 ? 201 ARG A CB    1 
ATOM   1528 C CG    . ARG A 1 200 ? -14.062 -14.527 6.414   1.00 18.13 ? 201 ARG A CG    1 
ATOM   1529 C CD    . ARG A 1 200 ? -15.448 -14.810 5.978   1.00 25.10 ? 201 ARG A CD    1 
ATOM   1530 N NE    . ARG A 1 200 ? -15.585 -15.592 4.801   1.00 21.41 ? 201 ARG A NE    1 
ATOM   1531 C CZ    . ARG A 1 200 ? -16.392 -15.314 3.786   1.00 17.60 ? 201 ARG A CZ    1 
ATOM   1532 N NH1   . ARG A 1 200 ? -17.207 -14.282 3.583   1.00 12.32 ? 201 ARG A NH1   1 
ATOM   1533 N NH2   . ARG A 1 200 ? -16.550 -16.338 2.979   1.00 18.25 ? 201 ARG A NH2   1 
ATOM   1534 N N     . ASP A 1 201 ? -10.328 -15.893 8.251   1.00 21.40 ? 202 ASP A N     1 
ATOM   1535 C CA    . ASP A 1 201 ? -9.396  -16.616 9.060   1.00 26.69 ? 202 ASP A CA    1 
ATOM   1536 C C     . ASP A 1 201 ? -8.474  -15.777 9.946   1.00 28.98 ? 202 ASP A C     1 
ATOM   1537 O O     . ASP A 1 201 ? -8.105  -16.245 11.022  1.00 29.13 ? 202 ASP A O     1 
ATOM   1538 C CB    . ASP A 1 201 ? -8.568  -17.482 8.145   1.00 28.77 ? 202 ASP A CB    1 
ATOM   1539 C CG    . ASP A 1 201 ? -9.312  -18.673 7.588   1.00 34.35 ? 202 ASP A CG    1 
ATOM   1540 O OD1   . ASP A 1 201 ? -10.195 -19.189 8.273   1.00 36.16 ? 202 ASP A OD1   1 
ATOM   1541 O OD2   . ASP A 1 201 ? -8.996  -19.085 6.470   1.00 42.66 ? 202 ASP A OD2   1 
ATOM   1542 N N     . SER A 1 202 ? -8.072  -14.561 9.561   1.00 30.89 ? 203 SER A N     1 
ATOM   1543 C CA    . SER A 1 202 ? -7.052  -13.871 10.302  1.00 34.04 ? 203 SER A CA    1 
ATOM   1544 C C     . SER A 1 202 ? -7.550  -12.882 11.349  1.00 38.13 ? 203 SER A C     1 
ATOM   1545 O O     . SER A 1 202 ? -6.757  -12.150 11.935  1.00 38.63 ? 203 SER A O     1 
ATOM   1546 C CB    . SER A 1 202 ? -6.140  -13.213 9.258   1.00 36.41 ? 203 SER A CB    1 
ATOM   1547 O OG    . SER A 1 202 ? -5.500  -14.044 8.270   1.00 33.69 ? 203 SER A OG    1 
ATOM   1548 N N     . LEU A 1 203 ? -8.845  -12.779 11.630  1.00 41.97 ? 204 LEU A N     1 
ATOM   1549 C CA    . LEU A 1 203 ? -9.350  -11.986 12.747  1.00 43.91 ? 204 LEU A CA    1 
ATOM   1550 C C     . LEU A 1 203 ? -9.760  -13.051 13.821  1.00 46.23 ? 204 LEU A C     1 
ATOM   1551 O O     . LEU A 1 203 ? -10.887 -13.084 14.327  1.00 48.36 ? 204 LEU A O     1 
ATOM   1552 C CB    . LEU A 1 203 ? -10.540 -11.156 12.220  1.00 42.26 ? 204 LEU A CB    1 
ATOM   1553 C CG    . LEU A 1 203 ? -10.503 -10.491 10.831  1.00 44.61 ? 204 LEU A CG    1 
ATOM   1554 C CD1   . LEU A 1 203 ? -11.953 -10.117 10.494  1.00 39.60 ? 204 LEU A CD1   1 
ATOM   1555 C CD2   . LEU A 1 203 ? -9.494  -9.329  10.769  1.00 40.33 ? 204 LEU A CD2   1 
ATOM   1556 O OXT   . LEU A 1 203 ? -8.956  -13.934 14.132  1.00 48.13 ? 204 LEU A OXT   1 
HETATM 1557 P PB    . ADP B 2 .   ? -2.315  -1.751  -7.593  1.00 11.56 ? 205 ADP A PB    1 
HETATM 1558 O O1B   . ADP B 2 .   ? -3.078  -0.895  -6.721  1.00 14.86 ? 205 ADP A O1B   1 
HETATM 1559 O O2B   . ADP B 2 .   ? -1.702  -2.913  -7.023  1.00 7.58  ? 205 ADP A O2B   1 
HETATM 1560 O O3B   . ADP B 2 .   ? -1.284  -1.075  -8.441  1.00 8.97  ? 205 ADP A O3B   1 
HETATM 1561 P PA    . ADP B 2 .   ? -4.768  -1.948  -9.289  1.00 13.06 ? 205 ADP A PA    1 
HETATM 1562 O O1A   . ADP B 2 .   ? -4.969  -0.613  -9.837  1.00 10.78 ? 205 ADP A O1A   1 
HETATM 1563 O O2A   . ADP B 2 .   ? -5.789  -2.381  -8.367  1.00 8.18  ? 205 ADP A O2A   1 
HETATM 1564 O O3A   . ADP B 2 .   ? -3.386  -2.199  -8.623  1.00 13.17 ? 205 ADP A O3A   1 
HETATM 1565 O "O5'" . ADP B 2 .   ? -4.871  -2.951  -10.504 1.00 17.03 ? 205 ADP A "O5'" 1 
HETATM 1566 C "C5'" . ADP B 2 .   ? -4.063  -2.772  -11.687 1.00 14.44 ? 205 ADP A "C5'" 1 
HETATM 1567 C "C4'" . ADP B 2 .   ? -4.885  -2.694  -12.993 1.00 18.21 ? 205 ADP A "C4'" 1 
HETATM 1568 O "O4'" . ADP B 2 .   ? -5.407  -3.978  -13.435 1.00 15.53 ? 205 ADP A "O4'" 1 
HETATM 1569 C "C3'" . ADP B 2 .   ? -6.144  -1.770  -12.864 1.00 17.93 ? 205 ADP A "C3'" 1 
HETATM 1570 O "O3'" . ADP B 2 .   ? -6.526  -1.275  -14.160 1.00 23.92 ? 205 ADP A "O3'" 1 
HETATM 1571 C "C2'" . ADP B 2 .   ? -7.232  -2.750  -12.329 1.00 17.51 ? 205 ADP A "C2'" 1 
HETATM 1572 O "O2'" . ADP B 2 .   ? -8.481  -2.541  -12.991 1.00 10.96 ? 205 ADP A "O2'" 1 
HETATM 1573 C "C1'" . ADP B 2 .   ? -6.609  -4.081  -12.702 1.00 16.20 ? 205 ADP A "C1'" 1 
HETATM 1574 N N9    . ADP B 2 .   ? -7.008  -5.303  -12.119 1.00 16.32 ? 205 ADP A N9    1 
HETATM 1575 C C8    . ADP B 2 .   ? -7.002  -5.513  -10.783 1.00 17.25 ? 205 ADP A C8    1 
HETATM 1576 N N7    . ADP B 2 .   ? -7.195  -6.764  -10.498 1.00 21.22 ? 205 ADP A N7    1 
HETATM 1577 C C5    . ADP B 2 .   ? -7.343  -7.451  -11.688 1.00 19.90 ? 205 ADP A C5    1 
HETATM 1578 C C6    . ADP B 2 .   ? -7.545  -8.823  -11.994 1.00 18.02 ? 205 ADP A C6    1 
HETATM 1579 N N6    . ADP B 2 .   ? -7.633  -9.800  -11.088 1.00 9.74  ? 205 ADP A N6    1 
HETATM 1580 N N1    . ADP B 2 .   ? -7.629  -9.095  -13.284 1.00 13.70 ? 205 ADP A N1    1 
HETATM 1581 C C2    . ADP B 2 .   ? -7.516  -8.085  -14.167 1.00 18.89 ? 205 ADP A C2    1 
HETATM 1582 N N3    . ADP B 2 .   ? -7.325  -6.782  -14.047 1.00 18.61 ? 205 ADP A N3    1 
HETATM 1583 C C4    . ADP B 2 .   ? -7.238  -6.492  -12.734 1.00 17.59 ? 205 ADP A C4    1 
HETATM 1584 P PB    . ADP C 2 .   ? 1.230   1.269   -7.517  1.00 25.01 ? 206 ADP A PB    1 
HETATM 1585 O O1B   . ADP C 2 .   ? 2.427   1.188   -8.318  1.00 33.31 ? 206 ADP A O1B   1 
HETATM 1586 O O2B   . ADP C 2 .   ? 1.077   0.316   -6.449  1.00 30.10 ? 206 ADP A O2B   1 
HETATM 1587 O O3B   . ADP C 2 .   ? 0.071   1.252   -8.475  1.00 22.55 ? 206 ADP A O3B   1 
HETATM 1588 P PA    . ADP C 2 .   ? 1.039   3.752   -5.981  1.00 11.73 ? 206 ADP A PA    1 
HETATM 1589 O O1A   . ADP C 2 .   ? 0.083   4.667   -6.563  1.00 10.15 ? 206 ADP A O1A   1 
HETATM 1590 O O2A   . ADP C 2 .   ? 0.793   3.217   -4.684  1.00 19.74 ? 206 ADP A O2A   1 
HETATM 1591 O O3A   . ADP C 2 .   ? 1.337   2.693   -7.004  1.00 24.22 ? 206 ADP A O3A   1 
HETATM 1592 O "O5'" . ADP C 2 .   ? 2.411   4.559   -5.757  1.00 15.71 ? 206 ADP A "O5'" 1 
HETATM 1593 C "C5'" . ADP C 2 .   ? 2.938   5.344   -6.832  1.00 15.38 ? 206 ADP A "C5'" 1 
HETATM 1594 C "C4'" . ADP C 2 .   ? 4.306   5.951   -6.485  1.00 13.13 ? 206 ADP A "C4'" 1 
HETATM 1595 O "O4'" . ADP C 2 .   ? 4.277   6.786   -5.309  1.00 15.10 ? 206 ADP A "O4'" 1 
HETATM 1596 C "C3'" . ADP C 2 .   ? 5.341   4.857   -6.151  1.00 15.81 ? 206 ADP A "C3'" 1 
HETATM 1597 O "O3'" . ADP C 2 .   ? 5.920   4.355   -7.342  1.00 10.74 ? 206 ADP A "O3'" 1 
HETATM 1598 C "C2'" . ADP C 2 .   ? 6.367   5.589   -5.320  1.00 12.69 ? 206 ADP A "C2'" 1 
HETATM 1599 O "O2'" . ADP C 2 .   ? 6.990   6.513   -6.170  1.00 9.86  ? 206 ADP A "O2'" 1 
HETATM 1600 C "C1'" . ADP C 2 .   ? 5.233   6.164   -4.510  1.00 9.20  ? 206 ADP A "C1'" 1 
HETATM 1601 N N9    . ADP C 2 .   ? 4.931   5.699   -3.201  1.00 13.00 ? 206 ADP A N9    1 
HETATM 1602 C C8    . ADP C 2 .   ? 3.854   4.868   -2.979  1.00 7.53  ? 206 ADP A C8    1 
HETATM 1603 N N7    . ADP C 2 .   ? 3.901   4.349   -1.782  1.00 12.72 ? 206 ADP A N7    1 
HETATM 1604 C C5    . ADP C 2 .   ? 5.030   4.816   -1.141  1.00 8.80  ? 206 ADP A C5    1 
HETATM 1605 C C6    . ADP C 2 .   ? 5.543   4.543   0.111   1.00 10.20 ? 206 ADP A C6    1 
HETATM 1606 N N6    . ADP C 2 .   ? 4.956   3.656   0.935   1.00 13.38 ? 206 ADP A N6    1 
HETATM 1607 N N1    . ADP C 2 .   ? 6.678   5.199   0.413   1.00 12.24 ? 206 ADP A N1    1 
HETATM 1608 C C2    . ADP C 2 .   ? 7.214   6.039   -0.483  1.00 10.29 ? 206 ADP A C2    1 
HETATM 1609 N N3    . ADP C 2 .   ? 6.852   6.390   -1.713  1.00 8.62  ? 206 ADP A N3    1 
HETATM 1610 C C4    . ADP C 2 .   ? 5.701   5.724   -2.031  1.00 13.37 ? 206 ADP A C4    1 
HETATM 1611 O O     . HOH D 3 .   ? 3.440   -8.597  -5.950  1.00 13.30 ? 301 HOH A O     1 
HETATM 1612 O O     . HOH D 3 .   ? -11.464 -9.798  -14.003 1.00 20.23 ? 302 HOH A O     1 
HETATM 1613 O O     . HOH D 3 .   ? 5.701   5.749   -9.618  1.00 9.11  ? 303 HOH A O     1 
HETATM 1614 O O     . HOH D 3 .   ? 6.774   -3.824  0.495   1.00 11.66 ? 304 HOH A O     1 
HETATM 1615 O O     . HOH D 3 .   ? -15.731 0.740   5.538   1.00 18.70 ? 305 HOH A O     1 
HETATM 1616 O O     . HOH D 3 .   ? -5.076  -8.962  -7.186  1.00 14.89 ? 306 HOH A O     1 
HETATM 1617 O O     . HOH D 3 .   ? -2.103  13.796  1.920   1.00 18.15 ? 307 HOH A O     1 
HETATM 1618 O O     . HOH D 3 .   ? -9.709  -1.267  -10.674 1.00 20.08 ? 308 HOH A O     1 
HETATM 1619 O O     . HOH D 3 .   ? -7.392  -8.536  -8.344  1.00 14.98 ? 309 HOH A O     1 
HETATM 1620 O O     . HOH D 3 .   ? -12.243 3.400   3.074   1.00 20.39 ? 310 HOH A O     1 
HETATM 1621 O O     . HOH D 3 .   ? -2.151  16.404  1.623   1.00 22.90 ? 311 HOH A O     1 
HETATM 1622 O O     . HOH D 3 .   ? -12.622 -2.341  -7.137  1.00 24.45 ? 312 HOH A O     1 
HETATM 1623 O O     . HOH D 3 .   ? 4.787   1.802   -8.035  1.00 19.11 ? 313 HOH A O     1 
HETATM 1624 O O     . HOH D 3 .   ? -4.796  9.841   -6.409  1.00 25.15 ? 314 HOH A O     1 
HETATM 1625 O O     . HOH D 3 .   ? 10.985  5.359   3.291   1.00 18.71 ? 315 HOH A O     1 
HETATM 1626 O O     . HOH D 3 .   ? -2.833  -2.992  14.436  1.00 18.88 ? 316 HOH A O     1 
HETATM 1627 O O     . HOH D 3 .   ? 5.227   12.165  -11.445 1.00 27.31 ? 317 HOH A O     1 
HETATM 1628 O O     . HOH D 3 .   ? -14.224 -18.024 3.129   1.00 22.53 ? 318 HOH A O     1 
HETATM 1629 O O     . HOH D 3 .   ? -6.317  7.005   0.693   1.00 32.97 ? 319 HOH A O     1 
HETATM 1630 O O     . HOH D 3 .   ? 14.039  -1.950  2.197   1.00 22.69 ? 320 HOH A O     1 
HETATM 1631 O O     . HOH D 3 .   ? 8.893   -3.672  12.834  1.00 22.68 ? 321 HOH A O     1 
HETATM 1632 O O     . HOH D 3 .   ? -2.792  -13.714 9.951   1.00 28.97 ? 322 HOH A O     1 
HETATM 1633 O O     . HOH D 3 .   ? 5.224   -10.680 -6.639  1.00 28.26 ? 323 HOH A O     1 
HETATM 1634 O O     . HOH D 3 .   ? -1.908  15.556  5.827   1.00 33.02 ? 324 HOH A O     1 
HETATM 1635 O O     . HOH D 3 .   ? 4.942   -4.268  -1.345  1.00 29.18 ? 325 HOH A O     1 
HETATM 1636 O O     . HOH D 3 .   ? -8.061  -11.688 -14.914 1.00 30.26 ? 326 HOH A O     1 
HETATM 1637 O O     . HOH D 3 .   ? 3.632   18.766  4.052   1.00 37.73 ? 327 HOH A O     1 
HETATM 1638 O O     . HOH D 3 .   ? -2.473  13.167  4.897   1.00 28.73 ? 328 HOH A O     1 
HETATM 1639 O O     . HOH D 3 .   ? -4.972  13.639  1.352   1.00 38.12 ? 329 HOH A O     1 
HETATM 1640 O O     . HOH D 3 .   ? -4.006  -17.459 -3.312  1.00 31.92 ? 330 HOH A O     1 
HETATM 1641 O O     . HOH D 3 .   ? 2.483   13.662  -12.040 1.00 29.19 ? 331 HOH A O     1 
HETATM 1642 O O     . HOH D 3 .   ? -3.460  4.997   -15.320 1.00 21.54 ? 332 HOH A O     1 
HETATM 1643 O O     . HOH D 3 .   ? -5.236  11.525  -4.192  1.00 25.19 ? 333 HOH A O     1 
HETATM 1644 O O     . HOH D 3 .   ? -17.538 -4.723  -5.082  1.00 33.43 ? 334 HOH A O     1 
HETATM 1645 O O     . HOH D 3 .   ? 8.412   -4.432  15.454  1.00 38.41 ? 335 HOH A O     1 
HETATM 1646 O O     . HOH D 3 .   ? 13.512  7.413   3.422   1.00 22.28 ? 336 HOH A O     1 
HETATM 1647 O O     . HOH D 3 .   ? 1.978   21.970  -4.965  1.00 29.54 ? 337 HOH A O     1 
HETATM 1648 O O     . HOH D 3 .   ? 6.566   16.257  6.723   1.00 36.49 ? 338 HOH A O     1 
HETATM 1649 O O     . HOH D 3 .   ? -5.950  -3.039  -16.343 1.00 27.48 ? 339 HOH A O     1 
HETATM 1650 O O     . HOH D 3 .   ? 7.396   -0.129  -6.927  1.00 32.83 ? 340 HOH A O     1 
HETATM 1651 O O     . HOH D 3 .   ? -1.568  15.475  -7.848  1.00 29.65 ? 341 HOH A O     1 
HETATM 1652 O O     . HOH D 3 .   ? -14.843 -1.595  -5.650  1.00 33.87 ? 342 HOH A O     1 
HETATM 1653 O O     . HOH D 3 .   ? -16.411 2.410   8.457   1.00 49.89 ? 343 HOH A O     1 
HETATM 1654 O O     . HOH D 3 .   ? -4.165  -14.051 -15.059 1.00 41.39 ? 344 HOH A O     1 
HETATM 1655 O O     . HOH D 3 .   ? 14.591  2.158   -10.137 1.00 30.30 ? 345 HOH A O     1 
HETATM 1656 O O     . HOH D 3 .   ? -10.118 -16.801 -12.372 1.00 24.08 ? 346 HOH A O     1 
HETATM 1657 O O     . HOH D 3 .   ? -15.735 0.656   -2.584  1.00 37.29 ? 347 HOH A O     1 
HETATM 1658 O O     . HOH D 3 .   ? -3.620  25.044  0.319   1.00 44.71 ? 348 HOH A O     1 
HETATM 1659 O O     . HOH D 3 .   ? 7.228   -0.921  -4.333  1.00 32.41 ? 349 HOH A O     1 
HETATM 1660 O O     . HOH D 3 .   ? 13.285  2.504   -20.587 1.00 35.03 ? 350 HOH A O     1 
HETATM 1661 O O     . HOH D 3 .   ? -2.299  0.964   -4.972  1.00 26.82 ? 351 HOH A O     1 
HETATM 1662 O O     . HOH D 3 .   ? 9.536   20.130  -3.867  1.00 27.97 ? 352 HOH A O     1 
HETATM 1663 O O     . HOH D 3 .   ? 7.517   22.331  -4.978  1.00 41.62 ? 353 HOH A O     1 
HETATM 1664 O O     . HOH D 3 .   ? 1.047   8.130   -9.555  1.00 29.53 ? 354 HOH A O     1 
HETATM 1665 O O     . HOH D 3 .   ? 4.785   21.256  2.643   1.00 41.49 ? 355 HOH A O     1 
HETATM 1666 O O     . HOH D 3 .   ? 15.884  1.387   4.837   1.00 41.07 ? 356 HOH A O     1 
HETATM 1667 O O     . HOH D 3 .   ? 13.975  4.180   -4.758  1.00 44.54 ? 357 HOH A O     1 
HETATM 1668 O O     . HOH D 3 .   ? 1.146   -17.544 -3.020  1.00 38.26 ? 358 HOH A O     1 
HETATM 1669 O O     . HOH D 3 .   ? -2.674  3.801   -6.005  1.00 43.81 ? 359 HOH A O     1 
HETATM 1670 O O     . HOH D 3 .   ? -5.873  12.456  3.625   1.00 42.75 ? 360 HOH A O     1 
HETATM 1671 O O     . HOH D 3 .   ? -7.436  1.275   -13.372 1.00 36.20 ? 361 HOH A O     1 
HETATM 1672 O O     . HOH D 3 .   ? 17.280  -3.685  0.245   1.00 53.69 ? 362 HOH A O     1 
HETATM 1673 O O     . HOH D 3 .   ? 9.621   -1.547  14.683  1.00 31.73 ? 363 HOH A O     1 
HETATM 1674 O O     . HOH D 3 .   ? -18.845 -1.936  5.160   1.00 29.61 ? 364 HOH A O     1 
HETATM 1675 O O     . HOH D 3 .   ? -11.478 -16.307 12.554  1.00 41.06 ? 365 HOH A O     1 
HETATM 1676 O O     . HOH D 3 .   ? 3.721   -15.543 7.281   1.00 29.75 ? 366 HOH A O     1 
HETATM 1677 O O     . HOH D 3 .   ? 0.264   -17.283 2.862   1.00 47.72 ? 367 HOH A O     1 
HETATM 1678 O O     . HOH D 3 .   ? 3.256   -18.188 -11.969 1.00 40.29 ? 368 HOH A O     1 
HETATM 1679 O O     . HOH D 3 .   ? -14.138 -17.065 0.482   1.00 44.12 ? 369 HOH A O     1 
HETATM 1680 O O     . HOH D 3 .   ? 17.464  -6.691  -2.375  1.00 41.89 ? 370 HOH A O     1 
HETATM 1681 O O     . HOH D 3 .   ? -15.113 -1.528  13.308  1.00 45.68 ? 371 HOH A O     1 
HETATM 1682 O O     . HOH D 3 .   ? -4.649  4.239   -9.232  1.00 50.96 ? 372 HOH A O     1 
HETATM 1683 O O     . HOH D 3 .   ? 1.098   2.995   -21.457 1.00 51.80 ? 373 HOH A O     1 
HETATM 1684 O O     . HOH D 3 .   ? 10.737  7.774   -15.959 1.00 29.62 ? 374 HOH A O     1 
HETATM 1685 O O     . HOH D 3 .   ? -0.468  3.091   -2.587  1.00 24.22 ? 375 HOH A O     1 
HETATM 1686 O O     . HOH D 3 .   ? 1.613   -1.099  19.103  1.00 44.30 ? 376 HOH A O     1 
HETATM 1687 O O     . HOH D 3 .   ? -4.491  1.491   -7.439  1.00 41.96 ? 377 HOH A O     1 
HETATM 1688 O O     . HOH D 3 .   ? -17.454 -5.663  -2.432  1.00 40.66 ? 378 HOH A O     1 
HETATM 1689 O O     . HOH D 3 .   ? -13.569 10.432  18.827  1.00 40.02 ? 379 HOH A O     1 
HETATM 1690 O O     . HOH D 3 .   ? -8.062  -21.282 -4.218  1.00 46.78 ? 380 HOH A O     1 
HETATM 1691 O O     . HOH D 3 .   ? -14.696 -10.647 -12.279 1.00 44.05 ? 381 HOH A O     1 
HETATM 1692 O O     . HOH D 3 .   ? -15.065 3.087   4.239   1.00 53.08 ? 382 HOH A O     1 
HETATM 1693 O O     . HOH D 3 .   ? -6.268  -17.031 0.629   1.00 39.70 ? 383 HOH A O     1 
HETATM 1694 O O     . HOH D 3 .   ? 16.949  1.016   -1.441  1.00 54.97 ? 384 HOH A O     1 
HETATM 1695 O O     . HOH D 3 .   ? 15.088  5.593   -10.320 1.00 49.15 ? 385 HOH A O     1 
HETATM 1696 O O     . HOH D 3 .   ? 13.665  6.947   0.501   1.00 33.58 ? 386 HOH A O     1 
HETATM 1697 O O     . HOH D 3 .   ? 12.519  -14.700 4.592   1.00 43.54 ? 387 HOH A O     1 
HETATM 1698 O O     . HOH D 3 .   ? 1.532   -16.917 -8.911  1.00 50.28 ? 388 HOH A O     1 
HETATM 1699 O O     . HOH D 3 .   ? 8.060   2.685   -6.595  1.00 37.45 ? 389 HOH A O     1 
HETATM 1700 O O     . HOH D 3 .   ? 1.210   -10.464 -20.036 1.00 44.81 ? 390 HOH A O     1 
HETATM 1701 O O     . HOH D 3 .   ? 14.522  4.542   -2.117  1.00 45.05 ? 391 HOH A O     1 
HETATM 1702 O O     . HOH D 3 .   ? 13.383  2.731   -17.521 1.00 35.13 ? 392 HOH A O     1 
HETATM 1703 O O     . HOH D 3 .   ? 0.838   -10.522 15.365  1.00 53.42 ? 393 HOH A O     1 
HETATM 1704 O O     . HOH D 3 .   ? 7.040   -10.964 -9.042  1.00 38.86 ? 394 HOH A O     1 
HETATM 1705 O O     . HOH D 3 .   ? 4.541   12.640  11.951  1.00 48.96 ? 395 HOH A O     1 
HETATM 1706 O O     . HOH D 3 .   ? 13.341  16.267  -6.915  1.00 38.49 ? 396 HOH A O     1 
HETATM 1707 O O     . HOH D 3 .   ? 0.420   10.263  -11.008 1.00 38.19 ? 397 HOH A O     1 
HETATM 1708 O O     . HOH D 3 .   ? -12.583 1.449   10.797  1.00 40.72 ? 398 HOH A O     1 
HETATM 1709 O O     . HOH D 3 .   ? 3.164   -16.428 3.695   1.00 43.15 ? 399 HOH A O     1 
HETATM 1710 O O     . HOH D 3 .   ? 15.773  -5.444  -10.307 1.00 50.91 ? 400 HOH A O     1 
HETATM 1711 O O     . HOH D 3 .   ? -5.095  4.642   -12.947 1.00 40.84 ? 401 HOH A O     1 
# 
